data_5D68
#
_entry.id   5D68
#
_cell.length_a   125.734
_cell.length_b   80.242
_cell.length_c   213.145
_cell.angle_alpha   90.00
_cell.angle_beta   91.69
_cell.angle_gamma   90.00
#
_symmetry.space_group_name_H-M   'C 1 2 1'
#
loop_
_entity.id
_entity.type
_entity.pdbx_description
1 polymer 'Krev interaction trapped protein 1'
2 water water
#
_entity_poly.entity_id   1
_entity_poly.type   'polypeptide(L)'
_entity_poly.pdbx_seq_one_letter_code
;GSDILQGTDYSKIQIPKQEKWQRSMSSVTEDKERQWVDDFPLHRSACEGDSELLSRLLSERFSVNQLDSDHWAPIHYACW
YGKVEATRILLEKGKCNPNLLNGQLSSPLHFAAGGGHAEIVQILLNHPETDRHITDQQGRSPLNICEENKQNNWEEAAKL
LKEAINKPYEKVRIYRMDGSYRSVELKHGNNTTVQQIMEGMRLSQETQQYFTIWICSENLSLQLKPYHKPLQHVRDWPEI
LAELTNLDPQRETPQLFLRRDVRLPLEVEKQIEDPLAILILFDEARYNLLKGFYTAPDAKLITLASLLLQIVYGNYESKK
HKQGFLNEENLKSIVPVTKLKSKAPHWTNRILHEYKNLSTSEGVSKEMHHLQRMFLQNCWEIPTYGAAFFTGQIFTKASP
SNHKVIPVYVGVNIKGLHLLNMETKALLISLKYGCFMWQLGDTDTCFQIHSMENKMSFIVHTKQAGLVVKLLMKLNGQLM
PTERNS
;
_entity_poly.pdbx_strand_id   A,B,C
#
# COMPACT_ATOMS: atom_id res chain seq x y z
N ASP A 38 -20.84 -8.60 68.96
CA ASP A 38 -20.12 -9.80 68.53
C ASP A 38 -20.12 -10.84 69.65
N ASP A 39 -20.76 -11.97 69.39
CA ASP A 39 -20.84 -13.06 70.37
C ASP A 39 -19.64 -14.00 70.23
N PHE A 40 -18.88 -13.80 69.16
CA PHE A 40 -17.77 -14.68 68.78
C PHE A 40 -18.21 -16.13 68.64
N PRO A 41 -19.18 -16.40 67.75
CA PRO A 41 -19.73 -17.75 67.70
C PRO A 41 -18.76 -18.78 67.15
N LEU A 42 -17.83 -18.37 66.29
CA LEU A 42 -16.85 -19.30 65.75
C LEU A 42 -15.93 -19.77 66.85
N HIS A 43 -15.57 -18.85 67.75
CA HIS A 43 -14.73 -19.20 68.89
C HIS A 43 -15.45 -20.17 69.82
N ARG A 44 -16.71 -19.85 70.15
CA ARG A 44 -17.48 -20.67 71.07
C ARG A 44 -17.67 -22.08 70.53
N SER A 45 -17.94 -22.19 69.24
CA SER A 45 -18.14 -23.48 68.60
C SER A 45 -16.92 -24.37 68.72
N ALA A 46 -15.75 -23.75 68.82
CA ALA A 46 -14.50 -24.47 68.87
C ALA A 46 -14.25 -25.14 70.22
N CYS A 47 -14.46 -24.41 71.31
CA CYS A 47 -14.23 -24.97 72.64
C CYS A 47 -15.41 -25.83 73.08
N GLU A 48 -16.56 -25.63 72.44
CA GLU A 48 -17.71 -26.47 72.71
C GLU A 48 -17.66 -27.75 71.88
N GLY A 49 -16.78 -27.76 70.89
CA GLY A 49 -16.56 -28.93 70.06
C GLY A 49 -17.70 -29.28 69.14
N ASP A 50 -18.47 -28.28 68.72
CA ASP A 50 -19.56 -28.50 67.78
C ASP A 50 -19.01 -28.42 66.35
N SER A 51 -18.69 -29.58 65.78
CA SER A 51 -18.08 -29.64 64.46
C SER A 51 -18.95 -29.02 63.39
N GLU A 52 -20.20 -29.47 63.32
CA GLU A 52 -21.15 -28.99 62.33
C GLU A 52 -21.37 -27.48 62.44
N LEU A 53 -21.45 -26.99 63.68
CA LEU A 53 -21.58 -25.55 63.90
C LEU A 53 -20.32 -24.83 63.44
N LEU A 54 -19.17 -25.34 63.85
CA LEU A 54 -17.88 -24.74 63.50
C LEU A 54 -17.71 -24.67 61.99
N SER A 55 -18.04 -25.77 61.32
CA SER A 55 -17.90 -25.87 59.87
C SER A 55 -18.80 -24.88 59.14
N ARG A 56 -20.05 -24.79 59.58
CA ARG A 56 -21.02 -23.90 58.96
C ARG A 56 -20.62 -22.45 59.12
N LEU A 57 -20.09 -22.12 60.29
CA LEU A 57 -19.67 -20.76 60.57
C LEU A 57 -18.51 -20.35 59.67
N LEU A 58 -17.67 -21.31 59.30
CA LEU A 58 -16.58 -21.06 58.36
C LEU A 58 -17.10 -20.68 56.99
N SER A 59 -18.12 -21.40 56.54
CA SER A 59 -18.75 -21.12 55.26
C SER A 59 -19.51 -19.80 55.29
N GLU A 60 -19.97 -19.41 56.47
CA GLU A 60 -20.70 -18.15 56.62
C GLU A 60 -19.74 -16.98 56.81
N ARG A 61 -18.46 -17.22 56.53
CA ARG A 61 -17.44 -16.18 56.34
C ARG A 61 -16.83 -15.63 57.63
N PHE A 62 -16.83 -16.44 58.68
CA PHE A 62 -16.18 -16.05 59.93
C PHE A 62 -14.68 -16.30 59.89
N SER A 63 -13.90 -15.34 60.37
CA SER A 63 -12.44 -15.39 60.28
C SER A 63 -11.79 -16.29 61.31
N VAL A 64 -10.81 -17.09 60.87
CA VAL A 64 -10.11 -18.00 61.76
C VAL A 64 -8.99 -17.32 62.54
N ASN A 65 -8.64 -16.09 62.19
CA ASN A 65 -7.58 -15.42 62.93
C ASN A 65 -8.08 -14.20 63.69
N GLN A 66 -9.39 -14.10 63.84
CA GLN A 66 -9.95 -13.04 64.68
C GLN A 66 -9.66 -13.34 66.15
N LEU A 67 -9.15 -12.34 66.86
CA LEU A 67 -8.94 -12.47 68.30
C LEU A 67 -10.14 -11.86 69.02
N ASP A 68 -10.67 -12.59 70.00
CA ASP A 68 -11.80 -12.07 70.77
C ASP A 68 -11.28 -11.18 71.90
N SER A 69 -12.13 -10.91 72.88
CA SER A 69 -11.76 -10.01 73.98
C SER A 69 -10.76 -10.67 74.92
N ASP A 70 -10.56 -11.97 74.78
CA ASP A 70 -9.53 -12.68 75.53
C ASP A 70 -8.25 -12.79 74.72
N HIS A 71 -8.25 -12.14 73.56
CA HIS A 71 -7.12 -12.16 72.63
C HIS A 71 -6.79 -13.57 72.16
N TRP A 72 -7.83 -14.39 72.02
CA TRP A 72 -7.68 -15.78 71.56
C TRP A 72 -8.35 -15.98 70.20
N ALA A 73 -7.68 -16.70 69.32
CA ALA A 73 -8.29 -17.14 68.08
C ALA A 73 -9.00 -18.48 68.34
N PRO A 74 -9.96 -18.86 67.47
CA PRO A 74 -10.70 -20.10 67.71
C PRO A 74 -9.82 -21.35 67.84
N ILE A 75 -8.70 -21.39 67.14
CA ILE A 75 -7.82 -22.56 67.19
C ILE A 75 -7.22 -22.71 68.57
N HIS A 76 -7.12 -21.60 69.30
CA HIS A 76 -6.57 -21.61 70.65
C HIS A 76 -7.52 -22.28 71.64
N TYR A 77 -8.80 -21.94 71.54
CA TYR A 77 -9.81 -22.59 72.35
C TYR A 77 -9.83 -24.07 72.08
N ALA A 78 -9.82 -24.43 70.80
CA ALA A 78 -9.91 -25.82 70.41
C ALA A 78 -8.72 -26.63 70.91
N CYS A 79 -7.52 -26.05 70.84
CA CYS A 79 -6.32 -26.75 71.29
C CYS A 79 -6.15 -26.78 72.81
N TRP A 80 -6.57 -25.72 73.51
CA TRP A 80 -6.49 -25.70 74.96
C TRP A 80 -7.39 -26.74 75.59
N TYR A 81 -8.62 -26.81 75.09
CA TYR A 81 -9.64 -27.64 75.67
C TYR A 81 -9.75 -29.00 75.00
N GLY A 82 -8.75 -29.34 74.20
CA GLY A 82 -8.60 -30.67 73.64
C GLY A 82 -9.70 -31.13 72.69
N LYS A 83 -10.27 -30.19 71.95
CA LYS A 83 -11.29 -30.54 70.97
C LYS A 83 -10.63 -30.95 69.67
N VAL A 84 -10.49 -32.26 69.48
CA VAL A 84 -9.74 -32.82 68.36
C VAL A 84 -10.34 -32.43 67.01
N GLU A 85 -11.63 -32.72 66.83
CA GLU A 85 -12.27 -32.50 65.55
C GLU A 85 -12.40 -31.01 65.24
N ALA A 86 -12.51 -30.18 66.27
CA ALA A 86 -12.57 -28.74 66.06
C ALA A 86 -11.26 -28.21 65.52
N THR A 87 -10.14 -28.72 66.03
CA THR A 87 -8.84 -28.28 65.54
C THR A 87 -8.60 -28.75 64.11
N ARG A 88 -9.05 -29.96 63.79
CA ARG A 88 -8.84 -30.53 62.48
C ARG A 88 -9.55 -29.72 61.40
N ILE A 89 -10.79 -29.31 61.67
CA ILE A 89 -11.57 -28.57 60.70
C ILE A 89 -11.00 -27.17 60.49
N LEU A 90 -10.56 -26.54 61.56
CA LEU A 90 -9.96 -25.21 61.47
C LEU A 90 -8.68 -25.21 60.65
N LEU A 91 -7.88 -26.26 60.78
CA LEU A 91 -6.63 -26.37 60.04
C LEU A 91 -6.86 -26.74 58.57
N GLU A 92 -7.85 -27.58 58.33
CA GLU A 92 -8.12 -28.06 56.98
C GLU A 92 -9.08 -27.14 56.25
N LYS A 93 -10.36 -27.19 56.59
CA LYS A 93 -11.35 -26.35 55.91
C LYS A 93 -11.07 -24.87 56.11
N GLY A 94 -10.77 -24.48 57.34
CA GLY A 94 -10.48 -23.10 57.66
C GLY A 94 -9.12 -22.66 57.15
N LYS A 95 -8.26 -23.63 56.82
CA LYS A 95 -6.90 -23.36 56.35
C LYS A 95 -6.16 -22.42 57.29
N CYS A 96 -6.32 -22.66 58.59
CA CYS A 96 -5.73 -21.82 59.62
C CYS A 96 -4.22 -21.97 59.71
N ASN A 97 -3.53 -20.88 60.05
CA ASN A 97 -2.11 -20.92 60.35
C ASN A 97 -1.88 -21.81 61.58
N PRO A 98 -1.18 -22.93 61.39
CA PRO A 98 -0.97 -23.83 62.53
C PRO A 98 -0.07 -23.22 63.59
N ASN A 99 0.66 -22.17 63.22
CA ASN A 99 1.56 -21.50 64.15
C ASN A 99 1.01 -20.19 64.65
N LEU A 100 -0.29 -19.99 64.45
CA LEU A 100 -0.93 -18.72 64.76
C LEU A 100 -0.79 -18.34 66.23
N LEU A 101 -0.19 -17.19 66.49
CA LEU A 101 0.12 -16.80 67.84
C LEU A 101 -1.07 -16.27 68.60
N ASN A 102 -1.03 -16.49 69.91
CA ASN A 102 -1.95 -15.94 70.88
C ASN A 102 -1.79 -14.42 70.98
N GLY A 103 -2.66 -13.77 71.74
CA GLY A 103 -2.41 -12.39 72.11
C GLY A 103 -1.19 -12.35 73.03
N GLN A 104 -1.02 -13.40 73.82
CA GLN A 104 0.12 -13.52 74.71
C GLN A 104 1.25 -14.31 74.07
N LEU A 105 1.19 -14.41 72.74
CA LEU A 105 2.25 -14.98 71.91
C LEU A 105 2.50 -16.47 72.12
N SER A 106 1.45 -17.23 72.42
CA SER A 106 1.56 -18.67 72.51
C SER A 106 0.92 -19.32 71.28
N SER A 107 1.33 -20.55 70.97
CA SER A 107 0.90 -21.20 69.75
C SER A 107 -0.07 -22.34 70.04
N PRO A 108 -0.82 -22.78 69.01
CA PRO A 108 -1.67 -23.96 69.19
C PRO A 108 -0.88 -25.17 69.67
N LEU A 109 0.37 -25.31 69.23
CA LEU A 109 1.19 -26.43 69.65
C LEU A 109 1.51 -26.38 71.15
N HIS A 110 1.68 -25.18 71.69
CA HIS A 110 1.89 -25.03 73.13
C HIS A 110 0.66 -25.49 73.90
N PHE A 111 -0.51 -25.04 73.46
CA PHE A 111 -1.75 -25.39 74.14
C PHE A 111 -2.04 -26.87 73.98
N ALA A 112 -1.76 -27.42 72.81
CA ALA A 112 -1.99 -28.83 72.57
C ALA A 112 -1.10 -29.68 73.47
N ALA A 113 0.19 -29.37 73.48
CA ALA A 113 1.15 -30.12 74.26
C ALA A 113 0.97 -29.87 75.75
N GLY A 114 0.69 -28.61 76.10
CA GLY A 114 0.51 -28.23 77.49
C GLY A 114 -0.63 -28.96 78.16
N GLY A 115 -1.68 -29.24 77.40
CA GLY A 115 -2.81 -29.97 77.93
C GLY A 115 -2.63 -31.46 77.74
N GLY A 116 -1.51 -31.85 77.12
CA GLY A 116 -1.24 -33.25 76.90
C GLY A 116 -2.25 -33.90 75.97
N HIS A 117 -2.70 -33.15 74.98
CA HIS A 117 -3.66 -33.66 74.01
C HIS A 117 -2.93 -34.30 72.84
N ALA A 118 -2.46 -35.52 73.07
CA ALA A 118 -1.64 -36.28 72.14
C ALA A 118 -2.14 -36.25 70.71
N GLU A 119 -3.43 -36.50 70.52
CA GLU A 119 -3.99 -36.62 69.19
C GLU A 119 -3.94 -35.29 68.43
N ILE A 120 -4.05 -34.18 69.16
CA ILE A 120 -3.97 -32.87 68.55
C ILE A 120 -2.51 -32.53 68.24
N VAL A 121 -1.61 -32.99 69.09
CA VAL A 121 -0.18 -32.83 68.84
C VAL A 121 0.20 -33.60 67.57
N GLN A 122 -0.36 -34.79 67.41
CA GLN A 122 -0.16 -35.59 66.21
C GLN A 122 -0.51 -34.80 64.96
N ILE A 123 -1.68 -34.17 64.99
CA ILE A 123 -2.19 -33.40 63.86
C ILE A 123 -1.31 -32.21 63.53
N LEU A 124 -1.00 -31.40 64.54
CA LEU A 124 -0.17 -30.22 64.34
C LEU A 124 1.22 -30.56 63.80
N LEU A 125 1.81 -31.65 64.27
CA LEU A 125 3.13 -32.05 63.81
C LEU A 125 3.10 -32.58 62.38
N ASN A 126 1.93 -33.05 61.95
CA ASN A 126 1.76 -33.56 60.60
C ASN A 126 1.43 -32.46 59.60
N HIS A 127 1.14 -31.28 60.10
CA HIS A 127 0.87 -30.14 59.23
C HIS A 127 2.18 -29.62 58.65
N PRO A 128 2.24 -29.48 57.31
CA PRO A 128 3.44 -29.09 56.57
C PRO A 128 4.01 -27.73 57.00
N GLU A 129 3.13 -26.81 57.37
CA GLU A 129 3.55 -25.45 57.73
C GLU A 129 3.98 -25.26 59.18
N THR A 130 3.86 -26.32 59.99
CA THR A 130 4.09 -26.18 61.43
C THR A 130 5.53 -25.80 61.76
N ASP A 131 5.70 -24.87 62.68
CA ASP A 131 7.02 -24.47 63.17
C ASP A 131 7.32 -25.26 64.45
N ARG A 132 8.18 -26.26 64.36
CA ARG A 132 8.42 -27.13 65.50
C ARG A 132 9.45 -26.54 66.46
N HIS A 133 10.09 -25.45 66.06
CA HIS A 133 11.05 -24.79 66.94
C HIS A 133 10.43 -23.53 67.56
N ILE A 134 9.11 -23.49 67.57
CA ILE A 134 8.39 -22.32 68.06
C ILE A 134 8.56 -22.16 69.56
N THR A 135 8.57 -20.91 70.02
CA THR A 135 8.72 -20.62 71.43
C THR A 135 7.65 -19.64 71.87
N ASP A 136 7.20 -19.75 73.13
CA ASP A 136 6.16 -18.86 73.62
C ASP A 136 6.75 -17.57 74.13
N GLN A 137 5.95 -16.84 74.90
CA GLN A 137 6.33 -15.51 75.38
C GLN A 137 7.51 -15.57 76.34
N GLN A 138 7.72 -16.75 76.93
CA GLN A 138 8.80 -16.95 77.89
C GLN A 138 9.88 -17.89 77.38
N GLY A 139 10.01 -17.95 76.06
CA GLY A 139 11.04 -18.77 75.44
C GLY A 139 10.91 -20.25 75.72
N ARG A 140 9.72 -20.69 76.12
CA ARG A 140 9.48 -22.09 76.39
C ARG A 140 9.04 -22.83 75.14
N SER A 141 9.38 -24.11 75.05
CA SER A 141 8.97 -24.95 73.94
C SER A 141 7.69 -25.67 74.30
N PRO A 142 6.97 -26.21 73.29
CA PRO A 142 5.81 -27.04 73.59
C PRO A 142 6.14 -28.20 74.53
N LEU A 143 7.32 -28.79 74.35
CA LEU A 143 7.75 -29.89 75.22
C LEU A 143 7.91 -29.44 76.67
N ASN A 144 8.44 -28.25 76.86
CA ASN A 144 8.62 -27.68 78.20
C ASN A 144 7.31 -27.60 78.97
N ILE A 145 6.30 -27.02 78.36
CA ILE A 145 4.98 -26.91 78.98
C ILE A 145 4.40 -28.29 79.22
N CYS A 146 4.48 -29.16 78.22
CA CYS A 146 3.95 -30.51 78.30
C CYS A 146 4.50 -31.26 79.50
N GLU A 147 5.82 -31.31 79.60
CA GLU A 147 6.50 -32.07 80.65
C GLU A 147 6.27 -31.47 82.03
N GLU A 148 6.01 -30.17 82.08
CA GLU A 148 5.80 -29.50 83.35
C GLU A 148 4.40 -29.77 83.91
N ASN A 149 3.37 -29.51 83.10
CA ASN A 149 1.99 -29.62 83.57
C ASN A 149 1.54 -31.05 83.81
N LYS A 150 2.10 -31.98 83.03
CA LYS A 150 1.80 -33.40 83.16
C LYS A 150 0.30 -33.66 83.13
N GLN A 151 -0.41 -32.98 82.24
CA GLN A 151 -1.86 -33.15 82.12
C GLN A 151 -2.22 -34.20 81.09
N ASN A 152 -3.33 -34.89 81.32
CA ASN A 152 -3.88 -35.87 80.39
C ASN A 152 -2.84 -36.84 79.82
N ASN A 153 -2.81 -36.96 78.49
CA ASN A 153 -1.87 -37.86 77.84
C ASN A 153 -0.53 -37.19 77.57
N TRP A 154 0.03 -36.55 78.58
CA TRP A 154 1.26 -35.79 78.41
C TRP A 154 2.43 -36.68 78.02
N GLU A 155 2.44 -37.91 78.53
CA GLU A 155 3.52 -38.85 78.23
C GLU A 155 3.58 -39.17 76.74
N GLU A 156 2.41 -39.37 76.13
CA GLU A 156 2.35 -39.69 74.71
C GLU A 156 2.72 -38.47 73.87
N ALA A 157 2.20 -37.32 74.27
CA ALA A 157 2.49 -36.07 73.58
C ALA A 157 3.98 -35.78 73.60
N ALA A 158 4.62 -36.07 74.72
CA ALA A 158 6.05 -35.84 74.87
C ALA A 158 6.87 -36.74 73.94
N LYS A 159 6.41 -37.96 73.71
CA LYS A 159 7.09 -38.87 72.80
C LYS A 159 7.05 -38.33 71.38
N LEU A 160 5.87 -37.90 70.95
CA LEU A 160 5.70 -37.37 69.59
C LEU A 160 6.58 -36.16 69.33
N LEU A 161 6.71 -35.29 70.32
CA LEU A 161 7.53 -34.09 70.18
C LEU A 161 9.01 -34.43 70.09
N LYS A 162 9.45 -35.40 70.87
CA LYS A 162 10.85 -35.79 70.91
C LYS A 162 11.29 -36.48 69.61
N GLU A 163 10.46 -37.36 69.08
CA GLU A 163 10.83 -38.07 67.86
C GLU A 163 10.33 -37.34 66.61
N ALA A 164 9.92 -36.08 66.79
CA ALA A 164 9.58 -35.22 65.67
C ALA A 164 10.82 -34.50 65.18
N ILE A 165 11.90 -34.60 65.95
CA ILE A 165 13.18 -34.02 65.58
C ILE A 165 13.83 -34.80 64.45
N ASN A 166 13.55 -36.10 64.40
CA ASN A 166 14.04 -36.96 63.33
C ASN A 166 13.46 -36.59 61.98
N LYS A 167 12.26 -36.00 62.00
CA LYS A 167 11.57 -35.63 60.77
C LYS A 167 12.41 -34.66 59.94
N PRO A 168 12.52 -34.94 58.63
CA PRO A 168 13.14 -33.97 57.73
C PRO A 168 12.22 -32.77 57.54
N TYR A 169 12.78 -31.58 57.48
CA TYR A 169 11.98 -30.37 57.33
C TYR A 169 11.24 -30.34 56.00
N GLU A 170 10.13 -29.63 55.95
CA GLU A 170 9.43 -29.43 54.70
C GLU A 170 10.25 -28.51 53.81
N LYS A 171 9.98 -28.54 52.51
CA LYS A 171 10.79 -27.78 51.57
C LYS A 171 9.94 -26.88 50.68
N VAL A 172 10.44 -25.68 50.42
CA VAL A 172 9.79 -24.75 49.50
C VAL A 172 10.64 -24.61 48.23
N ARG A 173 9.99 -24.35 47.10
CA ARG A 173 10.71 -24.13 45.85
C ARG A 173 11.07 -22.67 45.61
N ILE A 174 12.34 -22.42 45.35
CA ILE A 174 12.83 -21.09 44.99
C ILE A 174 13.26 -21.06 43.53
N TYR A 175 12.46 -20.41 42.69
CA TYR A 175 12.69 -20.41 41.25
C TYR A 175 13.66 -19.34 40.77
N ARG A 176 14.35 -19.63 39.67
CA ARG A 176 15.13 -18.64 38.93
C ARG A 176 14.38 -18.35 37.63
N MET A 177 14.85 -17.35 36.89
CA MET A 177 14.11 -16.93 35.69
C MET A 177 14.34 -17.84 34.50
N ASP A 178 15.19 -18.84 34.64
CA ASP A 178 15.37 -19.82 33.57
C ASP A 178 14.37 -20.96 33.73
N GLY A 179 13.51 -20.84 34.74
CA GLY A 179 12.46 -21.82 34.97
C GLY A 179 12.84 -22.93 35.93
N SER A 180 14.11 -22.95 36.31
CA SER A 180 14.59 -23.96 37.26
C SER A 180 14.30 -23.51 38.68
N TYR A 181 14.63 -24.36 39.65
CA TYR A 181 14.38 -24.05 41.05
C TYR A 181 15.30 -24.80 42.00
N ARG A 182 15.36 -24.31 43.24
CA ARG A 182 16.10 -24.99 44.31
C ARG A 182 15.16 -25.25 45.46
N SER A 183 15.13 -26.50 45.94
CA SER A 183 14.35 -26.83 47.13
C SER A 183 15.12 -26.42 48.37
N VAL A 184 14.52 -25.54 49.16
CA VAL A 184 15.16 -25.06 50.39
C VAL A 184 14.40 -25.57 51.61
N GLU A 185 15.15 -26.02 52.61
CA GLU A 185 14.56 -26.57 53.81
C GLU A 185 13.98 -25.47 54.68
N LEU A 186 12.76 -25.70 55.17
CA LEU A 186 12.04 -24.72 55.97
C LEU A 186 12.19 -24.99 57.47
N LYS A 187 13.16 -24.31 58.07
CA LYS A 187 13.48 -24.47 59.47
C LYS A 187 12.29 -24.20 60.38
N HIS A 188 11.65 -23.06 60.19
CA HIS A 188 10.54 -22.65 61.05
C HIS A 188 9.17 -22.77 60.40
N GLY A 189 8.96 -23.80 59.60
CA GLY A 189 7.69 -23.95 58.91
C GLY A 189 7.36 -22.70 58.13
N ASN A 190 6.15 -22.16 58.31
CA ASN A 190 5.76 -20.95 57.60
C ASN A 190 6.22 -19.70 58.32
N ASN A 191 6.97 -19.87 59.41
CA ASN A 191 7.57 -18.75 60.12
C ASN A 191 8.96 -18.46 59.60
N THR A 192 9.40 -19.28 58.64
CA THR A 192 10.73 -19.15 58.07
C THR A 192 10.88 -17.83 57.32
N THR A 193 11.94 -17.11 57.63
CA THR A 193 12.16 -15.79 57.03
C THR A 193 12.94 -15.86 55.74
N VAL A 194 12.97 -14.75 55.00
CA VAL A 194 13.72 -14.65 53.76
C VAL A 194 15.19 -14.93 54.00
N GLN A 195 15.77 -14.26 55.00
CA GLN A 195 17.16 -14.45 55.36
C GLN A 195 17.49 -15.90 55.64
N GLN A 196 16.62 -16.58 56.37
CA GLN A 196 16.84 -17.98 56.68
C GLN A 196 16.77 -18.83 55.43
N ILE A 197 15.89 -18.46 54.50
CA ILE A 197 15.77 -19.16 53.23
C ILE A 197 17.00 -18.91 52.35
N MET A 198 17.55 -17.70 52.39
CA MET A 198 18.75 -17.41 51.64
C MET A 198 19.95 -18.22 52.14
N GLU A 199 19.99 -18.47 53.44
CA GLU A 199 21.04 -19.32 54.00
C GLU A 199 20.87 -20.73 53.49
N GLY A 200 19.63 -21.08 53.15
CA GLY A 200 19.32 -22.41 52.62
C GLY A 200 19.70 -22.51 51.16
N MET A 201 19.82 -21.36 50.49
CA MET A 201 20.33 -21.33 49.13
C MET A 201 21.82 -21.60 49.24
N ARG A 202 22.35 -22.42 48.34
CA ARG A 202 23.74 -22.83 48.43
C ARG A 202 24.63 -21.76 47.79
N LEU A 203 24.55 -20.55 48.34
CA LEU A 203 25.23 -19.40 47.78
C LEU A 203 26.33 -18.86 48.69
N SER A 204 27.51 -18.64 48.14
CA SER A 204 28.61 -18.04 48.89
C SER A 204 28.25 -16.63 49.32
N GLN A 205 29.08 -16.02 50.16
CA GLN A 205 28.77 -14.70 50.68
C GLN A 205 28.83 -13.63 49.58
N GLU A 206 29.68 -13.86 48.57
CA GLU A 206 29.82 -12.89 47.49
C GLU A 206 28.74 -13.04 46.42
N THR A 207 28.35 -14.28 46.11
CA THR A 207 27.28 -14.49 45.14
C THR A 207 25.90 -14.19 45.72
N GLN A 208 25.83 -13.95 47.03
CA GLN A 208 24.56 -13.79 47.72
C GLN A 208 24.14 -12.32 47.83
N GLN A 209 25.12 -11.43 47.77
CA GLN A 209 24.85 -10.01 48.04
C GLN A 209 24.12 -9.34 46.89
N TYR A 210 23.97 -10.05 45.78
CA TYR A 210 23.34 -9.49 44.59
C TYR A 210 21.84 -9.75 44.55
N PHE A 211 21.38 -10.75 45.29
CA PHE A 211 20.00 -11.21 45.15
C PHE A 211 19.22 -11.26 46.45
N THR A 212 17.91 -11.45 46.32
CA THR A 212 17.04 -11.70 47.45
C THR A 212 15.77 -12.37 46.95
N ILE A 213 14.83 -12.63 47.85
CA ILE A 213 13.65 -13.38 47.49
C ILE A 213 12.51 -12.47 47.04
N TRP A 214 11.88 -12.85 45.93
CA TRP A 214 10.71 -12.15 45.44
C TRP A 214 9.52 -13.10 45.49
N ILE A 215 8.34 -12.58 45.80
CA ILE A 215 7.14 -13.35 45.64
C ILE A 215 6.42 -12.80 44.42
N CYS A 216 6.12 -13.67 43.47
CA CYS A 216 5.66 -13.23 42.17
C CYS A 216 4.58 -14.12 41.60
N SER A 217 3.47 -13.52 41.20
CA SER A 217 2.51 -14.21 40.37
C SER A 217 2.70 -13.66 38.97
N GLU A 218 1.86 -14.07 38.04
CA GLU A 218 2.03 -13.68 36.65
C GLU A 218 2.06 -12.18 36.45
N ASN A 219 1.24 -11.47 37.23
CA ASN A 219 1.06 -10.04 37.01
C ASN A 219 1.26 -9.16 38.26
N LEU A 220 1.99 -9.70 39.24
CA LEU A 220 2.44 -8.91 40.38
C LEU A 220 3.72 -9.50 40.93
N SER A 221 4.75 -8.68 41.03
CA SER A 221 6.02 -9.11 41.59
C SER A 221 6.42 -8.19 42.73
N LEU A 222 6.78 -8.78 43.86
CA LEU A 222 7.18 -8.01 45.03
C LEU A 222 8.50 -8.51 45.57
N GLN A 223 9.41 -7.58 45.85
CA GLN A 223 10.65 -7.94 46.52
C GLN A 223 10.46 -7.91 48.03
N LEU A 224 10.76 -9.04 48.68
CA LEU A 224 10.57 -9.15 50.12
C LEU A 224 11.79 -8.66 50.88
N LYS A 225 11.58 -8.23 52.12
CA LYS A 225 12.66 -7.84 53.00
C LYS A 225 13.16 -9.04 53.80
N PRO A 226 14.39 -8.98 54.34
CA PRO A 226 14.99 -10.15 54.99
C PRO A 226 14.17 -10.76 56.13
N TYR A 227 13.37 -9.93 56.79
CA TYR A 227 12.62 -10.40 57.96
C TYR A 227 11.24 -10.93 57.60
N HIS A 228 10.80 -10.71 56.37
CA HIS A 228 9.48 -11.17 55.94
C HIS A 228 9.41 -12.68 55.92
N LYS A 229 8.20 -13.21 56.06
CA LYS A 229 7.98 -14.64 56.01
C LYS A 229 7.27 -14.99 54.71
N PRO A 230 8.03 -15.44 53.71
CA PRO A 230 7.53 -15.68 52.35
C PRO A 230 6.27 -16.52 52.29
N LEU A 231 6.15 -17.55 53.13
CA LEU A 231 5.00 -18.43 53.05
C LEU A 231 3.75 -17.82 53.67
N GLN A 232 3.92 -16.73 54.41
CA GLN A 232 2.78 -15.98 54.91
C GLN A 232 2.24 -15.11 53.80
N HIS A 233 3.15 -14.56 53.01
CA HIS A 233 2.78 -13.76 51.86
C HIS A 233 2.10 -14.64 50.81
N VAL A 234 2.58 -15.86 50.65
CA VAL A 234 1.95 -16.81 49.74
C VAL A 234 0.53 -17.08 50.22
N ARG A 235 0.41 -17.32 51.52
CA ARG A 235 -0.88 -17.52 52.18
C ARG A 235 -1.83 -16.33 51.99
N ASP A 236 -1.34 -15.13 52.24
CA ASP A 236 -2.19 -13.95 52.18
C ASP A 236 -2.26 -13.34 50.78
N TRP A 237 -1.89 -14.11 49.77
CA TRP A 237 -1.77 -13.56 48.43
C TRP A 237 -3.08 -12.99 47.86
N PRO A 238 -4.22 -13.68 48.05
CA PRO A 238 -5.45 -13.05 47.57
C PRO A 238 -5.69 -11.67 48.18
N GLU A 239 -5.30 -11.48 49.43
CA GLU A 239 -5.50 -10.21 50.10
C GLU A 239 -4.48 -9.18 49.64
N ILE A 240 -3.30 -9.65 49.26
CA ILE A 240 -2.26 -8.74 48.76
C ILE A 240 -2.66 -8.21 47.39
N LEU A 241 -3.15 -9.09 46.53
CA LEU A 241 -3.68 -8.68 45.24
C LEU A 241 -4.83 -7.70 45.39
N ALA A 242 -5.67 -7.95 46.40
CA ALA A 242 -6.84 -7.12 46.65
C ALA A 242 -6.45 -5.72 47.07
N GLU A 243 -5.36 -5.61 47.82
CA GLU A 243 -4.90 -4.32 48.28
C GLU A 243 -4.21 -3.53 47.17
N LEU A 244 -3.44 -4.23 46.35
CA LEU A 244 -2.54 -3.56 45.40
C LEU A 244 -3.01 -3.55 43.94
N THR A 245 -3.84 -4.52 43.56
CA THR A 245 -4.26 -4.62 42.16
C THR A 245 -5.75 -4.82 42.02
N ASN A 246 -6.21 -4.94 40.77
CA ASN A 246 -7.60 -5.29 40.50
C ASN A 246 -7.67 -6.64 39.79
N LEU A 247 -6.76 -7.53 40.16
CA LEU A 247 -6.63 -8.83 39.51
C LEU A 247 -7.52 -9.90 40.12
N ASP A 248 -7.80 -10.93 39.34
CA ASP A 248 -8.57 -12.09 39.80
C ASP A 248 -7.63 -13.02 40.56
N PRO A 249 -7.83 -13.15 41.88
CA PRO A 249 -6.99 -13.96 42.75
C PRO A 249 -6.96 -15.42 42.32
N GLN A 250 -8.04 -15.88 41.69
CA GLN A 250 -8.13 -17.26 41.25
C GLN A 250 -7.44 -17.50 39.92
N ARG A 251 -6.97 -16.42 39.30
CA ARG A 251 -6.22 -16.53 38.05
C ARG A 251 -4.78 -16.07 38.23
N GLU A 252 -4.38 -15.84 39.48
CA GLU A 252 -2.99 -15.55 39.81
C GLU A 252 -2.49 -16.54 40.86
N THR A 253 -1.35 -17.15 40.59
CA THR A 253 -0.78 -18.12 41.52
C THR A 253 0.66 -17.78 41.84
N PRO A 254 0.93 -17.41 43.09
CA PRO A 254 2.24 -16.90 43.51
C PRO A 254 3.28 -17.99 43.68
N GLN A 255 4.52 -17.65 43.40
CA GLN A 255 5.65 -18.53 43.65
C GLN A 255 6.83 -17.70 44.13
N LEU A 256 7.80 -18.35 44.77
CA LEU A 256 8.97 -17.64 45.27
C LEU A 256 10.12 -17.66 44.27
N PHE A 257 10.77 -16.52 44.10
CA PHE A 257 11.84 -16.40 43.13
C PHE A 257 13.13 -15.87 43.73
N LEU A 258 14.26 -16.37 43.24
CA LEU A 258 15.54 -15.72 43.45
C LEU A 258 15.69 -14.73 42.32
N ARG A 259 15.93 -13.47 42.65
CA ARG A 259 15.90 -12.42 41.65
C ARG A 259 16.81 -11.27 42.05
N ARG A 260 17.23 -10.47 41.08
CA ARG A 260 18.11 -9.35 41.33
C ARG A 260 17.54 -8.38 42.36
N ASP A 261 18.38 -7.96 43.30
CA ASP A 261 17.98 -6.94 44.28
C ASP A 261 17.81 -5.60 43.58
N VAL A 262 16.62 -5.04 43.67
CA VAL A 262 16.31 -3.79 42.99
C VAL A 262 17.17 -2.64 43.52
N ARG A 263 17.73 -2.81 44.70
CA ARG A 263 18.57 -1.79 45.32
C ARG A 263 20.03 -1.86 44.87
N LEU A 264 20.38 -2.92 44.15
CA LEU A 264 21.77 -3.13 43.74
C LEU A 264 22.29 -2.02 42.84
N PRO A 265 23.31 -1.28 43.32
CA PRO A 265 23.86 -0.17 42.55
C PRO A 265 24.57 -0.68 41.30
N LEU A 266 24.36 0.02 40.18
CA LEU A 266 24.90 -0.42 38.91
C LEU A 266 26.43 -0.41 38.96
N GLU A 267 26.97 0.51 39.75
CA GLU A 267 28.40 0.65 39.90
C GLU A 267 28.99 -0.55 40.64
N VAL A 268 28.18 -1.16 41.49
CA VAL A 268 28.60 -2.36 42.21
C VAL A 268 28.53 -3.58 41.31
N GLU A 269 27.48 -3.64 40.49
CA GLU A 269 27.29 -4.78 39.61
C GLU A 269 28.39 -4.88 38.57
N LYS A 270 28.94 -3.75 38.14
CA LYS A 270 29.98 -3.75 37.12
C LYS A 270 31.25 -4.45 37.59
N GLN A 271 31.45 -4.51 38.90
CA GLN A 271 32.62 -5.15 39.47
C GLN A 271 32.49 -6.67 39.55
N ILE A 272 31.30 -7.18 39.27
CA ILE A 272 31.02 -8.61 39.44
C ILE A 272 31.93 -9.49 38.59
N GLU A 273 32.32 -10.64 39.14
CA GLU A 273 33.14 -11.58 38.38
C GLU A 273 32.87 -13.04 38.76
N ASP A 274 31.89 -13.27 39.62
CA ASP A 274 31.60 -14.64 40.04
C ASP A 274 30.67 -15.33 39.04
N PRO A 275 31.15 -16.42 38.43
CA PRO A 275 30.45 -17.20 37.40
C PRO A 275 28.99 -17.49 37.69
N LEU A 276 28.66 -17.94 38.90
CA LEU A 276 27.29 -18.25 39.25
C LEU A 276 26.45 -16.99 39.33
N ALA A 277 26.99 -15.96 39.97
CA ALA A 277 26.30 -14.69 40.06
C ALA A 277 26.06 -14.08 38.68
N ILE A 278 27.00 -14.31 37.76
CA ILE A 278 26.82 -13.89 36.38
C ILE A 278 25.65 -14.61 35.73
N LEU A 279 25.63 -15.93 35.87
CA LEU A 279 24.62 -16.77 35.24
C LEU A 279 23.21 -16.36 35.64
N ILE A 280 23.01 -16.08 36.93
CA ILE A 280 21.70 -15.74 37.44
C ILE A 280 21.23 -14.40 36.91
N LEU A 281 22.11 -13.41 36.94
CA LEU A 281 21.79 -12.09 36.40
C LEU A 281 21.50 -12.17 34.90
N PHE A 282 22.28 -12.99 34.21
CA PHE A 282 22.12 -13.18 32.78
C PHE A 282 20.76 -13.74 32.43
N ASP A 283 20.40 -14.86 33.05
CA ASP A 283 19.14 -15.53 32.75
C ASP A 283 17.96 -14.60 33.04
N GLU A 284 18.11 -13.77 34.05
CA GLU A 284 17.08 -12.81 34.39
C GLU A 284 17.06 -11.69 33.35
N ALA A 285 18.24 -11.28 32.91
CA ALA A 285 18.35 -10.26 31.88
C ALA A 285 17.73 -10.74 30.58
N ARG A 286 18.08 -11.95 30.16
CA ARG A 286 17.54 -12.50 28.93
C ARG A 286 16.02 -12.59 29.03
N TYR A 287 15.53 -12.97 30.22
CA TYR A 287 14.10 -13.09 30.44
C TYR A 287 13.40 -11.77 30.16
N ASN A 288 13.91 -10.69 30.73
CA ASN A 288 13.31 -9.39 30.53
C ASN A 288 13.42 -8.94 29.08
N LEU A 289 14.55 -9.27 28.46
CA LEU A 289 14.79 -8.94 27.07
C LEU A 289 13.71 -9.57 26.19
N LEU A 290 13.52 -10.87 26.32
CA LEU A 290 12.60 -11.59 25.44
C LEU A 290 11.17 -11.15 25.61
N LYS A 291 10.80 -10.73 26.82
CA LYS A 291 9.44 -10.30 27.09
C LYS A 291 9.21 -8.87 26.66
N GLY A 292 10.29 -8.17 26.32
CA GLY A 292 10.18 -6.85 25.73
C GLY A 292 10.37 -5.71 26.70
N PHE A 293 10.80 -6.02 27.91
CA PHE A 293 10.94 -4.98 28.94
C PHE A 293 12.21 -4.16 28.75
N TYR A 294 13.10 -4.61 27.87
CA TYR A 294 14.30 -3.85 27.57
C TYR A 294 14.16 -3.15 26.23
N THR A 295 14.01 -1.83 26.29
CA THR A 295 13.82 -1.02 25.11
C THR A 295 15.14 -0.43 24.63
N ALA A 296 15.44 -0.65 23.35
CA ALA A 296 16.70 -0.22 22.76
C ALA A 296 16.61 -0.17 21.24
N PRO A 297 17.46 0.64 20.60
CA PRO A 297 17.55 0.66 19.14
C PRO A 297 17.91 -0.72 18.58
N ASP A 298 17.57 -0.97 17.32
CA ASP A 298 17.75 -2.29 16.72
C ASP A 298 19.20 -2.79 16.79
N ALA A 299 20.15 -1.87 16.68
CA ALA A 299 21.56 -2.24 16.73
C ALA A 299 21.91 -2.96 18.03
N LYS A 300 21.40 -2.45 19.15
CA LYS A 300 21.64 -3.06 20.45
C LYS A 300 20.96 -4.42 20.53
N LEU A 301 19.70 -4.49 20.10
CA LEU A 301 18.95 -5.73 20.15
C LEU A 301 19.56 -6.80 19.25
N ILE A 302 20.19 -6.37 18.17
CA ILE A 302 20.88 -7.29 17.27
C ILE A 302 22.16 -7.81 17.90
N THR A 303 22.92 -6.90 18.51
CA THR A 303 24.14 -7.26 19.21
C THR A 303 23.82 -8.29 20.29
N LEU A 304 22.73 -8.09 21.00
CA LEU A 304 22.31 -9.02 22.04
C LEU A 304 21.95 -10.37 21.44
N ALA A 305 21.24 -10.36 20.32
CA ALA A 305 20.84 -11.59 19.66
C ALA A 305 22.05 -12.42 19.24
N SER A 306 23.09 -11.75 18.75
CA SER A 306 24.30 -12.42 18.32
C SER A 306 25.01 -13.08 19.51
N LEU A 307 25.06 -12.37 20.63
CA LEU A 307 25.67 -12.89 21.85
C LEU A 307 24.93 -14.12 22.35
N LEU A 308 23.61 -14.12 22.25
CA LEU A 308 22.81 -15.27 22.66
C LEU A 308 23.10 -16.46 21.76
N LEU A 309 23.30 -16.20 20.47
CA LEU A 309 23.62 -17.28 19.53
C LEU A 309 24.95 -17.92 19.88
N GLN A 310 25.94 -17.09 20.22
CA GLN A 310 27.25 -17.60 20.61
C GLN A 310 27.16 -18.39 21.91
N ILE A 311 26.40 -17.84 22.86
CA ILE A 311 26.23 -18.45 24.18
C ILE A 311 25.48 -19.78 24.12
N VAL A 312 24.45 -19.85 23.28
CA VAL A 312 23.62 -21.04 23.19
C VAL A 312 24.21 -22.10 22.27
N TYR A 313 24.63 -21.70 21.07
CA TYR A 313 25.05 -22.65 20.05
C TYR A 313 26.57 -22.79 19.89
N GLY A 314 27.34 -21.99 20.61
CA GLY A 314 28.78 -22.00 20.45
C GLY A 314 29.23 -21.30 19.18
N ASN A 315 30.41 -21.65 18.67
CA ASN A 315 30.95 -21.02 17.46
C ASN A 315 30.10 -21.26 16.22
N TYR A 316 30.07 -20.28 15.33
CA TYR A 316 29.35 -20.38 14.07
C TYR A 316 30.00 -21.37 13.13
N GLU A 317 29.19 -22.22 12.51
CA GLU A 317 29.67 -23.17 11.51
C GLU A 317 28.82 -23.06 10.24
N SER A 318 29.51 -23.02 9.11
CA SER A 318 28.90 -22.65 7.83
C SER A 318 27.76 -23.58 7.40
N LYS A 319 27.86 -24.86 7.74
CA LYS A 319 26.85 -25.83 7.34
C LYS A 319 25.55 -25.66 8.13
N LYS A 320 25.68 -25.34 9.41
CA LYS A 320 24.54 -25.30 10.33
C LYS A 320 23.67 -24.04 10.23
N HIS A 321 24.29 -22.88 10.32
CA HIS A 321 23.57 -21.63 10.59
C HIS A 321 23.45 -20.69 9.39
N LYS A 322 23.98 -21.11 8.24
CA LYS A 322 24.11 -20.23 7.08
C LYS A 322 22.77 -19.61 6.63
N GLN A 323 21.92 -20.44 6.03
CA GLN A 323 20.69 -19.92 5.42
C GLN A 323 19.44 -20.64 5.94
N GLY A 324 18.36 -19.86 6.08
CA GLY A 324 17.08 -20.38 6.55
C GLY A 324 17.13 -20.76 8.02
N PHE A 325 18.23 -20.41 8.67
CA PHE A 325 18.47 -20.81 10.05
C PHE A 325 17.66 -19.97 11.03
N LEU A 326 17.77 -18.66 10.90
CA LEU A 326 17.06 -17.75 11.78
C LEU A 326 15.61 -17.56 11.34
N ASN A 327 14.79 -18.58 11.56
CA ASN A 327 13.36 -18.49 11.30
C ASN A 327 12.61 -18.19 12.60
N GLU A 328 11.28 -18.13 12.50
CA GLU A 328 10.42 -17.86 13.64
C GLU A 328 10.78 -18.60 14.93
N GLU A 329 11.04 -19.90 14.80
CA GLU A 329 11.16 -20.78 15.98
C GLU A 329 12.36 -20.52 16.88
N ASN A 330 13.52 -20.24 16.30
CA ASN A 330 14.69 -20.00 17.13
C ASN A 330 15.11 -18.53 17.11
N LEU A 331 14.35 -17.72 16.41
CA LEU A 331 14.46 -16.27 16.58
C LEU A 331 13.83 -15.87 17.90
N LYS A 332 12.78 -16.58 18.29
CA LYS A 332 11.98 -16.21 19.46
C LYS A 332 12.78 -16.31 20.75
N SER A 333 13.87 -17.06 20.73
CA SER A 333 14.71 -17.20 21.92
C SER A 333 15.87 -16.21 21.95
N ILE A 334 15.95 -15.32 20.97
CA ILE A 334 17.04 -14.34 20.95
C ILE A 334 16.59 -12.89 20.68
N VAL A 335 15.33 -12.68 20.33
CA VAL A 335 14.82 -11.31 20.17
C VAL A 335 13.58 -11.08 21.02
N PRO A 336 13.30 -9.81 21.38
CA PRO A 336 12.07 -9.47 22.09
C PRO A 336 10.83 -9.93 21.36
N VAL A 337 9.89 -10.53 22.09
CA VAL A 337 8.63 -11.01 21.49
C VAL A 337 7.88 -9.87 20.82
N THR A 338 8.11 -8.65 21.30
CA THR A 338 7.47 -7.47 20.73
C THR A 338 8.07 -7.09 19.38
N LYS A 339 9.17 -7.74 19.00
CA LYS A 339 9.84 -7.48 17.74
C LYS A 339 9.80 -8.70 16.82
N LEU A 340 9.22 -9.79 17.30
CA LEU A 340 9.35 -11.08 16.62
C LEU A 340 8.56 -11.16 15.31
N LYS A 341 7.43 -10.47 15.25
CA LYS A 341 6.55 -10.58 14.09
C LYS A 341 6.95 -9.63 12.96
N SER A 342 7.11 -8.35 13.29
CA SER A 342 7.27 -7.33 12.28
C SER A 342 8.72 -6.90 12.08
N LYS A 343 9.48 -6.89 13.15
CA LYS A 343 10.80 -6.28 13.08
C LYS A 343 11.96 -7.26 12.88
N ALA A 344 11.98 -8.32 13.68
CA ALA A 344 13.09 -9.27 13.67
C ALA A 344 13.38 -9.95 12.32
N PRO A 345 12.35 -10.33 11.54
CA PRO A 345 12.66 -11.01 10.27
C PRO A 345 13.58 -10.24 9.32
N HIS A 346 13.80 -8.96 9.58
CA HIS A 346 14.71 -8.16 8.75
C HIS A 346 15.99 -7.84 9.50
N TRP A 347 16.34 -8.69 10.47
CA TRP A 347 17.57 -8.55 11.23
C TRP A 347 18.55 -9.69 11.00
N THR A 348 18.08 -10.73 10.31
CA THR A 348 18.76 -12.02 10.24
C THR A 348 20.19 -11.94 9.71
N ASN A 349 20.44 -11.02 8.78
CA ASN A 349 21.78 -10.91 8.21
C ASN A 349 22.77 -10.15 9.09
N ARG A 350 22.30 -9.09 9.74
CA ARG A 350 23.15 -8.36 10.66
C ARG A 350 23.45 -9.23 11.88
N ILE A 351 22.48 -10.05 12.28
CA ILE A 351 22.68 -10.95 13.39
C ILE A 351 23.73 -11.99 13.02
N LEU A 352 23.59 -12.59 11.84
CA LEU A 352 24.56 -13.59 11.39
C LEU A 352 25.96 -13.01 11.26
N HIS A 353 26.07 -11.74 10.88
CA HIS A 353 27.38 -11.12 10.76
C HIS A 353 28.06 -10.95 12.10
N GLU A 354 27.35 -10.39 13.07
CA GLU A 354 27.92 -10.13 14.37
C GLU A 354 28.17 -11.44 15.12
N TYR A 355 27.38 -12.45 14.79
CA TYR A 355 27.55 -13.79 15.33
C TYR A 355 28.85 -14.40 14.82
N LYS A 356 29.11 -14.23 13.52
CA LYS A 356 30.35 -14.73 12.92
C LYS A 356 31.59 -14.06 13.50
N ASN A 357 31.48 -12.78 13.85
CA ASN A 357 32.63 -12.05 14.38
C ASN A 357 33.01 -12.44 15.79
N LEU A 358 32.05 -12.98 16.54
CA LEU A 358 32.29 -13.45 17.89
C LEU A 358 33.17 -14.70 17.86
N SER A 359 32.89 -15.59 16.93
CA SER A 359 33.67 -16.82 16.77
C SER A 359 35.12 -16.51 16.42
N THR A 360 35.34 -15.46 15.63
CA THR A 360 36.68 -15.04 15.27
C THR A 360 36.89 -13.55 15.55
N SER A 365 36.31 -13.49 23.01
CA SER A 365 36.12 -14.17 24.29
C SER A 365 35.74 -15.64 24.10
N LYS A 366 35.82 -16.41 25.18
CA LYS A 366 35.59 -17.85 25.08
C LYS A 366 34.73 -18.40 26.23
N GLU A 367 35.20 -18.22 27.47
CA GLU A 367 34.53 -18.80 28.63
C GLU A 367 33.09 -18.31 28.80
N MET A 368 32.24 -19.22 29.28
CA MET A 368 30.81 -18.99 29.34
C MET A 368 30.41 -17.77 30.16
N HIS A 369 31.08 -17.56 31.29
CA HIS A 369 30.73 -16.43 32.15
C HIS A 369 31.33 -15.14 31.61
N HIS A 370 32.33 -15.27 30.75
CA HIS A 370 32.88 -14.09 30.08
C HIS A 370 31.89 -13.58 29.03
N LEU A 371 31.30 -14.51 28.29
CA LEU A 371 30.31 -14.15 27.26
C LEU A 371 29.07 -13.54 27.87
N GLN A 372 28.56 -14.17 28.93
CA GLN A 372 27.35 -13.70 29.58
C GLN A 372 27.55 -12.32 30.21
N ARG A 373 28.77 -12.02 30.63
CA ARG A 373 29.09 -10.71 31.18
C ARG A 373 28.99 -9.65 30.10
N MET A 374 29.42 -10.01 28.89
CA MET A 374 29.34 -9.10 27.75
C MET A 374 27.89 -8.76 27.46
N PHE A 375 27.03 -9.78 27.57
CA PHE A 375 25.60 -9.58 27.42
C PHE A 375 25.10 -8.55 28.40
N LEU A 376 25.50 -8.69 29.66
CA LEU A 376 25.07 -7.77 30.70
C LEU A 376 25.62 -6.38 30.45
N GLN A 377 26.85 -6.30 29.95
CA GLN A 377 27.48 -5.02 29.65
C GLN A 377 26.62 -4.23 28.67
N ASN A 378 26.02 -4.93 27.72
CA ASN A 378 25.12 -4.31 26.75
C ASN A 378 23.79 -3.94 27.38
N CYS A 379 23.40 -4.69 28.41
CA CYS A 379 22.15 -4.42 29.10
C CYS A 379 22.27 -3.26 30.08
N TRP A 380 23.43 -3.10 30.68
CA TRP A 380 23.61 -2.10 31.71
C TRP A 380 23.29 -0.69 31.25
N GLU A 381 23.55 -0.40 29.97
CA GLU A 381 23.31 0.95 29.46
C GLU A 381 21.83 1.14 29.10
N ILE A 382 21.07 0.05 29.09
CA ILE A 382 19.63 0.12 28.82
C ILE A 382 18.94 0.81 29.99
N PRO A 383 18.05 1.78 29.69
CA PRO A 383 17.33 2.58 30.69
C PRO A 383 16.57 1.78 31.76
N THR A 384 15.86 0.74 31.36
CA THR A 384 15.00 0.02 32.32
C THR A 384 15.65 -1.21 32.93
N TYR A 385 16.97 -1.26 32.95
CA TYR A 385 17.64 -2.42 33.50
C TYR A 385 17.48 -2.47 35.01
N GLY A 386 17.22 -3.67 35.53
CA GLY A 386 17.13 -3.90 36.96
C GLY A 386 15.92 -3.26 37.60
N ALA A 387 14.95 -2.89 36.77
CA ALA A 387 13.79 -2.17 37.25
C ALA A 387 12.74 -3.13 37.79
N ALA A 388 12.05 -2.69 38.85
CA ALA A 388 10.84 -3.35 39.28
C ALA A 388 9.69 -2.73 38.52
N PHE A 389 8.72 -3.55 38.13
CA PHE A 389 7.61 -3.04 37.35
C PHE A 389 6.30 -3.09 38.12
N PHE A 390 5.54 -2.00 38.01
CA PHE A 390 4.24 -1.90 38.62
C PHE A 390 3.22 -1.59 37.52
N THR A 391 1.96 -1.86 37.78
CA THR A 391 0.94 -1.63 36.76
C THR A 391 0.07 -0.46 37.18
N GLY A 392 -0.32 0.37 36.20
CA GLY A 392 -1.15 1.52 36.47
C GLY A 392 -1.83 2.07 35.23
N GLN A 393 -2.45 3.24 35.36
CA GLN A 393 -3.14 3.87 34.25
C GLN A 393 -2.89 5.36 34.25
N ILE A 394 -2.87 5.97 33.08
CA ILE A 394 -2.88 7.42 32.98
C ILE A 394 -4.09 7.86 32.17
N PHE A 395 -4.58 9.06 32.45
CA PHE A 395 -5.84 9.55 31.87
C PHE A 395 -5.62 10.83 31.08
N THR A 396 -5.78 10.76 29.76
CA THR A 396 -5.68 11.95 28.92
C THR A 396 -7.07 12.50 28.61
N LYS A 397 -7.38 13.63 29.22
CA LYS A 397 -8.73 14.19 29.18
C LYS A 397 -8.89 15.23 28.08
N LYS A 404 -10.22 8.71 26.86
CA LYS A 404 -9.03 7.92 26.61
C LYS A 404 -8.45 7.39 27.93
N VAL A 405 -7.84 6.21 27.87
CA VAL A 405 -7.29 5.56 29.07
C VAL A 405 -6.11 4.65 28.73
N ILE A 406 -4.89 5.12 29.01
CA ILE A 406 -3.70 4.37 28.68
C ILE A 406 -3.19 3.55 29.86
N PRO A 407 -3.17 2.22 29.72
CA PRO A 407 -2.59 1.31 30.71
C PRO A 407 -1.07 1.26 30.60
N VAL A 408 -0.36 1.48 31.70
CA VAL A 408 1.09 1.56 31.66
C VAL A 408 1.79 0.70 32.71
N TYR A 409 2.94 0.16 32.34
CA TYR A 409 3.87 -0.41 33.30
C TYR A 409 4.67 0.72 33.92
N VAL A 410 4.81 0.73 35.24
CA VAL A 410 5.64 1.75 35.89
C VAL A 410 6.95 1.12 36.32
N GLY A 411 8.03 1.49 35.66
CA GLY A 411 9.34 0.94 35.97
C GLY A 411 10.17 1.86 36.86
N VAL A 412 10.75 1.29 37.91
CA VAL A 412 11.61 2.02 38.82
C VAL A 412 12.91 1.28 39.02
N ASN A 413 14.04 1.94 38.77
CA ASN A 413 15.34 1.34 39.04
C ASN A 413 16.31 2.35 39.62
N ILE A 414 17.57 1.95 39.80
CA ILE A 414 18.58 2.84 40.36
C ILE A 414 18.90 4.01 39.43
N LYS A 415 18.31 4.00 38.23
CA LYS A 415 18.51 5.07 37.26
C LYS A 415 17.40 6.12 37.35
N GLY A 416 16.17 5.67 37.55
CA GLY A 416 15.04 6.59 37.63
C GLY A 416 13.69 5.93 37.41
N LEU A 417 12.75 6.69 36.87
CA LEU A 417 11.40 6.20 36.59
C LEU A 417 11.16 6.07 35.09
N HIS A 418 10.40 5.05 34.70
CA HIS A 418 10.15 4.77 33.29
C HIS A 418 8.74 4.24 33.05
N LEU A 419 8.08 4.73 32.02
CA LEU A 419 6.72 4.26 31.70
C LEU A 419 6.70 3.51 30.38
N LEU A 420 6.16 2.30 30.39
CA LEU A 420 5.95 1.53 29.17
C LEU A 420 4.47 1.38 28.87
N ASN A 421 4.08 1.51 27.61
CA ASN A 421 2.72 1.14 27.23
C ASN A 421 2.55 -0.35 27.43
N MET A 422 1.50 -0.74 28.15
CA MET A 422 1.40 -2.11 28.63
C MET A 422 1.33 -3.17 27.53
N GLU A 423 0.66 -2.87 26.43
CA GLU A 423 0.52 -3.85 25.35
C GLU A 423 1.75 -3.90 24.45
N THR A 424 2.21 -2.74 24.02
CA THR A 424 3.31 -2.66 23.07
C THR A 424 4.70 -2.66 23.73
N LYS A 425 4.73 -2.40 25.04
CA LYS A 425 5.98 -2.27 25.78
C LYS A 425 6.82 -1.09 25.30
N ALA A 426 6.21 -0.20 24.52
CA ALA A 426 6.89 0.99 24.02
C ALA A 426 7.23 1.98 25.13
N LEU A 427 8.43 2.56 25.06
CA LEU A 427 8.88 3.50 26.08
C LEU A 427 8.24 4.87 25.91
N LEU A 428 7.28 5.18 26.78
CA LEU A 428 6.56 6.45 26.73
C LEU A 428 7.36 7.60 27.33
N ILE A 429 8.00 7.34 28.47
CA ILE A 429 8.72 8.37 29.20
C ILE A 429 9.84 7.73 30.03
N SER A 430 11.02 8.36 30.00
CA SER A 430 12.15 7.92 30.80
C SER A 430 12.77 9.10 31.52
N LEU A 431 12.79 9.06 32.85
CA LEU A 431 13.26 10.20 33.64
C LEU A 431 14.33 9.78 34.64
N LYS A 432 15.50 10.38 34.53
CA LYS A 432 16.61 10.12 35.44
C LYS A 432 16.36 10.82 36.76
N TYR A 433 16.91 10.28 37.85
CA TYR A 433 16.79 10.93 39.15
C TYR A 433 17.47 12.28 39.10
N GLY A 434 16.82 13.29 39.67
CA GLY A 434 17.32 14.64 39.63
C GLY A 434 16.62 15.46 38.56
N CYS A 435 15.94 14.76 37.66
CA CYS A 435 15.26 15.43 36.56
C CYS A 435 13.74 15.40 36.71
N PHE A 436 13.27 15.04 37.90
CA PHE A 436 11.83 15.02 38.17
C PHE A 436 11.53 14.90 39.66
N MET A 437 10.27 15.14 40.03
CA MET A 437 9.82 14.97 41.41
C MET A 437 8.52 14.19 41.43
N TRP A 438 8.25 13.51 42.55
CA TRP A 438 7.04 12.71 42.70
C TRP A 438 6.24 13.12 43.93
N GLN A 439 4.97 12.74 43.95
CA GLN A 439 4.07 13.09 45.04
C GLN A 439 2.87 12.16 45.05
N LEU A 440 2.62 11.53 46.19
CA LEU A 440 1.50 10.62 46.34
C LEU A 440 0.18 11.39 46.32
N GLY A 441 -0.91 10.72 45.94
CA GLY A 441 -2.21 11.35 45.85
C GLY A 441 -3.00 11.27 47.14
N ASP A 442 -4.08 12.03 47.25
CA ASP A 442 -4.91 12.06 48.47
C ASP A 442 -5.27 10.68 49.01
N THR A 443 -5.53 9.76 48.10
CA THR A 443 -6.11 8.48 48.45
C THR A 443 -5.10 7.34 48.50
N ASP A 444 -3.85 7.64 48.13
CA ASP A 444 -2.79 6.64 48.00
C ASP A 444 -3.11 5.71 46.84
N THR A 445 -4.00 6.19 45.96
CA THR A 445 -4.46 5.41 44.82
C THR A 445 -3.84 5.94 43.53
N CYS A 446 -3.01 6.97 43.66
CA CYS A 446 -2.35 7.55 42.49
C CYS A 446 -1.13 8.35 42.91
N PHE A 447 -0.30 8.72 41.94
CA PHE A 447 0.84 9.58 42.20
C PHE A 447 1.10 10.50 41.03
N GLN A 448 1.74 11.63 41.29
CA GLN A 448 1.99 12.64 40.26
C GLN A 448 3.49 12.85 40.04
N ILE A 449 3.87 13.17 38.81
CA ILE A 449 5.26 13.41 38.46
C ILE A 449 5.43 14.78 37.81
N HIS A 450 6.37 15.59 38.29
CA HIS A 450 6.64 16.89 37.68
C HIS A 450 8.00 16.88 36.96
N SER A 451 8.00 17.15 35.66
CA SER A 451 9.23 17.26 34.89
C SER A 451 9.80 18.67 34.95
N MET A 452 11.07 18.79 35.35
CA MET A 452 11.67 20.11 35.55
C MET A 452 12.05 20.79 34.23
N GLU A 453 12.30 19.97 33.21
CA GLU A 453 12.67 20.48 31.90
C GLU A 453 11.50 20.41 30.91
N ASN A 454 10.94 19.22 30.73
CA ASN A 454 9.86 19.01 29.79
C ASN A 454 8.59 19.71 30.26
N LYS A 455 8.56 20.04 31.54
CA LYS A 455 7.46 20.74 32.18
C LYS A 455 6.09 20.09 31.95
N MET A 456 6.14 18.80 31.62
CA MET A 456 4.96 17.95 31.54
C MET A 456 4.62 17.38 32.93
N SER A 457 3.42 17.63 33.42
CA SER A 457 3.01 16.98 34.65
C SER A 457 1.89 16.00 34.36
N PHE A 458 1.95 14.83 34.99
CA PHE A 458 0.95 13.79 34.74
C PHE A 458 0.68 12.96 35.98
N ILE A 459 -0.45 12.26 35.98
CA ILE A 459 -0.88 11.46 37.11
C ILE A 459 -1.08 10.01 36.72
N VAL A 460 -0.37 9.11 37.39
CA VAL A 460 -0.54 7.67 37.19
C VAL A 460 -1.48 7.11 38.25
N HIS A 461 -2.57 6.49 37.82
CA HIS A 461 -3.50 5.87 38.77
C HIS A 461 -3.16 4.42 38.99
N THR A 462 -2.92 4.07 40.25
CA THR A 462 -2.54 2.71 40.61
C THR A 462 -2.61 2.50 42.11
N LYS A 463 -3.03 1.32 42.52
CA LYS A 463 -3.12 1.00 43.93
C LYS A 463 -1.77 0.57 44.47
N GLN A 464 -0.76 0.63 43.60
CA GLN A 464 0.60 0.36 43.98
C GLN A 464 1.36 1.67 44.16
N ALA A 465 0.63 2.77 44.08
CA ALA A 465 1.22 4.11 44.17
C ALA A 465 2.09 4.24 45.40
N GLY A 466 1.64 3.66 46.52
CA GLY A 466 2.40 3.68 47.74
C GLY A 466 3.74 2.99 47.59
N LEU A 467 3.73 1.79 47.01
CA LEU A 467 4.97 1.04 46.80
C LEU A 467 5.92 1.77 45.87
N VAL A 468 5.36 2.44 44.87
CA VAL A 468 6.18 3.16 43.90
C VAL A 468 6.86 4.37 44.53
N VAL A 469 6.08 5.17 45.24
CA VAL A 469 6.61 6.37 45.88
C VAL A 469 7.68 5.97 46.90
N LYS A 470 7.41 4.92 47.67
CA LYS A 470 8.36 4.41 48.65
C LYS A 470 9.67 3.99 47.99
N LEU A 471 9.57 3.25 46.90
CA LEU A 471 10.76 2.76 46.20
C LEU A 471 11.54 3.88 45.54
N LEU A 472 10.85 4.85 44.97
CA LEU A 472 11.52 6.00 44.35
C LEU A 472 12.39 6.72 45.36
N MET A 473 11.84 6.93 46.54
CA MET A 473 12.54 7.62 47.62
C MET A 473 13.82 6.90 48.00
N LYS A 474 13.73 5.57 48.12
CA LYS A 474 14.86 4.76 48.53
C LYS A 474 15.99 4.78 47.52
N LEU A 475 15.65 4.57 46.25
CA LEU A 475 16.65 4.48 45.20
C LEU A 475 17.27 5.82 44.85
N ASN A 476 16.52 6.89 45.08
CA ASN A 476 17.07 8.23 44.91
C ASN A 476 18.11 8.51 45.98
N GLY A 477 17.83 8.06 47.20
CA GLY A 477 18.71 8.29 48.34
C GLY A 477 20.05 7.61 48.24
N GLN A 478 20.14 6.60 47.39
CA GLN A 478 21.38 5.85 47.17
C GLN A 478 22.35 6.67 46.32
N LEU A 479 21.90 7.83 45.86
CA LEU A 479 22.68 8.70 44.99
C LEU A 479 22.96 10.07 45.61
N MET A 480 23.12 10.10 46.94
CA MET A 480 23.46 11.33 47.63
C MET A 480 24.86 11.82 47.25
N ASP B 38 -52.13 -0.73 -49.38
CA ASP B 38 -51.83 0.54 -48.73
C ASP B 38 -51.77 1.68 -49.75
N ASP B 39 -52.02 2.90 -49.29
CA ASP B 39 -51.95 4.06 -50.18
C ASP B 39 -50.58 4.71 -50.15
N PHE B 40 -49.82 4.41 -49.10
CA PHE B 40 -48.55 5.08 -48.82
C PHE B 40 -48.68 6.61 -48.83
N PRO B 41 -49.57 7.15 -47.98
CA PRO B 41 -49.87 8.58 -48.02
C PRO B 41 -48.73 9.43 -47.46
N LEU B 42 -47.95 8.89 -46.53
CA LEU B 42 -46.84 9.63 -45.98
C LEU B 42 -45.78 9.85 -47.06
N HIS B 43 -45.59 8.85 -47.91
CA HIS B 43 -44.65 8.96 -49.00
C HIS B 43 -45.08 10.03 -50.00
N ARG B 44 -46.34 9.97 -50.42
CA ARG B 44 -46.85 10.92 -51.40
C ARG B 44 -46.74 12.34 -50.87
N SER B 45 -47.04 12.51 -49.59
CA SER B 45 -46.94 13.81 -48.95
C SER B 45 -45.53 14.36 -49.02
N ALA B 46 -44.55 13.46 -49.03
CA ALA B 46 -43.15 13.84 -49.02
C ALA B 46 -42.68 14.39 -50.36
N CYS B 47 -43.02 13.71 -51.44
CA CYS B 47 -42.57 14.14 -52.75
C CYS B 47 -43.41 15.29 -53.31
N GLU B 48 -44.59 15.49 -52.74
CA GLU B 48 -45.41 16.64 -53.12
C GLU B 48 -45.05 17.88 -52.30
N GLY B 49 -44.31 17.69 -51.22
CA GLY B 49 -43.83 18.79 -50.41
C GLY B 49 -44.91 19.48 -49.59
N ASP B 50 -45.94 18.73 -49.23
CA ASP B 50 -47.03 19.25 -48.43
C ASP B 50 -46.68 19.12 -46.94
N SER B 51 -46.17 20.20 -46.35
CA SER B 51 -45.70 20.16 -44.97
C SER B 51 -46.80 19.80 -43.97
N GLU B 52 -47.92 20.53 -44.01
CA GLU B 52 -49.01 20.30 -43.09
C GLU B 52 -49.57 18.88 -43.18
N LEU B 53 -49.68 18.36 -44.40
CA LEU B 53 -50.14 16.99 -44.59
C LEU B 53 -49.14 16.00 -44.00
N LEU B 54 -47.87 16.19 -44.34
CA LEU B 54 -46.82 15.31 -43.85
C LEU B 54 -46.78 15.33 -42.33
N SER B 55 -46.87 16.50 -41.74
CA SER B 55 -46.80 16.65 -40.30
C SER B 55 -47.96 15.94 -39.62
N ARG B 56 -49.16 16.10 -40.17
CA ARG B 56 -50.34 15.45 -39.60
C ARG B 56 -50.24 13.93 -39.73
N LEU B 57 -49.70 13.47 -40.85
CA LEU B 57 -49.56 12.04 -41.09
C LEU B 57 -48.60 11.38 -40.10
N LEU B 58 -47.60 12.13 -39.65
CA LEU B 58 -46.71 11.62 -38.62
C LEU B 58 -47.46 11.42 -37.31
N SER B 59 -48.30 12.39 -36.95
CA SER B 59 -49.08 12.30 -35.72
C SER B 59 -50.16 11.23 -35.80
N GLU B 60 -50.61 10.93 -37.02
CA GLU B 60 -51.63 9.91 -37.20
C GLU B 60 -50.99 8.53 -37.28
N ARG B 61 -49.71 8.46 -36.91
CA ARG B 61 -48.98 7.24 -36.62
C ARG B 61 -48.42 6.52 -37.85
N PHE B 62 -48.17 7.25 -38.92
CA PHE B 62 -47.54 6.67 -40.10
C PHE B 62 -46.04 6.57 -39.90
N SER B 63 -45.46 5.44 -40.29
CA SER B 63 -44.06 5.16 -40.00
C SER B 63 -43.15 5.92 -40.94
N VAL B 64 -42.07 6.47 -40.38
CA VAL B 64 -41.14 7.26 -41.15
C VAL B 64 -40.17 6.39 -41.95
N ASN B 65 -40.13 5.11 -41.64
CA ASN B 65 -39.26 4.18 -42.36
C ASN B 65 -39.99 3.02 -43.03
N GLN B 66 -41.31 3.15 -43.22
CA GLN B 66 -42.01 2.14 -43.99
C GLN B 66 -41.58 2.22 -45.44
N LEU B 67 -41.24 1.07 -46.01
CA LEU B 67 -40.84 0.99 -47.40
C LEU B 67 -42.02 0.63 -48.30
N ASP B 68 -42.17 1.35 -49.40
CA ASP B 68 -43.23 1.08 -50.35
C ASP B 68 -42.83 -0.02 -51.31
N SER B 69 -43.54 -0.13 -52.43
CA SER B 69 -43.28 -1.18 -53.40
C SER B 69 -41.98 -0.97 -54.17
N ASP B 70 -41.42 0.24 -54.07
CA ASP B 70 -40.11 0.53 -54.64
C ASP B 70 -39.03 0.39 -53.60
N HIS B 71 -39.41 -0.08 -52.41
CA HIS B 71 -38.50 -0.21 -51.28
C HIS B 71 -37.92 1.15 -50.88
N TRP B 72 -38.77 2.17 -50.98
CA TRP B 72 -38.37 3.52 -50.64
C TRP B 72 -39.09 4.02 -49.39
N ALA B 73 -38.34 4.67 -48.51
CA ALA B 73 -38.92 5.36 -47.37
C ALA B 73 -39.29 6.79 -47.76
N PRO B 74 -40.18 7.43 -46.99
CA PRO B 74 -40.58 8.80 -47.33
C PRO B 74 -39.43 9.80 -47.42
N ILE B 75 -38.39 9.65 -46.60
CA ILE B 75 -37.30 10.63 -46.61
C ILE B 75 -36.55 10.61 -47.93
N HIS B 76 -36.58 9.47 -48.60
CA HIS B 76 -35.87 9.33 -49.86
C HIS B 76 -36.55 10.12 -50.98
N TYR B 77 -37.88 10.04 -51.04
CA TYR B 77 -38.64 10.81 -52.00
C TYR B 77 -38.40 12.30 -51.79
N ALA B 78 -38.42 12.71 -50.53
CA ALA B 78 -38.24 14.10 -50.16
C ALA B 78 -36.85 14.58 -50.59
N CYS B 79 -35.85 13.72 -50.45
CA CYS B 79 -34.50 14.09 -50.86
C CYS B 79 -34.37 14.03 -52.38
N TRP B 80 -35.08 13.10 -53.01
CA TRP B 80 -35.09 13.00 -54.46
C TRP B 80 -35.71 14.21 -55.12
N TYR B 81 -36.83 14.68 -54.58
CA TYR B 81 -37.52 15.82 -55.16
C TYR B 81 -37.12 17.14 -54.51
N GLY B 82 -36.07 17.11 -53.70
CA GLY B 82 -35.47 18.31 -53.16
C GLY B 82 -36.43 19.14 -52.34
N LYS B 83 -37.34 18.46 -51.64
CA LYS B 83 -38.32 19.14 -50.81
C LYS B 83 -37.72 19.41 -49.43
N VAL B 84 -37.23 20.62 -49.25
CA VAL B 84 -36.47 20.98 -48.05
C VAL B 84 -37.27 20.81 -46.77
N GLU B 85 -38.44 21.44 -46.71
CA GLU B 85 -39.21 21.44 -45.47
C GLU B 85 -39.74 20.05 -45.14
N ALA B 86 -39.97 19.23 -46.16
CA ALA B 86 -40.44 17.87 -45.95
C ALA B 86 -39.37 17.02 -45.26
N THR B 87 -38.11 17.18 -45.67
CA THR B 87 -37.03 16.43 -45.03
C THR B 87 -36.81 16.92 -43.61
N ARG B 88 -36.97 18.22 -43.41
CA ARG B 88 -36.75 18.82 -42.11
C ARG B 88 -37.71 18.26 -41.07
N ILE B 89 -38.97 18.13 -41.45
CA ILE B 89 -39.98 17.61 -40.54
C ILE B 89 -39.76 16.13 -40.30
N LEU B 90 -39.36 15.41 -41.35
CA LEU B 90 -39.09 13.98 -41.22
C LEU B 90 -37.93 13.72 -40.28
N LEU B 91 -36.91 14.56 -40.32
CA LEU B 91 -35.75 14.41 -39.45
C LEU B 91 -36.02 14.88 -38.02
N GLU B 92 -36.80 15.95 -37.89
CA GLU B 92 -37.04 16.53 -36.57
C GLU B 92 -38.23 15.88 -35.87
N LYS B 93 -39.43 16.20 -36.30
CA LYS B 93 -40.63 15.62 -35.69
C LYS B 93 -40.70 14.12 -35.89
N GLY B 94 -40.42 13.67 -37.10
CA GLY B 94 -40.47 12.25 -37.40
C GLY B 94 -39.33 11.47 -36.80
N LYS B 95 -38.28 12.20 -36.42
CA LYS B 95 -37.08 11.62 -35.82
C LYS B 95 -36.52 10.47 -36.66
N CYS B 96 -36.50 10.67 -37.98
CA CYS B 96 -36.01 9.67 -38.92
C CYS B 96 -34.50 9.53 -38.86
N ASN B 97 -34.01 8.32 -39.08
CA ASN B 97 -32.58 8.07 -39.25
C ASN B 97 -32.06 8.80 -40.48
N PRO B 98 -31.14 9.76 -40.27
CA PRO B 98 -30.62 10.51 -41.42
C PRO B 98 -29.79 9.62 -42.35
N ASN B 99 -29.38 8.47 -41.86
CA ASN B 99 -28.60 7.52 -42.66
C ASN B 99 -29.45 6.35 -43.13
N LEU B 100 -30.76 6.49 -43.02
CA LEU B 100 -31.67 5.39 -43.34
C LEU B 100 -31.53 4.94 -44.78
N LEU B 101 -31.22 3.67 -44.94
CA LEU B 101 -30.90 3.15 -46.26
C LEU B 101 -32.14 2.87 -47.09
N ASN B 102 -31.95 3.01 -48.40
CA ASN B 102 -32.92 2.61 -49.41
C ASN B 102 -33.05 1.10 -49.44
N GLY B 103 -34.00 0.59 -50.22
CA GLY B 103 -34.03 -0.83 -50.51
C GLY B 103 -32.82 -1.20 -51.36
N GLN B 104 -32.38 -0.27 -52.19
CA GLN B 104 -31.20 -0.46 -53.02
C GLN B 104 -29.95 0.10 -52.36
N LEU B 105 -30.03 0.28 -51.04
CA LEU B 105 -28.91 0.65 -50.19
C LEU B 105 -28.32 2.04 -50.46
N SER B 106 -29.17 2.98 -50.85
CA SER B 106 -28.73 4.37 -51.01
C SER B 106 -29.26 5.21 -49.86
N SER B 107 -28.60 6.33 -49.59
CA SER B 107 -28.92 7.14 -48.41
C SER B 107 -29.58 8.46 -48.79
N PRO B 108 -30.24 9.12 -47.84
CA PRO B 108 -30.79 10.45 -48.09
C PRO B 108 -29.73 11.41 -48.58
N LEU B 109 -28.50 11.25 -48.09
CA LEU B 109 -27.40 12.11 -48.50
C LEU B 109 -27.01 11.87 -49.96
N HIS B 110 -27.13 10.64 -50.43
CA HIS B 110 -26.87 10.33 -51.83
C HIS B 110 -27.89 11.05 -52.73
N PHE B 111 -29.15 10.94 -52.37
CA PHE B 111 -30.24 11.55 -53.12
C PHE B 111 -30.19 13.06 -53.02
N ALA B 112 -29.88 13.57 -51.83
CA ALA B 112 -29.77 15.01 -51.64
C ALA B 112 -28.64 15.58 -52.49
N ALA B 113 -27.47 14.98 -52.39
CA ALA B 113 -26.30 15.45 -53.13
C ALA B 113 -26.41 15.14 -54.63
N GLY B 114 -26.93 13.96 -54.96
CA GLY B 114 -27.08 13.54 -56.34
C GLY B 114 -27.94 14.47 -57.15
N GLY B 115 -28.97 15.03 -56.51
CA GLY B 115 -29.86 15.96 -57.17
C GLY B 115 -29.37 17.39 -57.02
N GLY B 116 -28.24 17.56 -56.35
CA GLY B 116 -27.65 18.87 -56.17
C GLY B 116 -28.50 19.80 -55.32
N HIS B 117 -29.18 19.24 -54.33
CA HIS B 117 -30.04 20.01 -53.45
C HIS B 117 -29.28 20.53 -52.24
N ALA B 118 -28.51 21.60 -52.45
CA ALA B 118 -27.62 22.18 -51.45
C ALA B 118 -28.22 22.36 -50.06
N GLU B 119 -29.43 22.92 -49.99
CA GLU B 119 -30.01 23.25 -48.70
C GLU B 119 -30.33 22.00 -47.87
N ILE B 120 -30.68 20.91 -48.54
CA ILE B 120 -30.97 19.65 -47.86
C ILE B 120 -29.66 18.96 -47.45
N VAL B 121 -28.63 19.11 -48.26
CA VAL B 121 -27.33 18.58 -47.92
C VAL B 121 -26.83 19.28 -46.66
N GLN B 122 -27.04 20.58 -46.59
CA GLN B 122 -26.74 21.36 -45.39
C GLN B 122 -27.42 20.77 -44.16
N ILE B 123 -28.70 20.47 -44.30
CA ILE B 123 -29.51 19.96 -43.19
C ILE B 123 -28.98 18.61 -42.70
N LEU B 124 -28.75 17.69 -43.63
CA LEU B 124 -28.24 16.37 -43.29
C LEU B 124 -26.88 16.40 -42.60
N LEU B 125 -26.01 17.31 -43.03
CA LEU B 125 -24.67 17.40 -42.45
C LEU B 125 -24.69 17.97 -41.03
N ASN B 126 -25.76 18.71 -40.71
CA ASN B 126 -25.90 19.30 -39.38
C ASN B 126 -26.53 18.35 -38.38
N HIS B 127 -27.05 17.23 -38.88
CA HIS B 127 -27.62 16.20 -38.01
C HIS B 127 -26.51 15.39 -37.36
N PRO B 128 -26.53 15.29 -36.03
CA PRO B 128 -25.49 14.64 -35.23
C PRO B 128 -25.26 13.18 -35.61
N GLU B 129 -26.31 12.49 -36.00
CA GLU B 129 -26.22 11.06 -36.30
C GLU B 129 -25.76 10.75 -37.72
N THR B 130 -25.59 11.78 -38.55
CA THR B 130 -25.31 11.57 -39.97
C THR B 130 -23.97 10.92 -40.24
N ASP B 131 -23.97 9.95 -41.14
CA ASP B 131 -22.75 9.28 -41.56
C ASP B 131 -22.22 9.92 -42.84
N ARG B 132 -21.16 10.70 -42.72
CA ARG B 132 -20.65 11.43 -43.88
C ARG B 132 -19.73 10.57 -44.74
N HIS B 133 -19.37 9.40 -44.24
CA HIS B 133 -18.52 8.47 -45.00
C HIS B 133 -19.34 7.33 -45.59
N ILE B 134 -20.64 7.55 -45.72
CA ILE B 134 -21.56 6.54 -46.20
C ILE B 134 -21.35 6.25 -47.69
N THR B 135 -21.59 5.01 -48.11
CA THR B 135 -21.45 4.63 -49.52
C THR B 135 -22.67 3.84 -49.99
N ASP B 136 -23.00 3.95 -51.27
CA ASP B 136 -24.17 3.26 -51.80
C ASP B 136 -23.87 1.82 -52.20
N GLN B 137 -24.77 1.23 -52.97
CA GLN B 137 -24.68 -0.20 -53.29
C GLN B 137 -23.45 -0.50 -54.15
N GLN B 138 -22.95 0.53 -54.84
CA GLN B 138 -21.78 0.38 -55.69
C GLN B 138 -20.59 1.18 -55.13
N GLY B 139 -20.57 1.34 -53.81
CA GLY B 139 -19.46 1.98 -53.15
C GLY B 139 -19.22 3.43 -53.54
N ARG B 140 -20.25 4.10 -54.06
CA ARG B 140 -20.09 5.50 -54.44
C ARG B 140 -20.41 6.39 -53.24
N SER B 141 -19.77 7.54 -53.19
CA SER B 141 -20.00 8.50 -52.13
C SER B 141 -21.07 9.48 -52.60
N PRO B 142 -21.68 10.22 -51.65
CA PRO B 142 -22.62 11.26 -52.08
C PRO B 142 -22.00 12.22 -53.08
N LEU B 143 -20.73 12.54 -52.87
CA LEU B 143 -20.00 13.46 -53.75
C LEU B 143 -19.89 12.90 -55.17
N ASN B 144 -19.66 11.60 -55.28
CA ASN B 144 -19.56 10.95 -56.59
C ASN B 144 -20.80 11.15 -57.43
N ILE B 145 -21.96 10.85 -56.85
CA ILE B 145 -23.22 11.06 -57.54
C ILE B 145 -23.41 12.54 -57.84
N CYS B 146 -23.13 13.38 -56.86
CA CYS B 146 -23.25 14.82 -57.03
C CYS B 146 -22.46 15.34 -58.21
N GLU B 147 -21.16 15.07 -58.22
CA GLU B 147 -20.27 15.58 -59.26
C GLU B 147 -20.58 15.00 -60.63
N GLU B 148 -21.17 13.80 -60.65
CA GLU B 148 -21.50 13.16 -61.91
C GLU B 148 -22.75 13.75 -62.57
N ASN B 149 -23.86 13.79 -61.83
CA ASN B 149 -25.13 14.21 -62.41
C ASN B 149 -25.20 15.70 -62.73
N LYS B 150 -24.46 16.50 -61.95
CA LYS B 150 -24.37 17.94 -62.16
C LYS B 150 -25.74 18.61 -62.26
N GLN B 151 -26.66 18.20 -61.40
CA GLN B 151 -28.01 18.75 -61.37
C GLN B 151 -28.12 19.91 -60.38
N ASN B 152 -29.01 20.85 -60.69
CA ASN B 152 -29.33 21.98 -59.83
C ASN B 152 -28.09 22.67 -59.24
N ASN B 153 -28.09 22.88 -57.93
CA ASN B 153 -26.96 23.54 -57.28
C ASN B 153 -25.89 22.55 -56.83
N TRP B 154 -25.48 21.68 -57.74
CA TRP B 154 -24.51 20.62 -57.44
C TRP B 154 -23.16 21.19 -57.04
N GLU B 155 -22.81 22.34 -57.63
CA GLU B 155 -21.53 22.97 -57.34
C GLU B 155 -21.48 23.39 -55.87
N GLU B 156 -22.59 23.92 -55.37
CA GLU B 156 -22.68 24.35 -53.98
C GLU B 156 -22.71 23.14 -53.04
N ALA B 157 -23.48 22.12 -53.43
CA ALA B 157 -23.57 20.89 -52.66
C ALA B 157 -22.20 20.24 -52.53
N ALA B 158 -21.42 20.30 -53.60
CA ALA B 158 -20.08 19.72 -53.59
C ALA B 158 -19.17 20.44 -52.60
N LYS B 159 -19.36 21.74 -52.44
CA LYS B 159 -18.56 22.51 -51.48
C LYS B 159 -18.85 22.05 -50.06
N LEU B 160 -20.13 21.93 -49.72
CA LEU B 160 -20.53 21.53 -48.39
C LEU B 160 -19.98 20.15 -48.03
N LEU B 161 -20.00 19.24 -49.00
CA LEU B 161 -19.50 17.90 -48.78
C LEU B 161 -17.99 17.86 -48.57
N LYS B 162 -17.26 18.67 -49.34
CA LYS B 162 -15.81 18.68 -49.26
C LYS B 162 -15.30 19.29 -47.96
N GLU B 163 -15.89 20.40 -47.54
CA GLU B 163 -15.44 21.09 -46.33
C GLU B 163 -16.20 20.66 -45.08
N ALA B 164 -16.93 19.56 -45.18
CA ALA B 164 -17.57 18.96 -44.01
C ALA B 164 -16.61 17.98 -43.34
N ILE B 165 -15.50 17.68 -44.01
CA ILE B 165 -14.50 16.79 -43.46
C ILE B 165 -13.76 17.51 -42.33
N ASN B 166 -13.71 18.84 -42.42
CA ASN B 166 -13.09 19.66 -41.38
C ASN B 166 -13.84 19.57 -40.05
N LYS B 167 -15.14 19.34 -40.13
CA LYS B 167 -15.98 19.25 -38.94
C LYS B 167 -15.52 18.10 -38.05
N PRO B 168 -15.45 18.35 -36.73
CA PRO B 168 -15.15 17.30 -35.75
C PRO B 168 -16.29 16.30 -35.61
N TYR B 169 -15.95 15.02 -35.44
CA TYR B 169 -16.93 13.97 -35.31
C TYR B 169 -17.75 14.12 -34.03
N GLU B 170 -18.97 13.61 -34.05
CA GLU B 170 -19.78 13.57 -32.83
C GLU B 170 -19.21 12.57 -31.83
N LYS B 171 -19.59 12.73 -30.57
CA LYS B 171 -19.07 11.86 -29.52
C LYS B 171 -20.18 11.22 -28.71
N VAL B 172 -19.99 9.95 -28.38
CA VAL B 172 -20.88 9.21 -27.51
C VAL B 172 -20.16 8.93 -26.20
N ARG B 173 -20.92 8.86 -25.11
CA ARG B 173 -20.34 8.51 -23.82
C ARG B 173 -20.38 7.00 -23.57
N ILE B 174 -19.24 6.42 -23.25
CA ILE B 174 -19.15 5.02 -22.90
C ILE B 174 -18.86 4.86 -21.42
N TYR B 175 -19.85 4.45 -20.64
CA TYR B 175 -19.72 4.41 -19.19
C TYR B 175 -19.08 3.13 -18.66
N ARG B 176 -18.38 3.26 -17.53
CA ARG B 176 -17.90 2.11 -16.77
C ARG B 176 -18.73 1.94 -15.51
N MET B 177 -18.53 0.87 -14.77
CA MET B 177 -19.40 0.59 -13.64
C MET B 177 -19.06 1.43 -12.40
N ASP B 178 -17.98 2.20 -12.47
CA ASP B 178 -17.66 3.11 -11.38
C ASP B 178 -18.35 4.44 -11.61
N GLY B 179 -19.13 4.52 -12.68
CA GLY B 179 -19.89 5.72 -12.99
C GLY B 179 -19.18 6.69 -13.93
N SER B 180 -17.92 6.42 -14.23
CA SER B 180 -17.15 7.28 -15.12
C SER B 180 -17.42 6.95 -16.58
N TYR B 181 -16.82 7.71 -17.48
CA TYR B 181 -17.01 7.46 -18.90
C TYR B 181 -15.89 8.01 -19.78
N ARG B 182 -15.83 7.52 -21.02
CA ARG B 182 -14.93 8.04 -22.04
C ARG B 182 -15.74 8.50 -23.23
N SER B 183 -15.47 9.70 -23.72
CA SER B 183 -16.10 10.19 -24.93
C SER B 183 -15.40 9.59 -26.14
N VAL B 184 -16.14 8.83 -26.94
CA VAL B 184 -15.57 8.18 -28.11
C VAL B 184 -16.08 8.81 -29.39
N GLU B 185 -15.17 9.04 -30.33
CA GLU B 185 -15.52 9.69 -31.59
C GLU B 185 -16.27 8.75 -32.52
N LEU B 186 -17.36 9.24 -33.10
CA LEU B 186 -18.21 8.43 -33.97
C LEU B 186 -17.93 8.70 -35.45
N LYS B 187 -17.07 7.86 -36.03
CA LYS B 187 -16.66 8.01 -37.43
C LYS B 187 -17.84 7.99 -38.39
N HIS B 188 -18.69 6.98 -38.28
CA HIS B 188 -19.81 6.82 -39.20
C HIS B 188 -21.14 7.18 -38.57
N GLY B 189 -21.16 8.22 -37.74
CA GLY B 189 -22.38 8.62 -37.05
C GLY B 189 -23.00 7.44 -36.31
N ASN B 190 -24.29 7.21 -36.52
CA ASN B 190 -24.96 6.11 -35.84
C ASN B 190 -24.80 4.79 -36.58
N ASN B 191 -24.00 4.79 -37.64
CA ASN B 191 -23.65 3.56 -38.33
C ASN B 191 -22.37 2.98 -37.75
N THR B 192 -21.82 3.69 -36.76
CA THR B 192 -20.58 3.27 -36.13
C THR B 192 -20.78 1.95 -35.40
N THR B 193 -19.90 0.99 -35.65
CA THR B 193 -20.06 -0.33 -35.07
C THR B 193 -19.39 -0.39 -33.71
N VAL B 194 -19.71 -1.46 -32.97
CA VAL B 194 -19.10 -1.70 -31.67
C VAL B 194 -17.59 -1.79 -31.81
N GLN B 195 -17.15 -2.59 -32.77
CA GLN B 195 -15.72 -2.75 -33.04
C GLN B 195 -15.04 -1.41 -33.27
N GLN B 196 -15.67 -0.55 -34.05
CA GLN B 196 -15.11 0.77 -34.33
C GLN B 196 -15.09 1.65 -33.08
N ILE B 197 -16.10 1.50 -32.23
CA ILE B 197 -16.14 2.25 -30.98
C ILE B 197 -15.03 1.77 -30.04
N MET B 198 -14.76 0.48 -30.03
CA MET B 198 -13.68 -0.05 -29.21
C MET B 198 -12.32 0.47 -29.61
N GLU B 199 -12.13 0.69 -30.92
CA GLU B 199 -10.88 1.26 -31.41
C GLU B 199 -10.75 2.69 -30.88
N GLY B 200 -11.89 3.31 -30.61
CA GLY B 200 -11.92 4.66 -30.06
C GLY B 200 -11.64 4.66 -28.57
N MET B 201 -11.85 3.52 -27.94
CA MET B 201 -11.47 3.34 -26.54
C MET B 201 -9.96 3.24 -26.52
N ARG B 202 -9.32 4.05 -25.69
CA ARG B 202 -7.86 4.11 -25.69
C ARG B 202 -7.28 2.91 -24.95
N LEU B 203 -7.62 1.72 -25.42
CA LEU B 203 -7.21 0.47 -24.79
C LEU B 203 -6.24 -0.32 -25.65
N SER B 204 -5.16 -0.81 -25.03
CA SER B 204 -4.17 -1.65 -25.71
C SER B 204 -4.83 -2.92 -26.18
N GLN B 205 -4.13 -3.69 -27.01
CA GLN B 205 -4.71 -4.89 -27.61
C GLN B 205 -4.98 -5.94 -26.53
N GLU B 206 -4.18 -5.91 -25.47
CA GLU B 206 -4.32 -6.83 -24.36
C GLU B 206 -5.41 -6.39 -23.38
N THR B 207 -5.52 -5.08 -23.18
CA THR B 207 -6.56 -4.55 -22.30
C THR B 207 -7.93 -4.64 -22.97
N GLN B 208 -7.93 -4.97 -24.26
CA GLN B 208 -9.17 -4.94 -25.05
C GLN B 208 -9.88 -6.29 -25.11
N GLN B 209 -9.15 -7.37 -24.90
CA GLN B 209 -9.69 -8.71 -25.10
C GLN B 209 -10.64 -9.13 -23.99
N TYR B 210 -10.68 -8.34 -22.92
CA TYR B 210 -11.48 -8.69 -21.77
C TYR B 210 -12.89 -8.11 -21.82
N PHE B 211 -13.05 -7.06 -22.63
CA PHE B 211 -14.29 -6.29 -22.59
C PHE B 211 -14.95 -6.12 -23.96
N THR B 212 -16.18 -5.62 -23.93
CA THR B 212 -16.88 -5.21 -25.13
C THR B 212 -18.00 -4.26 -24.74
N ILE B 213 -18.79 -3.81 -25.71
CA ILE B 213 -19.82 -2.81 -25.45
C ILE B 213 -21.16 -3.42 -25.10
N TRP B 214 -21.77 -2.91 -24.03
CA TRP B 214 -23.10 -3.31 -23.63
C TRP B 214 -24.04 -2.11 -23.73
N ILE B 215 -25.29 -2.35 -24.11
CA ILE B 215 -26.30 -1.32 -24.00
C ILE B 215 -27.21 -1.65 -22.82
N CYS B 216 -27.37 -0.70 -21.91
CA CYS B 216 -28.02 -0.99 -20.64
C CYS B 216 -28.94 0.11 -20.13
N SER B 217 -30.17 -0.25 -19.82
CA SER B 217 -31.02 0.62 -19.02
C SER B 217 -31.07 0.05 -17.62
N GLU B 218 -31.85 0.66 -16.74
CA GLU B 218 -31.88 0.27 -15.33
C GLU B 218 -32.21 -1.22 -15.15
N ASN B 219 -33.08 -1.74 -16.00
CA ASN B 219 -33.57 -3.11 -15.85
C ASN B 219 -33.44 -3.99 -17.08
N LEU B 220 -32.52 -3.64 -17.99
CA LEU B 220 -32.17 -4.51 -19.09
C LEU B 220 -30.75 -4.25 -19.58
N SER B 221 -29.94 -5.30 -19.62
CA SER B 221 -28.58 -5.19 -20.15
C SER B 221 -28.34 -6.22 -21.24
N LEU B 222 -27.81 -5.76 -22.37
CA LEU B 222 -27.52 -6.63 -23.49
C LEU B 222 -26.08 -6.44 -23.94
N GLN B 223 -25.36 -7.54 -24.13
CA GLN B 223 -24.03 -7.47 -24.71
C GLN B 223 -24.13 -7.46 -26.23
N LEU B 224 -23.53 -6.45 -26.84
CA LEU B 224 -23.62 -6.29 -28.29
C LEU B 224 -22.51 -7.05 -29.00
N LYS B 225 -22.77 -7.35 -30.27
CA LYS B 225 -21.79 -8.01 -31.12
C LYS B 225 -20.91 -6.95 -31.79
N PRO B 226 -19.71 -7.34 -32.25
CA PRO B 226 -18.79 -6.36 -32.82
C PRO B 226 -19.35 -5.59 -34.02
N TYR B 227 -20.27 -6.19 -34.76
CA TYR B 227 -20.80 -5.58 -35.96
C TYR B 227 -22.06 -4.75 -35.69
N HIS B 228 -22.62 -4.85 -34.50
CA HIS B 228 -23.82 -4.09 -34.15
C HIS B 228 -23.54 -2.60 -34.09
N LYS B 229 -24.60 -1.82 -34.29
CA LYS B 229 -24.49 -0.37 -34.23
C LYS B 229 -25.19 0.12 -32.98
N PRO B 230 -24.41 0.40 -31.92
CA PRO B 230 -24.93 0.70 -30.60
C PRO B 230 -26.01 1.79 -30.60
N LEU B 231 -25.81 2.84 -31.37
CA LEU B 231 -26.73 3.98 -31.34
C LEU B 231 -28.01 3.68 -32.11
N GLN B 232 -28.02 2.58 -32.86
CA GLN B 232 -29.25 2.14 -33.49
C GLN B 232 -30.08 1.43 -32.45
N HIS B 233 -29.40 0.69 -31.59
CA HIS B 233 -30.07 0.01 -30.49
C HIS B 233 -30.62 1.03 -29.49
N VAL B 234 -29.86 2.09 -29.28
CA VAL B 234 -30.32 3.17 -28.40
C VAL B 234 -31.58 3.79 -28.99
N ARG B 235 -31.53 4.06 -30.29
CA ARG B 235 -32.68 4.56 -31.03
C ARG B 235 -33.88 3.62 -30.91
N ASP B 236 -33.65 2.34 -31.16
CA ASP B 236 -34.74 1.37 -31.19
C ASP B 236 -35.03 0.79 -29.82
N TRP B 237 -34.55 1.46 -28.77
CA TRP B 237 -34.65 0.91 -27.43
C TRP B 237 -36.09 0.67 -26.96
N PRO B 238 -37.02 1.61 -27.22
CA PRO B 238 -38.40 1.31 -26.85
C PRO B 238 -38.95 0.05 -27.52
N GLU B 239 -38.51 -0.22 -28.74
CA GLU B 239 -38.97 -1.38 -29.50
C GLU B 239 -38.30 -2.65 -29.00
N ILE B 240 -37.06 -2.51 -28.56
CA ILE B 240 -36.29 -3.63 -28.05
C ILE B 240 -36.87 -4.09 -26.70
N LEU B 241 -37.20 -3.11 -25.87
CA LEU B 241 -37.86 -3.38 -24.60
C LEU B 241 -39.18 -4.11 -24.83
N ALA B 242 -39.89 -3.71 -25.88
CA ALA B 242 -41.17 -4.30 -26.20
C ALA B 242 -41.04 -5.76 -26.61
N GLU B 243 -39.96 -6.08 -27.31
CA GLU B 243 -39.74 -7.44 -27.78
C GLU B 243 -39.29 -8.37 -26.65
N LEU B 244 -38.46 -7.85 -25.75
CA LEU B 244 -37.80 -8.68 -24.76
C LEU B 244 -38.40 -8.60 -23.35
N THR B 245 -39.07 -7.50 -23.03
CA THR B 245 -39.61 -7.31 -21.67
C THR B 245 -41.03 -6.81 -21.66
N ASN B 246 -41.56 -6.61 -20.45
CA ASN B 246 -42.86 -5.96 -20.27
C ASN B 246 -42.67 -4.65 -19.52
N LEU B 247 -41.55 -3.99 -19.80
CA LEU B 247 -41.18 -2.75 -19.13
C LEU B 247 -41.73 -1.52 -19.84
N ASP B 248 -41.85 -0.44 -19.07
CA ASP B 248 -42.32 0.85 -19.55
C ASP B 248 -41.14 1.58 -20.19
N PRO B 249 -41.21 1.80 -21.52
CA PRO B 249 -40.13 2.43 -22.28
C PRO B 249 -39.78 3.81 -21.76
N GLN B 250 -40.74 4.51 -21.19
CA GLN B 250 -40.53 5.86 -20.69
C GLN B 250 -39.88 5.88 -19.31
N ARG B 251 -39.72 4.70 -18.71
CA ARG B 251 -39.09 4.61 -17.40
C ARG B 251 -37.78 3.87 -17.49
N GLU B 252 -37.35 3.58 -18.71
CA GLU B 252 -36.03 2.99 -18.93
C GLU B 252 -35.24 3.87 -19.88
N THR B 253 -34.01 4.19 -19.50
CA THR B 253 -33.15 5.03 -20.33
C THR B 253 -31.82 4.35 -20.58
N PRO B 254 -31.54 3.99 -21.83
CA PRO B 254 -30.36 3.22 -22.21
C PRO B 254 -29.10 4.06 -22.25
N GLN B 255 -27.97 3.46 -21.92
CA GLN B 255 -26.67 4.08 -22.09
C GLN B 255 -25.68 3.01 -22.50
N LEU B 256 -24.55 3.41 -23.07
CA LEU B 256 -23.55 2.45 -23.50
C LEU B 256 -22.50 2.22 -22.42
N PHE B 257 -22.16 0.95 -22.20
CA PHE B 257 -21.22 0.60 -21.14
C PHE B 257 -20.04 -0.22 -21.64
N LEU B 258 -18.87 0.01 -21.06
CA LEU B 258 -17.78 -0.94 -21.18
C LEU B 258 -17.90 -1.96 -20.07
N ARG B 259 -17.93 -3.23 -20.45
CA ARG B 259 -18.22 -4.28 -19.49
C ARG B 259 -17.58 -5.58 -19.94
N ARG B 260 -17.38 -6.48 -19.00
CA ARG B 260 -16.74 -7.77 -19.26
C ARG B 260 -17.47 -8.54 -20.34
N ASP B 261 -16.69 -9.12 -21.25
CA ASP B 261 -17.23 -10.00 -22.28
C ASP B 261 -17.77 -11.23 -21.59
N VAL B 262 -19.05 -11.51 -21.77
CA VAL B 262 -19.68 -12.65 -21.11
C VAL B 262 -19.05 -13.96 -21.57
N ARG B 263 -18.37 -13.91 -22.71
CA ARG B 263 -17.70 -15.07 -23.30
C ARG B 263 -16.31 -15.32 -22.74
N LEU B 264 -15.80 -14.36 -21.96
CA LEU B 264 -14.44 -14.44 -21.43
C LEU B 264 -14.24 -15.67 -20.55
N PRO B 265 -13.37 -16.59 -20.98
CA PRO B 265 -13.11 -17.81 -20.22
C PRO B 265 -12.41 -17.51 -18.91
N LEU B 266 -12.81 -18.20 -17.85
CA LEU B 266 -12.26 -17.97 -16.52
C LEU B 266 -10.78 -18.29 -16.47
N GLU B 267 -10.38 -19.25 -17.32
CA GLU B 267 -8.99 -19.68 -17.39
C GLU B 267 -8.12 -18.58 -17.97
N VAL B 268 -8.71 -17.77 -18.83
CA VAL B 268 -8.01 -16.65 -19.44
C VAL B 268 -7.89 -15.47 -18.48
N GLU B 269 -8.97 -15.23 -17.73
CA GLU B 269 -9.01 -14.11 -16.80
C GLU B 269 -8.00 -14.28 -15.68
N LYS B 270 -7.74 -15.52 -15.27
CA LYS B 270 -6.81 -15.78 -14.18
C LYS B 270 -5.37 -15.40 -14.56
N GLN B 271 -5.08 -15.40 -15.87
CA GLN B 271 -3.75 -15.07 -16.36
C GLN B 271 -3.52 -13.55 -16.41
N ILE B 272 -4.57 -12.78 -16.15
CA ILE B 272 -4.51 -11.33 -16.31
C ILE B 272 -3.42 -10.68 -15.47
N GLU B 273 -2.79 -9.64 -16.02
CA GLU B 273 -1.74 -8.93 -15.31
C GLU B 273 -1.74 -7.43 -15.59
N ASP B 274 -2.68 -6.98 -16.40
CA ASP B 274 -2.70 -5.56 -16.78
C ASP B 274 -3.47 -4.71 -15.79
N PRO B 275 -2.77 -3.75 -15.16
CA PRO B 275 -3.32 -2.84 -14.14
C PRO B 275 -4.69 -2.23 -14.50
N LEU B 276 -4.85 -1.73 -15.73
CA LEU B 276 -6.11 -1.13 -16.14
C LEU B 276 -7.22 -2.18 -16.26
N ALA B 277 -6.90 -3.28 -16.92
CA ALA B 277 -7.86 -4.38 -17.07
C ALA B 277 -8.29 -4.92 -15.70
N ILE B 278 -7.36 -4.90 -14.74
CA ILE B 278 -7.69 -5.27 -13.38
C ILE B 278 -8.71 -4.30 -12.80
N LEU B 279 -8.42 -3.00 -12.93
CA LEU B 279 -9.27 -1.95 -12.37
C LEU B 279 -10.69 -2.01 -12.92
N ILE B 280 -10.83 -2.22 -14.22
CA ILE B 280 -12.13 -2.24 -14.85
C ILE B 280 -12.95 -3.45 -14.42
N LEU B 281 -12.32 -4.63 -14.44
CA LEU B 281 -12.97 -5.83 -13.95
C LEU B 281 -13.29 -5.71 -12.47
N PHE B 282 -12.38 -5.11 -11.72
CA PHE B 282 -12.56 -4.94 -10.28
C PHE B 282 -13.80 -4.10 -9.99
N ASP B 283 -13.88 -2.92 -10.61
CA ASP B 283 -15.00 -2.03 -10.40
C ASP B 283 -16.31 -2.71 -10.78
N GLU B 284 -16.28 -3.57 -11.79
CA GLU B 284 -17.48 -4.28 -12.20
C GLU B 284 -17.82 -5.37 -11.19
N ALA B 285 -16.80 -6.02 -10.65
CA ALA B 285 -17.02 -7.03 -9.62
C ALA B 285 -17.64 -6.40 -8.38
N ARG B 286 -17.05 -5.30 -7.92
CA ARG B 286 -17.56 -4.62 -6.74
C ARG B 286 -18.99 -4.15 -6.93
N TYR B 287 -19.31 -3.64 -8.11
CA TYR B 287 -20.66 -3.19 -8.41
C TYR B 287 -21.63 -4.35 -8.25
N ASN B 288 -21.32 -5.49 -8.85
CA ASN B 288 -22.21 -6.64 -8.77
C ASN B 288 -22.32 -7.14 -7.34
N LEU B 289 -21.22 -7.08 -6.59
CA LEU B 289 -21.22 -7.50 -5.20
C LEU B 289 -22.21 -6.65 -4.43
N LEU B 290 -22.08 -5.34 -4.53
CA LEU B 290 -22.88 -4.42 -3.74
C LEU B 290 -24.37 -4.49 -4.07
N LYS B 291 -24.70 -4.83 -5.31
CA LYS B 291 -26.11 -4.93 -5.70
C LYS B 291 -26.70 -6.25 -5.27
N GLY B 292 -25.86 -7.18 -4.84
CA GLY B 292 -26.32 -8.42 -4.26
C GLY B 292 -26.32 -9.61 -5.20
N PHE B 293 -25.71 -9.44 -6.37
CA PHE B 293 -25.72 -10.49 -7.38
C PHE B 293 -24.72 -11.61 -7.10
N TYR B 294 -23.84 -11.40 -6.13
CA TYR B 294 -22.87 -12.43 -5.76
C TYR B 294 -23.27 -13.11 -4.45
N THR B 295 -23.69 -14.37 -4.55
CA THR B 295 -24.11 -15.14 -3.38
C THR B 295 -22.95 -15.95 -2.81
N ALA B 296 -22.71 -15.80 -1.52
CA ALA B 296 -21.58 -16.45 -0.87
C ALA B 296 -21.77 -16.50 0.64
N PRO B 297 -21.13 -17.49 1.30
CA PRO B 297 -21.15 -17.56 2.76
C PRO B 297 -20.61 -16.30 3.40
N ASP B 298 -20.99 -16.05 4.65
CA ASP B 298 -20.64 -14.82 5.34
C ASP B 298 -19.14 -14.61 5.43
N ALA B 299 -18.39 -15.71 5.60
CA ALA B 299 -16.94 -15.62 5.70
C ALA B 299 -16.32 -15.00 4.46
N LYS B 300 -16.83 -15.39 3.29
CA LYS B 300 -16.35 -14.86 2.02
C LYS B 300 -16.69 -13.39 1.88
N LEU B 301 -17.94 -13.04 2.20
CA LEU B 301 -18.39 -11.66 2.09
C LEU B 301 -17.62 -10.78 3.04
N ILE B 302 -17.18 -11.34 4.16
CA ILE B 302 -16.38 -10.62 5.13
C ILE B 302 -14.96 -10.40 4.59
N THR B 303 -14.39 -11.45 4.02
CA THR B 303 -13.07 -11.37 3.41
C THR B 303 -13.03 -10.27 2.35
N LEU B 304 -14.09 -10.20 1.54
CA LEU B 304 -14.19 -9.21 0.49
C LEU B 304 -14.28 -7.81 1.08
N ALA B 305 -15.09 -7.67 2.12
CA ALA B 305 -15.26 -6.37 2.77
C ALA B 305 -13.93 -5.85 3.31
N SER B 306 -13.13 -6.75 3.86
CA SER B 306 -11.82 -6.35 4.38
C SER B 306 -10.93 -5.88 3.25
N LEU B 307 -10.97 -6.58 2.13
CA LEU B 307 -10.17 -6.19 0.97
C LEU B 307 -10.56 -4.82 0.45
N LEU B 308 -11.87 -4.53 0.45
CA LEU B 308 -12.35 -3.23 0.00
C LEU B 308 -11.87 -2.11 0.91
N LEU B 309 -11.81 -2.36 2.21
CA LEU B 309 -11.34 -1.37 3.16
C LEU B 309 -9.88 -1.04 2.93
N GLN B 310 -9.06 -2.07 2.67
CA GLN B 310 -7.65 -1.88 2.39
C GLN B 310 -7.45 -1.14 1.07
N ILE B 311 -8.25 -1.48 0.08
CA ILE B 311 -8.15 -0.87 -1.23
C ILE B 311 -8.54 0.60 -1.19
N VAL B 312 -9.58 0.93 -0.44
CA VAL B 312 -10.08 2.30 -0.38
C VAL B 312 -9.30 3.15 0.61
N TYR B 313 -9.09 2.63 1.83
CA TYR B 313 -8.52 3.45 2.90
C TYR B 313 -7.04 3.22 3.17
N GLY B 314 -6.42 2.28 2.46
CA GLY B 314 -5.03 1.95 2.71
C GLY B 314 -4.88 1.16 4.00
N ASN B 315 -3.71 1.22 4.61
CA ASN B 315 -3.44 0.49 5.84
C ASN B 315 -4.31 0.95 7.01
N TYR B 316 -4.62 0.02 7.91
CA TYR B 316 -5.41 0.33 9.09
C TYR B 316 -4.64 1.19 10.08
N GLU B 317 -5.31 2.20 10.62
CA GLU B 317 -4.72 3.04 11.67
C GLU B 317 -5.68 3.11 12.84
N SER B 318 -5.14 2.89 14.04
CA SER B 318 -5.95 2.66 15.23
C SER B 318 -6.89 3.80 15.60
N LYS B 319 -6.47 5.05 15.35
CA LYS B 319 -7.29 6.19 15.71
C LYS B 319 -8.52 6.35 14.80
N LYS B 320 -8.34 6.04 13.52
CA LYS B 320 -9.38 6.27 12.52
C LYS B 320 -10.50 5.22 12.52
N HIS B 321 -10.13 3.95 12.50
CA HIS B 321 -11.08 2.89 12.16
C HIS B 321 -11.51 2.00 13.33
N LYS B 322 -11.03 2.30 14.54
CA LYS B 322 -11.21 1.41 15.68
C LYS B 322 -12.66 1.06 15.99
N GLN B 323 -13.42 2.01 16.55
CA GLN B 323 -14.76 1.73 17.03
C GLN B 323 -15.81 2.67 16.44
N GLY B 324 -17.00 2.13 16.18
CA GLY B 324 -18.10 2.90 15.64
C GLY B 324 -17.85 3.31 14.20
N PHE B 325 -16.77 2.79 13.62
CA PHE B 325 -16.33 3.17 12.30
C PHE B 325 -17.22 2.57 11.22
N LEU B 326 -17.42 1.27 11.30
CA LEU B 326 -18.25 0.57 10.34
C LEU B 326 -19.73 0.70 10.65
N ASN B 327 -20.29 1.88 10.41
CA ASN B 327 -21.74 2.05 10.55
C ASN B 327 -22.40 1.92 9.19
N GLU B 328 -23.72 2.04 9.16
CA GLU B 328 -24.50 1.92 7.94
C GLU B 328 -23.89 2.65 6.75
N GLU B 329 -23.40 3.86 6.98
CA GLU B 329 -23.01 4.75 5.90
C GLU B 329 -21.82 4.25 5.08
N ASN B 330 -20.80 3.70 5.73
CA ASN B 330 -19.66 3.20 4.98
C ASN B 330 -19.57 1.67 5.01
N LEU B 331 -20.52 1.03 5.67
CA LEU B 331 -20.68 -0.41 5.53
C LEU B 331 -21.30 -0.69 4.17
N LYS B 332 -22.16 0.23 3.72
CA LYS B 332 -22.93 0.02 2.50
C LYS B 332 -22.04 -0.04 1.27
N SER B 333 -20.82 0.46 1.37
CA SER B 333 -19.89 0.44 0.24
C SER B 333 -18.94 -0.77 0.26
N ILE B 334 -19.10 -1.68 1.21
CA ILE B 334 -18.23 -2.86 1.26
C ILE B 334 -18.98 -4.18 1.46
N VAL B 335 -20.29 -4.10 1.71
CA VAL B 335 -21.09 -5.32 1.83
C VAL B 335 -22.30 -5.26 0.89
N PRO B 336 -22.82 -6.43 0.50
CA PRO B 336 -24.04 -6.50 -0.30
C PRO B 336 -25.21 -5.76 0.33
N VAL B 337 -25.95 -5.00 -0.46
CA VAL B 337 -27.12 -4.29 0.05
C VAL B 337 -28.13 -5.26 0.66
N THR B 338 -28.10 -6.50 0.20
CA THR B 338 -29.01 -7.52 0.69
C THR B 338 -28.65 -8.00 2.10
N LYS B 339 -27.48 -7.60 2.59
CA LYS B 339 -27.03 -8.01 3.91
C LYS B 339 -26.91 -6.83 4.86
N LEU B 340 -27.20 -5.64 4.35
CA LEU B 340 -26.88 -4.40 5.05
C LEU B 340 -27.76 -4.14 6.28
N LYS B 341 -29.00 -4.59 6.25
CA LYS B 341 -29.94 -4.29 7.34
C LYS B 341 -29.83 -5.28 8.49
N SER B 342 -29.89 -6.57 8.17
CA SER B 342 -30.00 -7.61 9.20
C SER B 342 -28.70 -8.34 9.53
N LYS B 343 -27.87 -8.58 8.54
CA LYS B 343 -26.67 -9.43 8.70
C LYS B 343 -25.37 -8.66 8.95
N ALA B 344 -25.10 -7.65 8.13
CA ALA B 344 -23.83 -6.92 8.21
C ALA B 344 -23.49 -6.26 9.57
N PRO B 345 -24.49 -5.69 10.28
CA PRO B 345 -24.12 -5.10 11.58
C PRO B 345 -23.45 -6.07 12.57
N HIS B 346 -23.50 -7.37 12.28
CA HIS B 346 -22.87 -8.36 13.14
C HIS B 346 -21.64 -8.99 12.50
N TRP B 347 -21.04 -8.28 11.54
CA TRP B 347 -19.81 -8.74 10.90
C TRP B 347 -18.64 -7.83 11.21
N THR B 348 -18.94 -6.70 11.83
CA THR B 348 -18.00 -5.59 11.94
C THR B 348 -16.67 -5.93 12.60
N ASN B 349 -16.69 -6.82 13.58
CA ASN B 349 -15.45 -7.17 14.28
C ASN B 349 -14.60 -8.16 13.49
N ARG B 350 -15.25 -9.10 12.82
CA ARG B 350 -14.54 -10.03 11.95
C ARG B 350 -13.97 -9.29 10.75
N ILE B 351 -14.68 -8.28 10.28
CA ILE B 351 -14.20 -7.47 9.18
C ILE B 351 -12.99 -6.65 9.61
N LEU B 352 -13.09 -6.00 10.76
CA LEU B 352 -11.99 -5.17 11.27
C LEU B 352 -10.74 -5.99 11.52
N HIS B 353 -10.90 -7.23 11.94
CA HIS B 353 -9.76 -8.10 12.21
C HIS B 353 -8.98 -8.43 10.95
N GLU B 354 -9.69 -8.86 9.91
CA GLU B 354 -9.03 -9.29 8.69
C GLU B 354 -8.42 -8.10 7.96
N TYR B 355 -9.00 -6.92 8.19
CA TYR B 355 -8.47 -5.69 7.65
C TYR B 355 -7.13 -5.36 8.30
N LYS B 356 -7.03 -5.54 9.61
CA LYS B 356 -5.77 -5.32 10.30
C LYS B 356 -4.68 -6.26 9.80
N ASN B 357 -5.07 -7.49 9.45
CA ASN B 357 -4.09 -8.49 9.00
C ASN B 357 -3.57 -8.23 7.59
N LEU B 358 -4.34 -7.51 6.79
CA LEU B 358 -3.91 -7.14 5.45
C LEU B 358 -2.81 -6.09 5.53
N SER B 359 -2.99 -5.13 6.42
CA SER B 359 -2.02 -4.07 6.63
C SER B 359 -0.68 -4.63 7.08
N THR B 360 -0.75 -5.71 7.87
CA THR B 360 0.44 -6.40 8.35
C THR B 360 0.38 -7.89 8.04
N SER B 365 0.39 -7.77 0.73
CA SER B 365 0.49 -7.08 -0.55
C SER B 365 0.41 -5.56 -0.38
N LYS B 366 0.77 -4.82 -1.43
CA LYS B 366 0.85 -3.37 -1.36
C LYS B 366 0.25 -2.68 -2.58
N GLU B 367 0.78 -3.00 -3.76
CA GLU B 367 0.39 -2.33 -5.00
C GLU B 367 -1.10 -2.47 -5.30
N MET B 368 -1.67 -1.41 -5.88
CA MET B 368 -3.11 -1.32 -6.08
C MET B 368 -3.71 -2.44 -6.93
N HIS B 369 -3.03 -2.82 -8.00
CA HIS B 369 -3.57 -3.85 -8.88
C HIS B 369 -3.36 -5.24 -8.31
N HIS B 370 -2.43 -5.38 -7.37
CA HIS B 370 -2.25 -6.64 -6.68
C HIS B 370 -3.40 -6.87 -5.73
N LEU B 371 -3.81 -5.81 -5.03
CA LEU B 371 -4.93 -5.87 -4.09
C LEU B 371 -6.24 -6.14 -4.81
N GLN B 372 -6.47 -5.42 -5.90
CA GLN B 372 -7.70 -5.57 -6.67
C GLN B 372 -7.77 -6.96 -7.30
N ARG B 373 -6.62 -7.53 -7.62
CA ARG B 373 -6.59 -8.88 -8.18
C ARG B 373 -7.02 -9.90 -7.13
N MET B 374 -6.61 -9.68 -5.89
CA MET B 374 -7.01 -10.56 -4.79
C MET B 374 -8.51 -10.52 -4.61
N PHE B 375 -9.07 -9.33 -4.74
CA PHE B 375 -10.52 -9.16 -4.70
C PHE B 375 -11.17 -10.02 -5.78
N LEU B 376 -10.63 -9.94 -6.99
CA LEU B 376 -11.17 -10.72 -8.08
C LEU B 376 -10.98 -12.21 -7.84
N GLN B 377 -9.85 -12.58 -7.23
CA GLN B 377 -9.57 -13.97 -6.92
C GLN B 377 -10.66 -14.57 -6.03
N ASN B 378 -11.14 -13.78 -5.07
CA ASN B 378 -12.21 -14.25 -4.19
C ASN B 378 -13.55 -14.31 -4.91
N CYS B 379 -13.71 -13.48 -5.94
CA CYS B 379 -14.95 -13.46 -6.70
C CYS B 379 -15.04 -14.60 -7.70
N TRP B 380 -13.91 -15.02 -8.27
CA TRP B 380 -13.90 -16.03 -9.32
C TRP B 380 -14.57 -17.33 -8.93
N GLU B 381 -14.50 -17.70 -7.66
CA GLU B 381 -15.09 -18.95 -7.24
C GLU B 381 -16.60 -18.83 -7.01
N ILE B 382 -17.11 -17.61 -7.02
CA ILE B 382 -18.55 -17.39 -6.86
C ILE B 382 -19.30 -17.91 -8.08
N PRO B 383 -20.39 -18.67 -7.85
CA PRO B 383 -21.18 -19.30 -8.92
C PRO B 383 -21.63 -18.36 -10.04
N THR B 384 -22.12 -17.18 -9.68
CA THR B 384 -22.71 -16.28 -10.67
C THR B 384 -21.74 -15.22 -11.18
N TYR B 385 -20.44 -15.45 -11.09
CA TYR B 385 -19.47 -14.45 -11.53
C TYR B 385 -19.47 -14.28 -13.03
N GLY B 386 -19.41 -13.04 -13.49
CA GLY B 386 -19.30 -12.71 -14.90
C GLY B 386 -20.55 -13.05 -15.68
N ALA B 387 -21.65 -13.26 -14.97
CA ALA B 387 -22.89 -13.69 -15.58
C ALA B 387 -23.67 -12.53 -16.17
N ALA B 388 -24.34 -12.79 -17.28
CA ALA B 388 -25.34 -11.88 -17.80
C ALA B 388 -26.66 -12.25 -17.14
N PHE B 389 -27.47 -11.26 -16.79
CA PHE B 389 -28.72 -11.55 -16.09
C PHE B 389 -29.93 -11.22 -16.93
N PHE B 390 -30.91 -12.13 -16.89
CA PHE B 390 -32.17 -11.96 -17.59
C PHE B 390 -33.32 -12.05 -16.58
N THR B 391 -34.48 -11.53 -16.96
CA THR B 391 -35.62 -11.54 -16.05
C THR B 391 -36.69 -12.51 -16.53
N GLY B 392 -37.31 -13.22 -15.58
CA GLY B 392 -38.35 -14.17 -15.91
C GLY B 392 -39.22 -14.54 -14.71
N GLN B 393 -40.06 -15.55 -14.89
CA GLN B 393 -40.94 -16.02 -13.82
C GLN B 393 -41.02 -17.54 -13.82
N ILE B 394 -41.23 -18.13 -12.65
CA ILE B 394 -41.51 -19.56 -12.57
C ILE B 394 -42.86 -19.77 -11.88
N PHE B 395 -43.52 -20.87 -12.20
CA PHE B 395 -44.91 -21.09 -11.76
C PHE B 395 -45.11 -22.32 -10.89
N THR B 396 -44.53 -22.33 -9.70
CA THR B 396 -44.72 -23.45 -8.79
C THR B 396 -45.78 -23.12 -7.74
N VAL B 405 -46.21 -17.87 -8.13
CA VAL B 405 -45.52 -17.16 -9.19
C VAL B 405 -44.28 -16.43 -8.66
N ILE B 406 -43.11 -17.05 -8.84
CA ILE B 406 -41.86 -16.47 -8.37
C ILE B 406 -41.09 -15.76 -9.47
N PRO B 407 -40.86 -14.44 -9.31
CA PRO B 407 -40.03 -13.71 -10.25
C PRO B 407 -38.55 -13.99 -10.01
N VAL B 408 -37.82 -14.36 -11.05
CA VAL B 408 -36.44 -14.78 -10.89
C VAL B 408 -35.48 -14.07 -11.84
N TYR B 409 -34.28 -13.75 -11.36
CA TYR B 409 -33.19 -13.36 -12.25
C TYR B 409 -32.56 -14.62 -12.82
N VAL B 410 -32.37 -14.65 -14.13
CA VAL B 410 -31.71 -15.78 -14.77
C VAL B 410 -30.31 -15.37 -15.17
N GLY B 411 -29.32 -15.92 -14.49
CA GLY B 411 -27.94 -15.61 -14.76
C GLY B 411 -27.29 -16.68 -15.61
N VAL B 412 -26.58 -16.26 -16.65
CA VAL B 412 -25.88 -17.20 -17.50
C VAL B 412 -24.42 -16.76 -17.61
N ASN B 413 -23.51 -17.66 -17.25
CA ASN B 413 -22.09 -17.38 -17.41
C ASN B 413 -21.31 -18.55 -17.96
N ILE B 414 -19.99 -18.41 -18.02
CA ILE B 414 -19.13 -19.46 -18.53
C ILE B 414 -19.13 -20.70 -17.64
N LYS B 415 -19.81 -20.62 -16.50
CA LYS B 415 -19.90 -21.73 -15.57
C LYS B 415 -21.18 -22.55 -15.76
N GLY B 416 -22.29 -21.88 -16.03
CA GLY B 416 -23.57 -22.54 -16.22
C GLY B 416 -24.76 -21.62 -16.05
N LEU B 417 -25.88 -22.18 -15.59
CA LEU B 417 -27.10 -21.40 -15.38
C LEU B 417 -27.38 -21.23 -13.88
N HIS B 418 -27.93 -20.08 -13.52
CA HIS B 418 -28.19 -19.78 -12.11
C HIS B 418 -29.46 -18.97 -11.97
N LEU B 419 -30.28 -19.31 -10.97
CA LEU B 419 -31.51 -18.58 -10.70
C LEU B 419 -31.46 -17.84 -9.38
N LEU B 420 -31.78 -16.55 -9.41
CA LEU B 420 -31.90 -15.77 -8.19
C LEU B 420 -33.35 -15.34 -7.98
N ASN B 421 -33.82 -15.39 -6.74
CA ASN B 421 -35.09 -14.77 -6.41
C ASN B 421 -34.95 -13.28 -6.63
N MET B 422 -35.84 -12.69 -7.40
CA MET B 422 -35.61 -11.33 -7.88
C MET B 422 -35.55 -10.28 -6.77
N GLU B 423 -36.38 -10.42 -5.74
CA GLU B 423 -36.38 -9.44 -4.65
C GLU B 423 -35.26 -9.68 -3.65
N THR B 424 -35.11 -10.93 -3.24
CA THR B 424 -34.15 -11.30 -2.21
C THR B 424 -32.74 -11.56 -2.74
N LYS B 425 -32.62 -11.74 -4.05
CA LYS B 425 -31.35 -12.08 -4.71
C LYS B 425 -30.81 -13.44 -4.25
N ALA B 426 -31.64 -14.20 -3.54
CA ALA B 426 -31.26 -15.51 -3.04
C ALA B 426 -31.05 -16.53 -4.16
N LEU B 427 -30.01 -17.34 -4.05
CA LEU B 427 -29.70 -18.34 -5.06
C LEU B 427 -30.62 -19.54 -4.95
N LEU B 428 -31.58 -19.63 -5.86
CA LEU B 428 -32.55 -20.72 -5.86
C LEU B 428 -31.96 -21.99 -6.47
N ILE B 429 -31.21 -21.83 -7.56
CA ILE B 429 -30.67 -22.96 -8.31
C ILE B 429 -29.39 -22.57 -9.03
N SER B 430 -28.37 -23.42 -8.95
CA SER B 430 -27.12 -23.19 -9.66
C SER B 430 -26.67 -24.48 -10.36
N LEU B 431 -26.52 -24.43 -11.69
CA LEU B 431 -26.21 -25.62 -12.47
C LEU B 431 -25.00 -25.44 -13.38
N LYS B 432 -24.01 -26.31 -13.21
CA LYS B 432 -22.81 -26.30 -14.03
C LYS B 432 -23.09 -26.89 -15.41
N TYR B 433 -22.34 -26.46 -16.43
CA TYR B 433 -22.49 -27.05 -17.76
C TYR B 433 -22.15 -28.52 -17.75
N GLY B 434 -22.99 -29.32 -18.41
CA GLY B 434 -22.83 -30.76 -18.44
C GLY B 434 -23.73 -31.46 -17.46
N CYS B 435 -24.29 -30.70 -16.52
CA CYS B 435 -25.15 -31.26 -15.48
C CYS B 435 -26.62 -30.87 -15.65
N PHE B 436 -26.99 -30.35 -16.81
CA PHE B 436 -28.37 -29.97 -17.09
C PHE B 436 -28.64 -29.79 -18.58
N MET B 437 -29.90 -29.66 -18.93
CA MET B 437 -30.30 -29.48 -20.32
C MET B 437 -31.24 -28.30 -20.45
N TRP B 438 -31.26 -27.68 -21.63
CA TRP B 438 -32.18 -26.57 -21.87
C TRP B 438 -32.98 -26.84 -23.14
N GLN B 439 -34.12 -26.17 -23.27
CA GLN B 439 -35.00 -26.35 -24.41
C GLN B 439 -35.95 -25.18 -24.54
N LEU B 440 -35.96 -24.54 -25.70
CA LEU B 440 -36.87 -23.40 -25.90
C LEU B 440 -38.31 -23.89 -26.01
N GLY B 441 -39.25 -23.01 -25.68
CA GLY B 441 -40.66 -23.37 -25.72
C GLY B 441 -41.30 -23.10 -27.06
N ASP B 442 -42.47 -23.69 -27.27
CA ASP B 442 -43.22 -23.58 -28.53
C ASP B 442 -43.38 -22.15 -29.04
N THR B 443 -43.54 -21.21 -28.12
CA THR B 443 -43.90 -19.84 -28.47
C THR B 443 -42.70 -18.90 -28.47
N ASP B 444 -41.54 -19.40 -28.04
CA ASP B 444 -40.34 -18.60 -27.83
C ASP B 444 -40.55 -17.67 -26.63
N THR B 445 -41.54 -18.00 -25.80
CA THR B 445 -41.89 -17.19 -24.64
C THR B 445 -41.46 -17.85 -23.32
N CYS B 446 -40.87 -19.03 -23.40
CA CYS B 446 -40.42 -19.74 -22.22
C CYS B 446 -39.36 -20.77 -22.56
N PHE B 447 -38.68 -21.31 -21.55
CA PHE B 447 -37.74 -22.40 -21.77
C PHE B 447 -37.73 -23.36 -20.59
N GLN B 448 -37.28 -24.59 -20.84
CA GLN B 448 -37.30 -25.62 -19.80
C GLN B 448 -35.90 -26.07 -19.44
N ILE B 449 -35.72 -26.44 -18.17
CA ILE B 449 -34.44 -26.95 -17.71
C ILE B 449 -34.61 -28.29 -17.03
N HIS B 450 -33.81 -29.27 -17.44
CA HIS B 450 -33.83 -30.60 -16.82
C HIS B 450 -32.59 -30.85 -15.99
N SER B 451 -32.78 -31.22 -14.73
CA SER B 451 -31.65 -31.59 -13.89
C SER B 451 -31.33 -33.05 -14.16
N MET B 452 -30.08 -33.32 -14.54
CA MET B 452 -29.67 -34.67 -14.94
C MET B 452 -29.51 -35.59 -13.75
N GLU B 453 -29.33 -34.98 -12.57
CA GLU B 453 -29.15 -35.72 -11.34
C GLU B 453 -30.46 -35.79 -10.55
N ASN B 454 -30.99 -34.62 -10.22
CA ASN B 454 -32.20 -34.52 -9.41
C ASN B 454 -33.45 -34.95 -10.17
N LYS B 455 -33.41 -34.82 -11.50
CA LYS B 455 -34.54 -35.09 -12.38
C LYS B 455 -35.71 -34.18 -12.03
N MET B 456 -35.39 -33.08 -11.36
CA MET B 456 -36.32 -31.99 -11.16
C MET B 456 -36.22 -31.11 -12.39
N SER B 457 -37.33 -30.98 -13.12
CA SER B 457 -37.37 -30.09 -14.26
C SER B 457 -38.32 -28.93 -14.02
N PHE B 458 -37.95 -27.76 -14.52
CA PHE B 458 -38.76 -26.57 -14.31
C PHE B 458 -38.77 -25.70 -15.55
N ILE B 459 -39.76 -24.82 -15.64
CA ILE B 459 -39.93 -23.96 -16.80
C ILE B 459 -39.87 -22.49 -16.39
N VAL B 460 -38.95 -21.76 -17.01
CA VAL B 460 -38.83 -20.33 -16.79
C VAL B 460 -39.58 -19.58 -17.87
N HIS B 461 -40.55 -18.76 -17.47
CA HIS B 461 -41.29 -17.95 -18.44
C HIS B 461 -40.66 -16.57 -18.57
N THR B 462 -40.31 -16.19 -19.79
CA THR B 462 -39.66 -14.92 -20.05
C THR B 462 -39.59 -14.63 -21.54
N LYS B 463 -39.75 -13.37 -21.92
CA LYS B 463 -39.68 -13.03 -23.35
C LYS B 463 -38.24 -12.86 -23.78
N GLN B 464 -37.33 -13.13 -22.87
CA GLN B 464 -35.91 -13.14 -23.18
C GLN B 464 -35.41 -14.57 -23.38
N ALA B 465 -36.36 -15.50 -23.42
CA ALA B 465 -36.05 -16.93 -23.54
C ALA B 465 -35.12 -17.25 -24.70
N GLY B 466 -35.33 -16.57 -25.83
CA GLY B 466 -34.48 -16.76 -26.99
C GLY B 466 -33.03 -16.41 -26.73
N LEU B 467 -32.79 -15.23 -26.17
CA LEU B 467 -31.45 -14.79 -25.86
C LEU B 467 -30.76 -15.71 -24.86
N VAL B 468 -31.54 -16.23 -23.91
CA VAL B 468 -30.99 -17.09 -22.87
C VAL B 468 -30.48 -18.39 -23.48
N VAL B 469 -31.31 -19.02 -24.31
CA VAL B 469 -30.94 -20.26 -24.97
C VAL B 469 -29.74 -20.07 -25.90
N LYS B 470 -29.75 -18.97 -26.65
CA LYS B 470 -28.64 -18.65 -27.54
C LYS B 470 -27.33 -18.53 -26.76
N LEU B 471 -27.36 -17.84 -25.65
CA LEU B 471 -26.15 -17.67 -24.83
C LEU B 471 -25.72 -18.98 -24.18
N LEU B 472 -26.69 -19.78 -23.73
CA LEU B 472 -26.38 -21.08 -23.14
C LEU B 472 -25.63 -21.94 -24.15
N MET B 473 -26.12 -21.93 -25.39
CA MET B 473 -25.49 -22.69 -26.46
C MET B 473 -24.06 -22.21 -26.69
N LYS B 474 -23.88 -20.91 -26.73
CA LYS B 474 -22.57 -20.34 -27.04
C LYS B 474 -21.52 -20.66 -25.99
N LEU B 475 -21.87 -20.43 -24.72
CA LEU B 475 -20.92 -20.63 -23.64
C LEU B 475 -20.68 -22.11 -23.35
N ASN B 476 -21.68 -22.95 -23.65
CA ASN B 476 -21.51 -24.39 -23.53
C ASN B 476 -20.54 -24.89 -24.60
N GLY B 477 -20.67 -24.31 -25.79
CA GLY B 477 -19.84 -24.68 -26.92
C GLY B 477 -18.39 -24.31 -26.73
N GLN B 478 -18.12 -23.38 -25.83
CA GLN B 478 -16.75 -22.98 -25.55
C GLN B 478 -16.05 -24.04 -24.72
N LEU B 479 -16.81 -25.01 -24.21
CA LEU B 479 -16.22 -26.07 -23.40
C LEU B 479 -16.45 -27.44 -24.01
N MET B 480 -16.71 -27.47 -25.32
CA MET B 480 -16.78 -28.72 -26.05
C MET B 480 -15.35 -29.22 -26.20
N PRO B 481 -15.16 -30.55 -26.26
CA PRO B 481 -13.85 -31.04 -26.67
C PRO B 481 -13.56 -30.61 -28.11
N THR B 482 -12.44 -29.94 -28.35
CA THR B 482 -12.14 -29.38 -29.66
C THR B 482 -12.13 -30.44 -30.74
N GLU B 483 -12.86 -30.18 -31.83
CA GLU B 483 -12.84 -31.07 -32.98
C GLU B 483 -11.47 -31.04 -33.64
N ARG B 484 -10.92 -32.20 -33.98
CA ARG B 484 -9.57 -32.27 -34.51
C ARG B 484 -9.46 -33.14 -35.76
N ASN B 485 -8.35 -33.00 -36.46
CA ASN B 485 -8.06 -33.80 -37.65
C ASN B 485 -6.78 -34.62 -37.47
N SER B 486 -5.93 -34.16 -36.56
CA SER B 486 -4.69 -34.85 -36.24
C SER B 486 -4.64 -35.25 -34.77
N ASP C 38 19.32 -15.53 -2.22
CA ASP C 38 20.61 -16.12 -2.54
C ASP C 38 21.55 -16.11 -1.33
N ASP C 39 22.84 -16.05 -1.60
CA ASP C 39 23.86 -16.07 -0.56
C ASP C 39 24.17 -14.66 -0.05
N PHE C 40 23.81 -13.67 -0.85
CA PHE C 40 24.19 -12.28 -0.62
C PHE C 40 25.69 -12.17 -0.37
N PRO C 41 26.52 -12.67 -1.29
CA PRO C 41 27.96 -12.66 -1.01
C PRO C 41 28.59 -11.28 -1.11
N LEU C 42 28.05 -10.40 -1.95
CA LEU C 42 28.62 -9.06 -2.07
C LEU C 42 28.43 -8.30 -0.77
N HIS C 43 27.27 -8.49 -0.15
CA HIS C 43 26.98 -7.84 1.11
C HIS C 43 27.91 -8.33 2.20
N ARG C 44 28.07 -9.66 2.29
CA ARG C 44 28.92 -10.25 3.31
C ARG C 44 30.35 -9.75 3.19
N SER C 45 30.81 -9.64 1.95
CA SER C 45 32.15 -9.15 1.66
C SER C 45 32.34 -7.72 2.17
N ALA C 46 31.25 -6.96 2.19
CA ALA C 46 31.31 -5.56 2.59
C ALA C 46 31.48 -5.36 4.11
N CYS C 47 30.68 -6.05 4.92
CA CYS C 47 30.79 -5.86 6.36
C CYS C 47 31.97 -6.63 6.92
N GLU C 48 32.45 -7.62 6.17
CA GLU C 48 33.63 -8.36 6.60
C GLU C 48 34.89 -7.62 6.17
N GLY C 49 34.74 -6.66 5.26
CA GLY C 49 35.83 -5.83 4.80
C GLY C 49 36.87 -6.54 3.95
N ASP C 50 36.45 -7.58 3.23
CA ASP C 50 37.38 -8.30 2.35
C ASP C 50 37.42 -7.62 0.98
N SER C 51 38.43 -6.77 0.78
CA SER C 51 38.54 -5.97 -0.44
C SER C 51 38.66 -6.84 -1.69
N GLU C 52 39.58 -7.79 -1.67
CA GLU C 52 39.81 -8.66 -2.82
C GLU C 52 38.55 -9.44 -3.18
N LEU C 53 37.84 -9.93 -2.18
CA LEU C 53 36.59 -10.64 -2.41
C LEU C 53 35.55 -9.72 -3.01
N LEU C 54 35.37 -8.55 -2.40
CA LEU C 54 34.40 -7.58 -2.85
C LEU C 54 34.66 -7.15 -4.28
N SER C 55 35.91 -6.87 -4.59
CA SER C 55 36.28 -6.39 -5.91
C SER C 55 36.00 -7.44 -6.98
N ARG C 56 36.31 -8.69 -6.68
CA ARG C 56 36.07 -9.78 -7.62
C ARG C 56 34.58 -9.99 -7.84
N LEU C 57 33.80 -9.87 -6.78
CA LEU C 57 32.37 -10.07 -6.87
C LEU C 57 31.72 -8.99 -7.74
N LEU C 58 32.29 -7.80 -7.73
CA LEU C 58 31.82 -6.73 -8.60
C LEU C 58 32.02 -7.12 -10.05
N SER C 59 33.20 -7.68 -10.33
CA SER C 59 33.53 -8.11 -11.68
C SER C 59 32.70 -9.33 -12.08
N GLU C 60 32.27 -10.10 -11.08
CA GLU C 60 31.46 -11.29 -11.36
C GLU C 60 29.99 -10.90 -11.45
N ARG C 61 29.73 -9.60 -11.57
CA ARG C 61 28.45 -9.05 -11.98
C ARG C 61 27.41 -8.94 -10.87
N PHE C 62 27.87 -8.85 -9.63
CA PHE C 62 26.97 -8.64 -8.51
C PHE C 62 26.59 -7.17 -8.37
N SER C 63 25.30 -6.91 -8.15
CA SER C 63 24.75 -5.57 -8.13
C SER C 63 24.95 -4.84 -6.82
N VAL C 64 25.32 -3.56 -6.89
CA VAL C 64 25.52 -2.74 -5.71
C VAL C 64 24.21 -2.17 -5.15
N ASN C 65 23.10 -2.32 -5.88
CA ASN C 65 21.84 -1.77 -5.39
C ASN C 65 20.85 -2.86 -5.03
N GLN C 66 21.31 -4.10 -4.98
CA GLN C 66 20.45 -5.17 -4.50
C GLN C 66 20.25 -5.04 -3.01
N LEU C 67 19.00 -5.10 -2.56
CA LEU C 67 18.69 -5.10 -1.15
C LEU C 67 18.50 -6.54 -0.69
N ASP C 68 19.12 -6.91 0.43
CA ASP C 68 18.94 -8.25 0.95
C ASP C 68 17.66 -8.35 1.78
N SER C 69 17.55 -9.42 2.57
CA SER C 69 16.36 -9.65 3.38
C SER C 69 16.30 -8.69 4.57
N ASP C 70 17.40 -7.99 4.83
CA ASP C 70 17.45 -6.96 5.85
C ASP C 70 17.23 -5.60 5.20
N HIS C 71 16.92 -5.62 3.91
CA HIS C 71 16.69 -4.41 3.12
C HIS C 71 17.92 -3.51 3.11
N TRP C 72 19.10 -4.12 3.12
CA TRP C 72 20.35 -3.38 3.09
C TRP C 72 21.14 -3.64 1.81
N ALA C 73 21.70 -2.57 1.25
CA ALA C 73 22.63 -2.68 0.14
C ALA C 73 24.04 -2.90 0.71
N PRO C 74 24.96 -3.42 -0.10
CA PRO C 74 26.31 -3.69 0.40
C PRO C 74 26.99 -2.45 0.98
N ILE C 75 26.73 -1.28 0.43
CA ILE C 75 27.39 -0.06 0.91
C ILE C 75 26.95 0.27 2.33
N HIS C 76 25.75 -0.18 2.70
CA HIS C 76 25.24 0.09 4.03
C HIS C 76 25.99 -0.70 5.09
N TYR C 77 26.24 -1.97 4.81
CA TYR C 77 27.04 -2.79 5.71
C TYR C 77 28.42 -2.20 5.88
N ALA C 78 29.02 -1.82 4.76
CA ALA C 78 30.37 -1.29 4.76
C ALA C 78 30.47 0.01 5.54
N CYS C 79 29.48 0.85 5.41
CA CYS C 79 29.47 2.13 6.12
C CYS C 79 29.08 2.04 7.59
N TRP C 80 28.13 1.16 7.92
CA TRP C 80 27.68 1.02 9.30
C TRP C 80 28.82 0.44 10.13
N TYR C 81 29.49 -0.56 9.56
CA TYR C 81 30.54 -1.30 10.25
C TYR C 81 31.93 -0.75 10.02
N GLY C 82 31.99 0.47 9.48
CA GLY C 82 33.23 1.22 9.38
C GLY C 82 34.33 0.60 8.53
N LYS C 83 33.94 -0.11 7.49
CA LYS C 83 34.91 -0.71 6.59
C LYS C 83 35.35 0.30 5.54
N VAL C 84 36.49 0.93 5.78
CA VAL C 84 36.94 2.03 4.95
C VAL C 84 37.16 1.63 3.50
N GLU C 85 37.97 0.60 3.30
CA GLU C 85 38.35 0.21 1.96
C GLU C 85 37.19 -0.39 1.18
N ALA C 86 36.26 -1.04 1.88
CA ALA C 86 35.11 -1.63 1.21
C ALA C 86 34.22 -0.56 0.60
N THR C 87 34.03 0.55 1.32
CA THR C 87 33.20 1.63 0.82
C THR C 87 33.86 2.30 -0.37
N ARG C 88 35.19 2.41 -0.32
CA ARG C 88 35.94 3.06 -1.39
C ARG C 88 35.79 2.29 -2.69
N ILE C 89 35.86 0.97 -2.62
CA ILE C 89 35.75 0.15 -3.83
C ILE C 89 34.33 0.19 -4.38
N LEU C 90 33.34 0.13 -3.49
CA LEU C 90 31.95 0.18 -3.91
C LEU C 90 31.60 1.50 -4.58
N LEU C 91 32.18 2.60 -4.09
CA LEU C 91 31.93 3.92 -4.66
C LEU C 91 32.69 4.13 -5.96
N GLU C 92 33.90 3.59 -6.04
CA GLU C 92 34.75 3.80 -7.19
C GLU C 92 34.54 2.71 -8.26
N LYS C 93 35.05 1.50 -8.03
CA LYS C 93 34.88 0.44 -9.00
C LYS C 93 33.41 0.07 -9.19
N GLY C 94 32.69 -0.05 -8.09
CA GLY C 94 31.28 -0.40 -8.13
C GLY C 94 30.41 0.73 -8.61
N LYS C 95 30.95 1.95 -8.56
CA LYS C 95 30.24 3.16 -8.97
C LYS C 95 28.88 3.28 -8.31
N CYS C 96 28.84 2.97 -7.02
CA CYS C 96 27.60 2.99 -6.26
C CYS C 96 27.12 4.41 -6.03
N ASN C 97 25.81 4.59 -5.98
CA ASN C 97 25.20 5.85 -5.58
C ASN C 97 25.57 6.17 -4.14
N PRO C 98 26.30 7.28 -3.92
CA PRO C 98 26.70 7.63 -2.56
C PRO C 98 25.52 8.01 -1.67
N ASN C 99 24.38 8.32 -2.27
CA ASN C 99 23.18 8.67 -1.53
C ASN C 99 22.15 7.53 -1.51
N LEU C 100 22.59 6.34 -1.87
CA LEU C 100 21.67 5.20 -2.03
C LEU C 100 20.93 4.89 -0.73
N LEU C 101 19.61 4.95 -0.79
CA LEU C 101 18.82 4.80 0.43
C LEU C 101 18.70 3.37 0.89
N ASN C 102 18.59 3.25 2.20
CA ASN C 102 18.27 2.02 2.90
C ASN C 102 16.85 1.58 2.59
N GLY C 103 16.48 0.40 3.06
CA GLY C 103 15.08 0.02 3.10
C GLY C 103 14.34 0.88 4.12
N GLN C 104 15.05 1.27 5.18
CA GLN C 104 14.45 2.10 6.22
C GLN C 104 14.71 3.56 5.94
N LEU C 105 15.06 3.85 4.69
CA LEU C 105 15.22 5.21 4.19
C LEU C 105 16.37 5.96 4.85
N SER C 106 17.43 5.24 5.20
CA SER C 106 18.64 5.88 5.70
C SER C 106 19.74 5.87 4.64
N SER C 107 20.71 6.76 4.78
CA SER C 107 21.75 6.92 3.78
C SER C 107 23.09 6.43 4.28
N PRO C 108 24.03 6.15 3.35
CA PRO C 108 25.41 5.81 3.74
C PRO C 108 26.07 6.88 4.60
N LEU C 109 25.77 8.16 4.37
CA LEU C 109 26.35 9.24 5.17
C LEU C 109 25.85 9.19 6.61
N HIS C 110 24.60 8.77 6.79
CA HIS C 110 24.05 8.59 8.12
C HIS C 110 24.80 7.51 8.88
N PHE C 111 25.02 6.37 8.24
CA PHE C 111 25.68 5.26 8.90
C PHE C 111 27.14 5.57 9.20
N ALA C 112 27.81 6.24 8.27
CA ALA C 112 29.21 6.58 8.46
C ALA C 112 29.39 7.52 9.65
N ALA C 113 28.60 8.58 9.69
CA ALA C 113 28.70 9.57 10.75
C ALA C 113 28.19 9.04 12.08
N GLY C 114 27.10 8.27 12.04
CA GLY C 114 26.52 7.70 13.23
C GLY C 114 27.47 6.79 13.97
N GLY C 115 28.30 6.07 13.22
CA GLY C 115 29.29 5.18 13.79
C GLY C 115 30.60 5.89 14.07
N GLY C 116 30.65 7.18 13.76
CA GLY C 116 31.84 7.98 14.00
C GLY C 116 33.02 7.54 13.18
N HIS C 117 32.75 7.09 11.97
CA HIS C 117 33.80 6.62 11.06
C HIS C 117 34.31 7.77 10.20
N ALA C 118 35.15 8.61 10.81
CA ALA C 118 35.68 9.82 10.20
C ALA C 118 36.17 9.64 8.76
N GLU C 119 36.97 8.61 8.52
CA GLU C 119 37.59 8.45 7.21
C GLU C 119 36.56 8.13 6.12
N ILE C 120 35.49 7.42 6.48
CA ILE C 120 34.46 7.10 5.51
C ILE C 120 33.60 8.32 5.25
N VAL C 121 33.38 9.13 6.29
CA VAL C 121 32.68 10.40 6.14
C VAL C 121 33.46 11.30 5.22
N GLN C 122 34.78 11.32 5.38
CA GLN C 122 35.67 12.07 4.50
C GLN C 122 35.45 11.69 3.04
N ILE C 123 35.42 10.39 2.77
CA ILE C 123 35.28 9.89 1.41
C ILE C 123 33.96 10.32 0.79
N LEU C 124 32.87 10.10 1.52
CA LEU C 124 31.54 10.44 1.04
C LEU C 124 31.41 11.93 0.74
N LEU C 125 32.05 12.77 1.55
CA LEU C 125 31.94 14.21 1.36
C LEU C 125 32.75 14.68 0.14
N ASN C 126 33.75 13.88 -0.27
CA ASN C 126 34.56 14.22 -1.44
C ASN C 126 33.94 13.73 -2.74
N HIS C 127 32.89 12.91 -2.62
CA HIS C 127 32.18 12.40 -3.79
C HIS C 127 31.30 13.49 -4.37
N PRO C 128 31.45 13.74 -5.68
CA PRO C 128 30.74 14.83 -6.38
C PRO C 128 29.22 14.73 -6.31
N GLU C 129 28.69 13.51 -6.29
CA GLU C 129 27.24 13.32 -6.31
C GLU C 129 26.56 13.36 -4.93
N THR C 130 27.35 13.48 -3.86
CA THR C 130 26.83 13.36 -2.49
C THR C 130 25.83 14.45 -2.11
N ASP C 131 24.75 14.03 -1.46
CA ASP C 131 23.73 14.95 -0.96
C ASP C 131 23.97 15.26 0.51
N ARG C 132 24.49 16.45 0.80
CA ARG C 132 24.87 16.78 2.17
C ARG C 132 23.68 17.26 2.98
N HIS C 133 22.55 17.48 2.32
CA HIS C 133 21.34 17.90 3.03
C HIS C 133 20.35 16.76 3.21
N ILE C 134 20.84 15.53 3.10
CA ILE C 134 19.99 14.35 3.19
C ILE C 134 19.47 14.10 4.61
N THR C 135 18.26 13.57 4.70
CA THR C 135 17.67 13.25 6.01
C THR C 135 17.09 11.84 5.98
N ASP C 136 17.11 11.18 7.14
CA ASP C 136 16.62 9.81 7.24
C ASP C 136 15.11 9.76 7.43
N GLN C 137 14.63 8.59 7.82
CA GLN C 137 13.19 8.35 7.89
C GLN C 137 12.55 9.23 8.95
N GLN C 138 13.37 9.72 9.88
CA GLN C 138 12.88 10.56 10.97
C GLN C 138 13.39 11.99 10.86
N GLY C 139 13.70 12.41 9.64
CA GLY C 139 14.12 13.78 9.38
C GLY C 139 15.38 14.23 10.09
N ARG C 140 16.22 13.28 10.53
CA ARG C 140 17.48 13.63 11.17
C ARG C 140 18.61 13.72 10.17
N SER C 141 19.59 14.56 10.47
CA SER C 141 20.76 14.68 9.61
C SER C 141 21.84 13.72 10.09
N PRO C 142 22.83 13.44 9.23
CA PRO C 142 23.97 12.62 9.66
C PRO C 142 24.67 13.19 10.89
N LEU C 143 24.77 14.51 10.96
CA LEU C 143 25.39 15.15 12.10
C LEU C 143 24.62 14.86 13.38
N ASN C 144 23.30 14.87 13.28
CA ASN C 144 22.43 14.56 14.43
C ASN C 144 22.73 13.19 15.02
N ILE C 145 22.75 12.17 14.17
CA ILE C 145 23.06 10.81 14.59
C ILE C 145 24.47 10.74 15.15
N CYS C 146 25.39 11.37 14.45
CA CYS C 146 26.79 11.40 14.86
C CYS C 146 26.95 11.94 16.27
N GLU C 147 26.40 13.12 16.52
CA GLU C 147 26.53 13.78 17.80
C GLU C 147 25.83 13.06 18.95
N GLU C 148 24.77 12.31 18.61
CA GLU C 148 24.01 11.61 19.65
C GLU C 148 24.72 10.34 20.13
N ASN C 149 25.12 9.48 19.20
CA ASN C 149 25.69 8.19 19.53
C ASN C 149 27.09 8.27 20.12
N LYS C 150 27.83 9.30 19.72
CA LYS C 150 29.18 9.55 20.22
C LYS C 150 30.09 8.33 20.12
N GLN C 151 30.01 7.63 19.00
CA GLN C 151 30.82 6.43 18.78
C GLN C 151 32.13 6.72 18.08
N ASN C 152 33.16 5.95 18.40
CA ASN C 152 34.47 6.03 17.75
C ASN C 152 34.99 7.45 17.57
N ASN C 153 35.39 7.80 16.35
CA ASN C 153 35.89 9.13 16.08
C ASN C 153 34.79 10.11 15.70
N TRP C 154 33.73 10.15 16.50
CA TRP C 154 32.58 10.99 16.19
C TRP C 154 32.94 12.47 16.21
N GLU C 155 33.87 12.85 17.07
CA GLU C 155 34.29 14.24 17.18
C GLU C 155 34.91 14.74 15.89
N GLU C 156 35.74 13.90 15.28
CA GLU C 156 36.39 14.27 14.04
C GLU C 156 35.37 14.30 12.90
N ALA C 157 34.49 13.30 12.88
CA ALA C 157 33.44 13.22 11.89
C ALA C 157 32.51 14.44 11.97
N ALA C 158 32.22 14.89 13.18
CA ALA C 158 31.36 16.04 13.38
C ALA C 158 32.01 17.30 12.83
N LYS C 159 33.33 17.39 12.93
CA LYS C 159 34.06 18.53 12.39
C LYS C 159 33.95 18.57 10.88
N LEU C 160 34.17 17.42 10.25
CA LEU C 160 34.11 17.31 8.80
C LEU C 160 32.74 17.71 8.27
N LEU C 161 31.69 17.29 8.97
CA LEU C 161 30.33 17.59 8.53
C LEU C 161 30.00 19.08 8.66
N LYS C 162 30.47 19.71 9.71
CA LYS C 162 30.16 21.11 9.96
C LYS C 162 30.82 22.02 8.93
N GLU C 163 32.08 21.75 8.62
CA GLU C 163 32.82 22.59 7.69
C GLU C 163 32.73 22.07 6.26
N ALA C 164 31.81 21.14 6.02
CA ALA C 164 31.50 20.70 4.66
C ALA C 164 30.38 21.56 4.08
N ILE C 165 29.75 22.35 4.94
CA ILE C 165 28.72 23.28 4.52
C ILE C 165 29.39 24.45 3.80
N ASN C 166 30.64 24.70 4.16
CA ASN C 166 31.45 25.73 3.54
C ASN C 166 31.67 25.46 2.05
N LYS C 167 31.67 24.18 1.68
CA LYS C 167 31.89 23.80 0.29
C LYS C 167 30.87 24.37 -0.66
N PRO C 168 31.35 24.89 -1.80
CA PRO C 168 30.45 25.29 -2.88
C PRO C 168 29.84 24.03 -3.48
N TYR C 169 28.57 24.09 -3.87
CA TYR C 169 27.89 22.94 -4.43
C TYR C 169 28.54 22.51 -5.73
N GLU C 170 28.39 21.25 -6.08
CA GLU C 170 28.85 20.77 -7.37
C GLU C 170 27.95 21.39 -8.45
N LYS C 171 28.42 21.43 -9.69
CA LYS C 171 27.67 22.07 -10.77
C LYS C 171 27.46 21.16 -11.98
N VAL C 172 26.27 21.22 -12.56
CA VAL C 172 25.96 20.50 -13.79
C VAL C 172 25.78 21.48 -14.94
N ARG C 173 26.13 21.06 -16.15
CA ARG C 173 25.92 21.90 -17.32
C ARG C 173 24.56 21.65 -17.94
N ILE C 174 23.80 22.72 -18.13
CA ILE C 174 22.50 22.62 -18.80
C ILE C 174 22.61 23.30 -20.17
N TYR C 175 22.63 22.51 -21.22
CA TYR C 175 22.84 23.04 -22.56
C TYR C 175 21.55 23.54 -23.21
N ARG C 176 21.68 24.53 -24.09
CA ARG C 176 20.57 24.96 -24.94
C ARG C 176 20.85 24.49 -26.36
N MET C 177 19.90 24.68 -27.25
CA MET C 177 20.06 24.18 -28.61
C MET C 177 20.99 25.05 -29.44
N ASP C 178 21.44 26.15 -28.87
CA ASP C 178 22.43 26.99 -29.57
C ASP C 178 23.84 26.53 -29.23
N GLY C 179 23.94 25.47 -28.44
CA GLY C 179 25.24 24.91 -28.10
C GLY C 179 25.83 25.48 -26.82
N SER C 180 25.17 26.51 -26.30
CA SER C 180 25.61 27.15 -25.05
C SER C 180 25.09 26.38 -23.84
N TYR C 181 25.50 26.80 -22.65
CA TYR C 181 25.08 26.14 -21.43
C TYR C 181 25.15 27.06 -20.21
N ARG C 182 24.48 26.65 -19.15
CA ARG C 182 24.53 27.33 -17.87
C ARG C 182 24.97 26.36 -16.78
N SER C 183 25.97 26.73 -15.99
CA SER C 183 26.38 25.91 -14.85
C SER C 183 25.41 26.13 -13.70
N VAL C 184 24.72 25.06 -13.31
CA VAL C 184 23.71 25.15 -12.26
C VAL C 184 24.12 24.41 -11.00
N GLU C 185 23.87 25.01 -9.84
CA GLU C 185 24.27 24.42 -8.57
C GLU C 185 23.41 23.22 -8.21
N LEU C 186 24.07 22.15 -7.79
CA LEU C 186 23.40 20.93 -7.41
C LEU C 186 23.29 20.86 -5.89
N LYS C 187 22.19 21.37 -5.35
CA LYS C 187 21.99 21.43 -3.91
C LYS C 187 22.07 20.05 -3.27
N HIS C 188 21.35 19.10 -3.85
CA HIS C 188 21.25 17.78 -3.27
C HIS C 188 22.07 16.73 -4.00
N GLY C 189 23.22 17.12 -4.53
CA GLY C 189 24.02 16.18 -5.31
C GLY C 189 23.20 15.58 -6.43
N ASN C 190 23.19 14.25 -6.53
CA ASN C 190 22.40 13.61 -7.57
C ASN C 190 20.96 13.39 -7.17
N ASN C 191 20.58 13.93 -6.02
CA ASN C 191 19.17 13.93 -5.61
C ASN C 191 18.46 15.19 -6.07
N THR C 192 19.21 16.08 -6.72
CA THR C 192 18.64 17.35 -7.18
C THR C 192 17.58 17.11 -8.24
N THR C 193 16.41 17.73 -8.05
CA THR C 193 15.31 17.53 -8.97
C THR C 193 15.32 18.52 -10.13
N VAL C 194 14.49 18.23 -11.14
CA VAL C 194 14.35 19.10 -12.29
C VAL C 194 13.91 20.49 -11.87
N GLN C 195 12.85 20.54 -11.07
CA GLN C 195 12.31 21.79 -10.58
C GLN C 195 13.37 22.61 -9.87
N GLN C 196 14.17 21.96 -9.03
CA GLN C 196 15.23 22.64 -8.31
C GLN C 196 16.32 23.15 -9.24
N ILE C 197 16.57 22.42 -10.32
CA ILE C 197 17.55 22.85 -11.30
C ILE C 197 17.01 24.08 -12.03
N MET C 198 15.71 24.09 -12.28
CA MET C 198 15.08 25.23 -12.93
C MET C 198 15.18 26.46 -12.05
N GLU C 199 15.01 26.26 -10.74
CA GLU C 199 15.11 27.33 -9.76
C GLU C 199 16.54 27.84 -9.61
N GLY C 200 17.51 26.98 -9.89
CA GLY C 200 18.90 27.37 -9.79
C GLY C 200 19.34 28.17 -11.00
N MET C 201 18.63 27.99 -12.11
CA MET C 201 18.88 28.81 -13.30
C MET C 201 18.32 30.22 -13.11
N ARG C 202 17.64 30.44 -12.00
CA ARG C 202 16.97 31.71 -11.73
C ARG C 202 16.08 32.13 -12.89
N LEU C 203 15.09 31.29 -13.18
CA LEU C 203 14.18 31.53 -14.29
C LEU C 203 12.85 31.90 -13.69
N SER C 204 12.27 33.00 -14.15
CA SER C 204 11.00 33.43 -13.62
C SER C 204 9.93 32.40 -13.84
N GLN C 205 8.80 32.55 -13.17
CA GLN C 205 7.72 31.57 -13.29
C GLN C 205 7.12 31.65 -14.68
N GLU C 206 7.25 32.82 -15.31
CA GLU C 206 6.74 33.00 -16.66
C GLU C 206 7.70 32.40 -17.66
N THR C 207 8.99 32.58 -17.43
CA THR C 207 10.00 32.01 -18.32
C THR C 207 10.11 30.51 -18.10
N GLN C 208 9.49 30.01 -17.03
CA GLN C 208 9.66 28.61 -16.65
C GLN C 208 8.55 27.74 -17.22
N GLN C 209 7.40 28.34 -17.51
CA GLN C 209 6.23 27.58 -17.94
C GLN C 209 6.34 27.13 -19.39
N TYR C 210 7.35 27.65 -20.08
CA TYR C 210 7.53 27.34 -21.49
C TYR C 210 8.49 26.18 -21.68
N PHE C 211 9.34 25.96 -20.68
CA PHE C 211 10.42 25.00 -20.82
C PHE C 211 10.51 24.01 -19.67
N THR C 212 11.35 22.99 -19.87
CA THR C 212 11.71 22.08 -18.79
C THR C 212 13.00 21.37 -19.18
N ILE C 213 13.47 20.46 -18.36
CA ILE C 213 14.75 19.82 -18.61
C ILE C 213 14.57 18.55 -19.43
N TRP C 214 15.39 18.40 -20.46
CA TRP C 214 15.42 17.21 -21.28
C TRP C 214 16.74 16.52 -21.09
N ILE C 215 16.73 15.20 -21.11
CA ILE C 215 17.98 14.45 -21.15
C ILE C 215 18.13 13.89 -22.55
N CYS C 216 19.25 14.18 -23.19
CA CYS C 216 19.42 13.88 -24.61
C CYS C 216 20.81 13.37 -24.95
N SER C 217 20.87 12.24 -25.63
CA SER C 217 22.07 11.81 -26.31
C SER C 217 21.86 12.07 -27.79
N GLU C 218 22.81 11.64 -28.61
CA GLU C 218 22.75 11.95 -30.05
C GLU C 218 21.48 11.43 -30.71
N ASN C 219 20.98 10.27 -30.28
CA ASN C 219 19.82 9.64 -30.92
C ASN C 219 18.67 9.25 -30.02
N LEU C 220 18.58 9.88 -28.84
CA LEU C 220 17.40 9.73 -28.00
C LEU C 220 17.24 10.96 -27.12
N SER C 221 16.06 11.55 -27.16
CA SER C 221 15.73 12.70 -26.32
C SER C 221 14.49 12.42 -25.49
N LEU C 222 14.57 12.70 -24.20
CA LEU C 222 13.45 12.48 -23.30
C LEU C 222 13.15 13.73 -22.48
N GLN C 223 11.88 14.10 -22.42
CA GLN C 223 11.45 15.21 -21.57
C GLN C 223 11.15 14.74 -20.15
N LEU C 224 11.83 15.34 -19.18
CA LEU C 224 11.68 14.92 -17.79
C LEU C 224 10.54 15.66 -17.08
N LYS C 225 10.02 15.04 -16.02
CA LYS C 225 9.03 15.69 -15.16
C LYS C 225 9.75 16.42 -14.02
N PRO C 226 9.07 17.40 -13.39
CA PRO C 226 9.74 18.24 -12.37
C PRO C 226 10.35 17.48 -11.20
N TYR C 227 9.80 16.31 -10.88
CA TYR C 227 10.25 15.57 -9.71
C TYR C 227 11.36 14.58 -10.02
N HIS C 228 11.64 14.37 -11.30
CA HIS C 228 12.69 13.45 -11.71
C HIS C 228 14.06 13.97 -11.29
N LYS C 229 15.01 13.06 -11.14
CA LYS C 229 16.37 13.44 -10.80
C LYS C 229 17.27 13.22 -12.01
N PRO C 230 17.59 14.30 -12.74
CA PRO C 230 18.31 14.22 -14.00
C PRO C 230 19.60 13.40 -13.92
N LEU C 231 20.36 13.54 -12.84
CA LEU C 231 21.65 12.87 -12.76
C LEU C 231 21.47 11.38 -12.49
N GLN C 232 20.27 10.97 -12.11
CA GLN C 232 19.94 9.56 -11.96
C GLN C 232 19.66 8.98 -13.33
N HIS C 233 19.02 9.78 -14.17
CA HIS C 233 18.78 9.38 -15.54
C HIS C 233 20.08 9.31 -16.32
N VAL C 234 20.99 10.24 -16.05
CA VAL C 234 22.31 10.21 -16.64
C VAL C 234 23.05 8.94 -16.23
N ARG C 235 23.01 8.67 -14.93
CA ARG C 235 23.57 7.45 -14.35
C ARG C 235 22.98 6.20 -14.98
N ASP C 236 21.64 6.16 -15.07
CA ASP C 236 20.92 4.99 -15.56
C ASP C 236 20.74 4.99 -17.08
N TRP C 237 21.51 5.80 -17.79
CA TRP C 237 21.30 5.96 -19.23
C TRP C 237 21.45 4.65 -20.01
N PRO C 238 22.47 3.82 -19.70
CA PRO C 238 22.51 2.52 -20.38
C PRO C 238 21.28 1.65 -20.21
N GLU C 239 20.65 1.69 -19.04
CA GLU C 239 19.48 0.85 -18.82
C GLU C 239 18.26 1.47 -19.49
N ILE C 240 18.26 2.80 -19.60
CA ILE C 240 17.18 3.51 -20.29
C ILE C 240 17.22 3.27 -21.79
N LEU C 241 18.41 3.36 -22.37
CA LEU C 241 18.59 3.07 -23.79
C LEU C 241 18.19 1.65 -24.14
N ALA C 242 18.50 0.71 -23.26
CA ALA C 242 18.19 -0.69 -23.48
C ALA C 242 16.69 -0.92 -23.49
N GLU C 243 15.98 -0.16 -22.66
CA GLU C 243 14.54 -0.29 -22.55
C GLU C 243 13.82 0.29 -23.76
N LEU C 244 14.28 1.43 -24.24
CA LEU C 244 13.55 2.20 -25.23
C LEU C 244 14.07 2.08 -26.65
N THR C 245 15.36 1.76 -26.77
CA THR C 245 15.99 1.73 -28.08
C THR C 245 16.82 0.48 -28.28
N ASN C 246 17.44 0.39 -29.45
CA ASN C 246 18.43 -0.64 -29.72
C ASN C 246 19.78 -0.01 -29.98
N LEU C 247 20.06 1.08 -29.29
CA LEU C 247 21.31 1.82 -29.51
C LEU C 247 22.44 1.30 -28.64
N ASP C 248 23.66 1.58 -29.08
CA ASP C 248 24.88 1.21 -28.36
C ASP C 248 25.18 2.24 -27.28
N PRO C 249 25.08 1.84 -26.01
CA PRO C 249 25.27 2.74 -24.87
C PRO C 249 26.63 3.43 -24.84
N GLN C 250 27.66 2.79 -25.40
CA GLN C 250 29.00 3.35 -25.38
C GLN C 250 29.25 4.35 -26.52
N ARG C 251 28.29 4.44 -27.44
CA ARG C 251 28.40 5.36 -28.55
C ARG C 251 27.28 6.40 -28.51
N GLU C 252 26.56 6.41 -27.38
CA GLU C 252 25.59 7.45 -27.06
C GLU C 252 25.95 8.04 -25.71
N THR C 253 26.07 9.36 -25.65
CA THR C 253 26.41 10.02 -24.39
C THR C 253 25.43 11.15 -24.07
N PRO C 254 24.70 11.00 -22.96
CA PRO C 254 23.61 11.91 -22.60
C PRO C 254 24.09 13.21 -21.98
N GLN C 255 23.34 14.28 -22.22
CA GLN C 255 23.58 15.56 -21.57
C GLN C 255 22.24 16.18 -21.25
N LEU C 256 22.24 17.15 -20.33
CA LEU C 256 20.99 17.80 -19.94
C LEU C 256 20.76 19.07 -20.74
N PHE C 257 19.52 19.26 -21.18
CA PHE C 257 19.16 20.39 -22.03
C PHE C 257 17.97 21.18 -21.47
N LEU C 258 17.99 22.49 -21.66
CA LEU C 258 16.78 23.30 -21.53
C LEU C 258 16.11 23.33 -22.89
N ARG C 259 14.84 22.95 -22.94
CA ARG C 259 14.17 22.74 -24.21
C ARG C 259 12.67 22.99 -24.06
N ARG C 260 12.00 23.28 -25.18
CA ARG C 260 10.57 23.57 -25.16
C ARG C 260 9.74 22.43 -24.59
N ASP C 261 8.78 22.77 -23.73
CA ASP C 261 7.82 21.81 -23.20
C ASP C 261 6.88 21.35 -24.31
N VAL C 262 6.84 20.05 -24.55
CA VAL C 262 6.00 19.50 -25.61
C VAL C 262 4.51 19.70 -25.34
N ARG C 263 4.17 19.96 -24.08
CA ARG C 263 2.77 20.15 -23.69
C ARG C 263 2.27 21.57 -23.90
N LEU C 264 3.19 22.49 -24.21
CA LEU C 264 2.85 23.90 -24.38
C LEU C 264 1.86 24.15 -25.52
N PRO C 265 0.67 24.65 -25.19
CA PRO C 265 -0.38 24.95 -26.17
C PRO C 265 0.03 26.07 -27.09
N LEU C 266 -0.27 25.94 -28.37
CA LEU C 266 0.19 26.90 -29.35
C LEU C 266 -0.36 28.31 -29.12
N GLU C 267 -1.60 28.38 -28.64
CA GLU C 267 -2.22 29.68 -28.36
C GLU C 267 -1.60 30.36 -27.15
N VAL C 268 -1.04 29.57 -26.25
CA VAL C 268 -0.36 30.11 -25.09
C VAL C 268 0.99 30.67 -25.54
N GLU C 269 1.65 29.95 -26.45
CA GLU C 269 2.93 30.39 -26.96
C GLU C 269 2.80 31.67 -27.79
N LYS C 270 1.67 31.84 -28.47
CA LYS C 270 1.45 33.01 -29.31
C LYS C 270 1.37 34.30 -28.49
N GLN C 271 0.99 34.17 -27.23
CA GLN C 271 0.85 35.32 -26.34
C GLN C 271 2.19 35.76 -25.74
N ILE C 272 3.24 34.98 -25.99
CA ILE C 272 4.56 35.23 -25.38
C ILE C 272 5.09 36.63 -25.72
N GLU C 273 5.77 37.25 -24.76
CA GLU C 273 6.35 38.57 -24.97
C GLU C 273 7.67 38.77 -24.22
N ASP C 274 8.16 37.73 -23.57
CA ASP C 274 9.41 37.83 -22.81
C ASP C 274 10.64 37.58 -23.66
N PRO C 275 11.51 38.59 -23.78
CA PRO C 275 12.75 38.56 -24.57
C PRO C 275 13.57 37.30 -24.38
N LEU C 276 13.75 36.84 -23.15
CA LEU C 276 14.55 35.65 -22.88
C LEU C 276 13.87 34.39 -23.39
N ALA C 277 12.59 34.25 -23.10
CA ALA C 277 11.82 33.11 -23.58
C ALA C 277 11.75 33.08 -25.12
N ILE C 278 11.72 34.26 -25.73
CA ILE C 278 11.76 34.36 -27.18
C ILE C 278 13.07 33.77 -27.71
N LEU C 279 14.18 34.22 -27.12
CA LEU C 279 15.50 33.78 -27.54
C LEU C 279 15.65 32.28 -27.46
N ILE C 280 15.16 31.69 -26.38
CA ILE C 280 15.29 30.25 -26.18
C ILE C 280 14.43 29.46 -27.17
N LEU C 281 13.18 29.87 -27.34
CA LEU C 281 12.31 29.22 -28.31
C LEU C 281 12.87 29.37 -29.72
N PHE C 282 13.37 30.56 -30.01
CA PHE C 282 13.92 30.88 -31.33
C PHE C 282 15.09 29.97 -31.69
N ASP C 283 16.08 29.90 -30.80
CA ASP C 283 17.27 29.11 -31.06
C ASP C 283 16.94 27.64 -31.27
N GLU C 284 15.93 27.14 -30.58
CA GLU C 284 15.49 25.77 -30.77
C GLU C 284 14.74 25.65 -32.09
N ALA C 285 13.97 26.67 -32.44
CA ALA C 285 13.25 26.68 -33.70
C ALA C 285 14.25 26.65 -34.86
N ARG C 286 15.25 27.51 -34.79
CA ARG C 286 16.28 27.56 -35.83
C ARG C 286 17.00 26.24 -35.94
N TYR C 287 17.28 25.62 -34.79
CA TYR C 287 17.97 24.32 -34.76
C TYR C 287 17.24 23.28 -35.56
N ASN C 288 15.93 23.16 -35.31
CA ASN C 288 15.12 22.18 -36.00
C ASN C 288 15.05 22.48 -37.49
N LEU C 289 14.97 23.76 -37.83
CA LEU C 289 14.94 24.18 -39.23
C LEU C 289 16.18 23.72 -39.97
N LEU C 290 17.35 24.07 -39.44
CA LEU C 290 18.61 23.78 -40.10
C LEU C 290 18.87 22.29 -40.19
N LYS C 291 18.34 21.53 -39.25
CA LYS C 291 18.55 20.09 -39.26
C LYS C 291 17.58 19.35 -40.18
N GLY C 292 16.56 20.06 -40.66
CA GLY C 292 15.68 19.52 -41.68
C GLY C 292 14.37 18.96 -41.16
N PHE C 293 14.09 19.20 -39.88
CA PHE C 293 12.89 18.68 -39.25
C PHE C 293 11.63 19.49 -39.57
N TYR C 294 11.83 20.66 -40.17
CA TYR C 294 10.69 21.50 -40.56
C TYR C 294 10.45 21.46 -42.06
N THR C 295 9.36 20.82 -42.46
CA THR C 295 8.99 20.71 -43.85
C THR C 295 8.01 21.82 -44.21
N ALA C 296 8.34 22.56 -45.26
CA ALA C 296 7.54 23.71 -45.68
C ALA C 296 7.88 24.06 -47.13
N PRO C 297 6.94 24.70 -47.83
CA PRO C 297 7.20 25.18 -49.20
C PRO C 297 8.38 26.15 -49.26
N ASP C 298 8.99 26.26 -50.43
CA ASP C 298 10.19 27.07 -50.61
C ASP C 298 10.01 28.54 -50.23
N ALA C 299 8.83 29.09 -50.47
CA ALA C 299 8.55 30.48 -50.12
C ALA C 299 8.74 30.71 -48.62
N LYS C 300 8.25 29.77 -47.83
CA LYS C 300 8.34 29.82 -46.37
C LYS C 300 9.78 29.71 -45.89
N LEU C 301 10.51 28.75 -46.42
CA LEU C 301 11.90 28.52 -46.05
C LEU C 301 12.75 29.74 -46.40
N ILE C 302 12.36 30.43 -47.47
CA ILE C 302 13.03 31.64 -47.92
C ILE C 302 12.69 32.79 -46.98
N THR C 303 11.42 32.89 -46.60
CA THR C 303 10.99 33.89 -45.63
C THR C 303 11.79 33.74 -44.34
N LEU C 304 11.97 32.49 -43.91
CA LEU C 304 12.75 32.20 -42.72
C LEU C 304 14.21 32.53 -42.92
N ALA C 305 14.73 32.18 -44.10
CA ALA C 305 16.13 32.44 -44.40
C ALA C 305 16.44 33.93 -44.36
N SER C 306 15.52 34.75 -44.86
CA SER C 306 15.72 36.20 -44.88
C SER C 306 15.76 36.79 -43.48
N LEU C 307 14.85 36.33 -42.62
CA LEU C 307 14.80 36.81 -41.25
C LEU C 307 16.09 36.50 -40.50
N LEU C 308 16.65 35.33 -40.77
CA LEU C 308 17.89 34.92 -40.12
C LEU C 308 19.05 35.83 -40.47
N LEU C 309 19.08 36.29 -41.72
CA LEU C 309 20.13 37.21 -42.16
C LEU C 309 20.01 38.54 -41.44
N GLN C 310 18.79 39.03 -41.29
CA GLN C 310 18.53 40.29 -40.59
C GLN C 310 18.89 40.17 -39.10
N ILE C 311 18.54 39.03 -38.52
CA ILE C 311 18.80 38.75 -37.12
C ILE C 311 20.31 38.64 -36.86
N VAL C 312 21.02 37.97 -37.77
CA VAL C 312 22.44 37.75 -37.58
C VAL C 312 23.30 38.92 -38.04
N TYR C 313 23.04 39.43 -39.25
CA TYR C 313 23.92 40.43 -39.85
C TYR C 313 23.41 41.87 -39.75
N GLY C 314 22.22 42.06 -39.20
CA GLY C 314 21.64 43.38 -39.13
C GLY C 314 21.12 43.85 -40.49
N ASN C 315 21.04 45.17 -40.66
CA ASN C 315 20.53 45.74 -41.91
C ASN C 315 21.36 45.37 -43.13
N TYR C 316 20.69 45.25 -44.27
CA TYR C 316 21.34 44.94 -45.53
C TYR C 316 22.19 46.11 -46.03
N GLU C 317 23.40 45.80 -46.48
CA GLU C 317 24.26 46.82 -47.09
C GLU C 317 24.79 46.32 -48.42
N SER C 318 24.68 47.18 -49.44
CA SER C 318 24.91 46.79 -50.83
C SER C 318 26.32 46.28 -51.09
N LYS C 319 27.30 46.84 -50.38
CA LYS C 319 28.69 46.44 -50.59
C LYS C 319 28.96 45.04 -50.05
N LYS C 320 28.35 44.72 -48.92
CA LYS C 320 28.60 43.46 -48.24
C LYS C 320 27.85 42.27 -48.85
N HIS C 321 26.55 42.45 -49.08
CA HIS C 321 25.65 41.32 -49.33
C HIS C 321 25.16 41.17 -50.76
N LYS C 322 25.60 42.03 -51.68
CA LYS C 322 25.01 42.07 -53.02
C LYS C 322 25.09 40.73 -53.77
N GLN C 323 26.27 40.37 -54.24
CA GLN C 323 26.42 39.18 -55.08
C GLN C 323 27.52 38.24 -54.60
N GLY C 324 27.27 36.94 -54.77
CA GLY C 324 28.23 35.91 -54.39
C GLY C 324 28.38 35.75 -52.88
N PHE C 325 27.52 36.44 -52.14
CA PHE C 325 27.60 36.44 -50.69
C PHE C 325 27.08 35.13 -50.13
N LEU C 326 25.90 34.73 -50.59
CA LEU C 326 25.28 33.50 -50.11
C LEU C 326 25.90 32.30 -50.79
N ASN C 327 27.11 31.95 -50.36
CA ASN C 327 27.75 30.74 -50.84
C ASN C 327 27.52 29.60 -49.85
N GLU C 328 28.05 28.43 -50.18
CA GLU C 328 27.90 27.24 -49.36
C GLU C 328 28.11 27.47 -47.87
N GLU C 329 29.15 28.23 -47.52
CA GLU C 329 29.59 28.30 -46.13
C GLU C 329 28.59 28.99 -45.21
N ASN C 330 27.96 30.07 -45.66
CA ASN C 330 26.99 30.76 -44.81
C ASN C 330 25.55 30.61 -45.31
N LEU C 331 25.36 29.87 -46.40
CA LEU C 331 23.99 29.46 -46.75
C LEU C 331 23.53 28.39 -45.79
N LYS C 332 24.46 27.56 -45.34
CA LYS C 332 24.13 26.39 -44.54
C LYS C 332 23.57 26.78 -43.17
N SER C 333 23.80 28.02 -42.76
CA SER C 333 23.33 28.50 -41.47
C SER C 333 21.97 29.18 -41.54
N ILE C 334 21.33 29.21 -42.71
CA ILE C 334 20.02 29.84 -42.83
C ILE C 334 18.99 28.98 -43.58
N VAL C 335 19.42 27.87 -44.14
CA VAL C 335 18.51 26.97 -44.83
C VAL C 335 18.58 25.55 -44.29
N PRO C 336 17.51 24.76 -44.46
CA PRO C 336 17.53 23.34 -44.08
C PRO C 336 18.67 22.59 -44.74
N VAL C 337 19.38 21.78 -43.97
CA VAL C 337 20.48 21.00 -44.50
C VAL C 337 20.04 20.08 -45.64
N THR C 338 18.77 19.68 -45.62
CA THR C 338 18.23 18.80 -46.66
C THR C 338 17.98 19.53 -47.97
N LYS C 339 18.11 20.85 -47.96
CA LYS C 339 17.88 21.66 -49.15
C LYS C 339 19.16 22.31 -49.64
N LEU C 340 20.26 22.08 -48.94
CA LEU C 340 21.48 22.83 -49.15
C LEU C 340 22.19 22.53 -50.48
N LYS C 341 22.08 21.29 -50.97
CA LYS C 341 22.82 20.91 -52.17
C LYS C 341 22.10 21.25 -53.48
N SER C 342 20.84 20.83 -53.60
CA SER C 342 20.14 20.94 -54.89
C SER C 342 19.17 22.12 -54.97
N LYS C 343 18.53 22.44 -53.85
CA LYS C 343 17.44 23.40 -53.89
C LYS C 343 17.85 24.84 -53.52
N ALA C 344 18.51 24.99 -52.37
CA ALA C 344 18.85 26.31 -51.85
C ALA C 344 19.71 27.23 -52.74
N PRO C 345 20.72 26.69 -53.46
CA PRO C 345 21.54 27.59 -54.29
C PRO C 345 20.77 28.39 -55.35
N HIS C 346 19.50 28.04 -55.58
CA HIS C 346 18.67 28.76 -56.54
C HIS C 346 17.63 29.61 -55.82
N TRP C 347 17.93 29.98 -54.58
CA TRP C 347 17.06 30.84 -53.79
C TRP C 347 17.73 32.18 -53.50
N THR C 348 19.02 32.28 -53.82
CA THR C 348 19.87 33.36 -53.34
C THR C 348 19.34 34.76 -53.64
N ASN C 349 18.69 34.94 -54.77
CA ASN C 349 18.15 36.25 -55.11
C ASN C 349 16.83 36.55 -54.41
N ARG C 350 15.98 35.55 -54.28
CA ARG C 350 14.73 35.73 -53.56
C ARG C 350 14.97 35.96 -52.07
N ILE C 351 16.01 35.31 -51.53
CA ILE C 351 16.35 35.51 -50.14
C ILE C 351 16.88 36.91 -49.91
N LEU C 352 17.84 37.32 -50.73
CA LEU C 352 18.44 38.65 -50.62
C LEU C 352 17.43 39.77 -50.83
N HIS C 353 16.46 39.54 -51.70
CA HIS C 353 15.45 40.54 -52.00
C HIS C 353 14.58 40.77 -50.77
N GLU C 354 14.09 39.69 -50.19
CA GLU C 354 13.20 39.75 -49.03
C GLU C 354 13.96 40.22 -47.79
N TYR C 355 15.26 39.98 -47.78
CA TYR C 355 16.15 40.48 -46.74
C TYR C 355 16.21 42.00 -46.84
N LYS C 356 16.30 42.52 -48.07
CA LYS C 356 16.31 43.95 -48.33
C LYS C 356 15.05 44.65 -47.87
N ASN C 357 13.91 43.98 -48.03
CA ASN C 357 12.62 44.58 -47.67
C ASN C 357 12.47 44.71 -46.17
N LEU C 358 13.22 43.90 -45.43
CA LEU C 358 13.22 43.94 -43.98
C LEU C 358 13.94 45.19 -43.46
N SER C 359 15.06 45.52 -44.09
CA SER C 359 15.84 46.69 -43.71
C SER C 359 15.03 47.96 -43.89
N THR C 360 14.16 47.96 -44.89
CA THR C 360 13.27 49.10 -45.14
C THR C 360 11.81 48.65 -45.23
N SER C 365 10.08 46.21 -38.53
CA SER C 365 10.44 45.98 -37.14
C SER C 365 11.93 46.20 -36.90
N LYS C 366 12.33 46.26 -35.64
CA LYS C 366 13.71 46.59 -35.30
C LYS C 366 14.31 45.71 -34.19
N GLU C 367 13.67 45.71 -33.02
CA GLU C 367 14.20 45.02 -31.85
C GLU C 367 14.44 43.52 -32.05
N MET C 368 15.48 43.02 -31.40
CA MET C 368 15.94 41.64 -31.58
C MET C 368 14.89 40.60 -31.25
N HIS C 369 14.12 40.82 -30.19
CA HIS C 369 13.11 39.85 -29.80
C HIS C 369 11.85 39.99 -30.65
N HIS C 370 11.66 41.13 -31.28
CA HIS C 370 10.57 41.30 -32.23
C HIS C 370 10.88 40.51 -33.49
N LEU C 371 12.13 40.58 -33.93
CA LEU C 371 12.56 39.86 -35.12
C LEU C 371 12.46 38.36 -34.95
N GLN C 372 12.95 37.87 -33.81
CA GLN C 372 12.94 36.45 -33.52
C GLN C 372 11.51 35.95 -33.37
N ARG C 373 10.63 36.83 -32.91
CA ARG C 373 9.23 36.49 -32.75
C ARG C 373 8.60 36.28 -34.12
N MET C 374 8.99 37.10 -35.09
CA MET C 374 8.50 36.94 -36.45
C MET C 374 8.92 35.60 -37.01
N PHE C 375 10.16 35.21 -36.71
CA PHE C 375 10.68 33.90 -37.09
C PHE C 375 9.77 32.82 -36.54
N LEU C 376 9.42 32.94 -35.26
CA LEU C 376 8.57 31.97 -34.61
C LEU C 376 7.16 31.97 -35.21
N GLN C 377 6.68 33.15 -35.57
CA GLN C 377 5.36 33.27 -36.17
C GLN C 377 5.25 32.43 -37.44
N ASN C 378 6.32 32.42 -38.23
CA ASN C 378 6.37 31.62 -39.45
C ASN C 378 6.51 30.13 -39.18
N CYS C 379 7.12 29.78 -38.05
CA CYS C 379 7.29 28.39 -37.67
C CYS C 379 6.03 27.78 -37.11
N TRP C 380 5.24 28.58 -36.40
CA TRP C 380 4.05 28.09 -35.69
C TRP C 380 3.07 27.38 -36.62
N GLU C 381 3.00 27.83 -37.87
CA GLU C 381 2.06 27.25 -38.82
C GLU C 381 2.59 25.97 -39.44
N ILE C 382 3.87 25.68 -39.22
CA ILE C 382 4.45 24.42 -39.70
C ILE C 382 3.83 23.27 -38.91
N PRO C 383 3.38 22.22 -39.62
CA PRO C 383 2.73 21.07 -38.99
C PRO C 383 3.51 20.42 -37.85
N THR C 384 4.81 20.24 -38.02
CA THR C 384 5.59 19.49 -37.04
C THR C 384 6.28 20.37 -36.00
N TYR C 385 5.76 21.56 -35.78
CA TYR C 385 6.39 22.47 -34.82
C TYR C 385 6.21 21.97 -33.40
N GLY C 386 7.28 22.08 -32.61
CA GLY C 386 7.22 21.76 -31.20
C GLY C 386 7.05 20.28 -30.90
N ALA C 387 7.32 19.45 -31.89
CA ALA C 387 7.10 18.02 -31.75
C ALA C 387 8.28 17.37 -31.05
N ALA C 388 7.98 16.37 -30.23
CA ALA C 388 9.02 15.48 -29.74
C ALA C 388 9.16 14.36 -30.75
N PHE C 389 10.38 13.92 -31.00
CA PHE C 389 10.59 12.89 -32.01
C PHE C 389 11.06 11.57 -31.44
N PHE C 390 10.48 10.49 -31.95
CA PHE C 390 10.84 9.14 -31.55
C PHE C 390 11.27 8.37 -32.79
N THR C 391 12.00 7.28 -32.61
CA THR C 391 12.48 6.52 -33.74
C THR C 391 11.76 5.17 -33.83
N GLY C 392 11.44 4.75 -35.05
CA GLY C 392 10.74 3.49 -35.26
C GLY C 392 10.88 2.97 -36.67
N GLN C 393 10.12 1.94 -37.01
CA GLN C 393 10.16 1.34 -38.34
C GLN C 393 8.75 0.96 -38.81
N ILE C 394 8.52 1.03 -40.12
CA ILE C 394 7.28 0.51 -40.71
C ILE C 394 7.63 -0.54 -41.74
N PHE C 395 6.72 -1.48 -41.99
CA PHE C 395 7.01 -2.62 -42.87
C PHE C 395 6.19 -2.91 -44.15
N THR C 396 5.31 -2.04 -44.67
CA THR C 396 4.97 -0.71 -44.17
C THR C 396 3.68 -0.76 -43.35
N LYS C 404 10.27 -2.21 -47.97
CA LYS C 404 9.89 -3.34 -47.12
C LYS C 404 10.17 -3.00 -45.65
N VAL C 405 11.07 -2.06 -45.43
CA VAL C 405 11.42 -1.65 -44.08
C VAL C 405 11.91 -0.19 -44.06
N ILE C 406 11.00 0.71 -43.73
CA ILE C 406 11.31 2.13 -43.70
C ILE C 406 11.60 2.62 -42.29
N PRO C 407 12.81 3.14 -42.06
CA PRO C 407 13.10 3.76 -40.77
C PRO C 407 12.47 5.15 -40.71
N VAL C 408 11.69 5.43 -39.67
CA VAL C 408 10.94 6.67 -39.61
C VAL C 408 11.09 7.40 -38.28
N TYR C 409 11.14 8.73 -38.36
CA TYR C 409 10.99 9.55 -37.17
C TYR C 409 9.50 9.69 -36.89
N VAL C 410 9.11 9.48 -35.63
CA VAL C 410 7.72 9.64 -35.23
C VAL C 410 7.60 10.94 -34.44
N GLY C 411 6.93 11.92 -35.03
CA GLY C 411 6.75 13.20 -34.38
C GLY C 411 5.39 13.34 -33.72
N VAL C 412 5.40 13.79 -32.47
CA VAL C 412 4.15 14.04 -31.75
C VAL C 412 4.16 15.45 -31.16
N ASN C 413 3.18 16.26 -31.52
CA ASN C 413 3.05 17.60 -30.94
C ASN C 413 1.61 17.92 -30.62
N ILE C 414 1.36 19.16 -30.22
CA ILE C 414 0.01 19.59 -29.87
C ILE C 414 -0.96 19.60 -31.05
N LYS C 415 -0.45 19.33 -32.26
CA LYS C 415 -1.28 19.28 -33.45
C LYS C 415 -1.72 17.87 -33.80
N GLY C 416 -0.82 16.91 -33.64
CA GLY C 416 -1.15 15.53 -33.98
C GLY C 416 0.07 14.64 -34.15
N LEU C 417 -0.04 13.65 -35.01
CA LEU C 417 1.06 12.72 -35.25
C LEU C 417 1.67 12.93 -36.62
N HIS C 418 2.97 12.76 -36.72
CA HIS C 418 3.71 13.00 -37.96
C HIS C 418 4.84 12.01 -38.15
N LEU C 419 5.00 11.51 -39.37
CA LEU C 419 6.09 10.60 -39.69
C LEU C 419 7.08 11.20 -40.68
N LEU C 420 8.36 11.18 -40.31
CA LEU C 420 9.41 11.62 -41.22
C LEU C 420 10.26 10.45 -41.63
N ASN C 421 10.64 10.39 -42.90
CA ASN C 421 11.64 9.41 -43.32
C ASN C 421 12.96 9.76 -42.64
N MET C 422 13.54 8.77 -41.98
CA MET C 422 14.65 9.04 -41.08
C MET C 422 15.86 9.63 -41.81
N GLU C 423 16.12 9.15 -43.02
CA GLU C 423 17.26 9.62 -43.79
C GLU C 423 16.99 10.93 -44.53
N THR C 424 15.88 10.99 -45.24
CA THR C 424 15.55 12.14 -46.08
C THR C 424 14.83 13.26 -45.34
N LYS C 425 14.30 12.97 -44.16
CA LYS C 425 13.50 13.90 -43.36
C LYS C 425 12.22 14.29 -44.09
N ALA C 426 11.89 13.56 -45.15
CA ALA C 426 10.68 13.82 -45.93
C ALA C 426 9.44 13.52 -45.11
N LEU C 427 8.43 14.37 -45.24
CA LEU C 427 7.19 14.19 -44.50
C LEU C 427 6.34 13.12 -45.16
N LEU C 428 6.29 11.93 -44.56
CA LEU C 428 5.53 10.83 -45.13
C LEU C 428 4.04 10.94 -44.85
N ILE C 429 3.71 11.34 -43.62
CA ILE C 429 2.33 11.39 -43.15
C ILE C 429 2.18 12.43 -42.05
N SER C 430 1.13 13.23 -42.14
CA SER C 430 0.84 14.20 -41.08
C SER C 430 -0.65 14.16 -40.74
N LEU C 431 -0.96 13.86 -39.48
CA LEU C 431 -2.34 13.67 -39.07
C LEU C 431 -2.73 14.51 -37.86
N LYS C 432 -3.78 15.31 -38.02
CA LYS C 432 -4.30 16.14 -36.94
C LYS C 432 -5.08 15.28 -35.96
N TYR C 433 -5.12 15.69 -34.69
CA TYR C 433 -5.93 14.97 -33.70
C TYR C 433 -7.40 15.03 -34.11
N GLY C 434 -8.08 13.91 -33.99
CA GLY C 434 -9.47 13.80 -34.40
C GLY C 434 -9.61 13.13 -35.75
N CYS C 435 -8.49 13.04 -36.46
CA CYS C 435 -8.52 12.44 -37.79
C CYS C 435 -7.84 11.07 -37.80
N PHE C 436 -7.60 10.53 -36.61
CA PHE C 436 -7.03 9.19 -36.49
C PHE C 436 -7.16 8.64 -35.09
N MET C 437 -6.91 7.34 -34.95
CA MET C 437 -6.90 6.67 -33.65
C MET C 437 -5.64 5.83 -33.52
N TRP C 438 -5.23 5.59 -32.27
CA TRP C 438 -4.04 4.80 -32.01
C TRP C 438 -4.33 3.66 -31.05
N GLN C 439 -3.43 2.68 -31.02
CA GLN C 439 -3.60 1.52 -30.16
C GLN C 439 -2.27 0.81 -29.95
N LEU C 440 -1.88 0.63 -28.69
CA LEU C 440 -0.64 -0.04 -28.36
C LEU C 440 -0.73 -1.54 -28.65
N GLY C 441 0.41 -2.17 -28.90
CA GLY C 441 0.46 -3.59 -29.21
C GLY C 441 0.63 -4.49 -28.01
N ASP C 442 0.39 -5.78 -28.19
CA ASP C 442 0.51 -6.78 -27.12
C ASP C 442 1.81 -6.68 -26.34
N THR C 443 2.89 -6.36 -27.03
CA THR C 443 4.22 -6.43 -26.45
C THR C 443 4.75 -5.07 -26.01
N ASP C 444 4.03 -4.00 -26.34
CA ASP C 444 4.46 -2.63 -26.12
C ASP C 444 5.66 -2.30 -27.00
N THR C 445 5.84 -3.11 -28.04
CA THR C 445 6.97 -2.96 -28.94
C THR C 445 6.55 -2.35 -30.28
N CYS C 446 5.26 -2.06 -30.41
CA CYS C 446 4.73 -1.44 -31.61
C CYS C 446 3.41 -0.78 -31.32
N PHE C 447 2.94 0.06 -32.23
CA PHE C 447 1.61 0.65 -32.10
C PHE C 447 0.96 0.82 -33.46
N GLN C 448 -0.36 0.90 -33.48
CA GLN C 448 -1.11 0.95 -34.72
C GLN C 448 -1.87 2.28 -34.84
N ILE C 449 -2.02 2.76 -36.07
CA ILE C 449 -2.73 4.01 -36.33
C ILE C 449 -3.85 3.75 -37.33
N HIS C 450 -5.07 4.16 -37.00
CA HIS C 450 -6.19 4.03 -37.92
C HIS C 450 -6.58 5.41 -38.44
N SER C 451 -6.52 5.59 -39.76
CA SER C 451 -6.94 6.85 -40.37
C SER C 451 -8.44 6.86 -40.66
N MET C 452 -9.12 7.89 -40.19
CA MET C 452 -10.57 7.98 -40.32
C MET C 452 -11.02 8.34 -41.73
N GLU C 453 -10.13 8.88 -42.55
CA GLU C 453 -10.53 9.22 -43.91
C GLU C 453 -10.14 8.09 -44.85
N ASN C 454 -8.83 7.92 -45.06
CA ASN C 454 -8.33 6.87 -45.92
C ASN C 454 -8.36 5.52 -45.21
N LYS C 455 -8.34 4.44 -46.00
CA LYS C 455 -8.35 3.09 -45.43
C LYS C 455 -6.92 2.67 -45.07
N MET C 456 -6.05 3.66 -44.89
CA MET C 456 -4.69 3.38 -44.45
C MET C 456 -4.56 3.17 -42.95
N SER C 457 -4.20 1.94 -42.58
CA SER C 457 -3.81 1.60 -41.22
C SER C 457 -2.38 1.09 -41.32
N PHE C 458 -1.55 1.45 -40.35
CA PHE C 458 -0.15 1.00 -40.39
C PHE C 458 0.38 0.77 -38.98
N ILE C 459 1.46 0.00 -38.90
CA ILE C 459 2.04 -0.35 -37.62
C ILE C 459 3.47 0.14 -37.53
N VAL C 460 3.74 0.95 -36.52
CA VAL C 460 5.10 1.42 -36.30
C VAL C 460 5.77 0.55 -35.25
N HIS C 461 6.89 -0.06 -35.60
CA HIS C 461 7.62 -0.86 -34.63
C HIS C 461 8.69 -0.02 -33.96
N THR C 462 8.60 0.04 -32.63
CA THR C 462 9.51 0.85 -31.83
C THR C 462 9.34 0.49 -30.37
N LYS C 463 10.44 0.48 -29.63
CA LYS C 463 10.38 0.19 -28.20
C LYS C 463 10.06 1.47 -27.43
N GLN C 464 9.79 2.54 -28.17
CA GLN C 464 9.33 3.79 -27.58
C GLN C 464 7.82 3.90 -27.75
N ALA C 465 7.21 2.82 -28.21
CA ALA C 465 5.78 2.79 -28.48
C ALA C 465 4.95 3.24 -27.29
N GLY C 466 5.34 2.80 -26.10
CA GLY C 466 4.66 3.16 -24.88
C GLY C 466 4.67 4.66 -24.64
N LEU C 467 5.85 5.25 -24.79
CA LEU C 467 6.01 6.68 -24.60
C LEU C 467 5.20 7.49 -25.61
N VAL C 468 5.11 6.97 -26.83
CA VAL C 468 4.39 7.65 -27.91
C VAL C 468 2.90 7.68 -27.62
N VAL C 469 2.34 6.54 -27.27
CA VAL C 469 0.93 6.44 -26.98
C VAL C 469 0.56 7.30 -25.78
N LYS C 470 1.39 7.26 -24.74
CA LYS C 470 1.15 8.05 -23.54
C LYS C 470 1.07 9.54 -23.89
N LEU C 471 2.02 10.00 -24.70
CA LEU C 471 2.07 11.40 -25.10
C LEU C 471 0.88 11.80 -25.99
N LEU C 472 0.47 10.89 -26.87
CA LEU C 472 -0.66 11.14 -27.73
C LEU C 472 -1.92 11.43 -26.92
N MET C 473 -2.17 10.60 -25.90
CA MET C 473 -3.32 10.79 -25.03
C MET C 473 -3.28 12.13 -24.33
N LYS C 474 -2.11 12.48 -23.81
CA LYS C 474 -1.97 13.71 -23.03
C LYS C 474 -2.26 14.92 -23.91
N LEU C 475 -1.66 14.96 -25.09
CA LEU C 475 -1.81 16.10 -25.97
C LEU C 475 -3.18 16.14 -26.63
N ASN C 476 -3.77 14.97 -26.85
CA ASN C 476 -5.13 14.93 -27.37
C ASN C 476 -6.14 15.43 -26.34
N GLY C 477 -5.90 15.05 -25.09
CA GLY C 477 -6.77 15.44 -23.99
C GLY C 477 -6.74 16.93 -23.68
N GLN C 478 -5.70 17.62 -24.13
CA GLN C 478 -5.58 19.05 -23.88
C GLN C 478 -6.51 19.88 -24.76
N LEU C 479 -7.07 19.28 -25.79
CA LEU C 479 -8.01 19.98 -26.67
C LEU C 479 -9.36 19.27 -26.74
#